data_3ZUA
#
_entry.id   3ZUA
#
_cell.length_a   1.000
_cell.length_b   1.000
_cell.length_c   1.000
_cell.angle_alpha   90.00
_cell.angle_beta   90.00
_cell.angle_gamma   90.00
#
_symmetry.space_group_name_H-M   'P 1'
#
_entity_poly.entity_id   1
_entity_poly.type   'polypeptide(L)'
_entity_poly.pdbx_seq_one_letter_code
;GAMANSDSCHKIDYGLYALEILAQYHNVSVNPEEIKHRFDTDGTGLGLTSWLLAAKSLELKVKQVKKTIDRLNFISLPAL
VWREDGRHFILTKVSKEANRYLIFDLEQRNPRVLEQSEFEALYQGHIILIASRSSVAGKLAK
;
_entity_poly.pdbx_strand_id   A
#
# COMPACT_ATOMS: atom_id res chain seq x y z
N GLY A 1 -24.79 11.19 -1.50
CA GLY A 1 -26.15 11.72 -1.81
C GLY A 1 -26.87 10.91 -2.86
N ALA A 2 -27.99 11.43 -3.34
CA ALA A 2 -28.77 10.75 -4.36
C ALA A 2 -29.76 11.71 -5.03
N MET A 3 -29.27 12.51 -5.96
CA MET A 3 -30.11 13.47 -6.66
C MET A 3 -29.59 13.69 -8.08
N ALA A 4 -28.92 12.69 -8.64
CA ALA A 4 -28.38 12.79 -9.98
C ALA A 4 -27.25 13.82 -10.05
N ASN A 5 -26.37 13.79 -9.05
CA ASN A 5 -25.25 14.72 -9.01
C ASN A 5 -24.00 14.04 -8.46
N SER A 6 -24.17 13.26 -7.40
CA SER A 6 -23.05 12.55 -6.78
C SER A 6 -23.30 11.05 -6.76
N ASP A 7 -24.56 10.67 -6.55
CA ASP A 7 -24.94 9.26 -6.50
C ASP A 7 -24.34 8.57 -5.28
N SER A 8 -23.02 8.48 -5.23
CA SER A 8 -22.33 7.85 -4.11
C SER A 8 -21.03 8.57 -3.80
N CYS A 9 -20.86 8.96 -2.53
CA CYS A 9 -19.65 9.66 -2.11
C CYS A 9 -18.41 8.82 -2.36
N HIS A 10 -17.43 9.41 -3.04
CA HIS A 10 -16.19 8.70 -3.35
C HIS A 10 -15.40 8.41 -2.08
N LYS A 11 -15.92 7.49 -1.27
CA LYS A 11 -15.25 7.10 -0.03
C LYS A 11 -13.83 6.64 -0.30
N ILE A 12 -12.87 7.48 0.08
CA ILE A 12 -11.47 7.17 -0.11
C ILE A 12 -11.13 5.78 0.40
N ASP A 13 -10.23 5.11 -0.29
CA ASP A 13 -9.81 3.77 0.09
C ASP A 13 -8.30 3.69 0.18
N TYR A 14 -7.79 3.61 1.40
CA TYR A 14 -6.34 3.53 1.63
C TYR A 14 -5.72 2.45 0.77
N GLY A 15 -6.44 1.33 0.62
CA GLY A 15 -5.94 0.25 -0.18
C GLY A 15 -5.69 0.70 -1.60
N LEU A 16 -6.73 1.21 -2.24
CA LEU A 16 -6.62 1.69 -3.60
C LEU A 16 -5.57 2.78 -3.68
N TYR A 17 -5.60 3.67 -2.70
CA TYR A 17 -4.64 4.75 -2.63
C TYR A 17 -3.23 4.20 -2.59
N ALA A 18 -3.01 3.23 -1.72
CA ALA A 18 -1.72 2.59 -1.59
C ALA A 18 -1.30 2.02 -2.93
N LEU A 19 -2.28 1.46 -3.66
CA LEU A 19 -2.02 0.90 -4.97
C LEU A 19 -1.53 2.00 -5.89
N GLU A 20 -2.22 3.13 -5.82
CA GLU A 20 -1.86 4.30 -6.62
C GLU A 20 -0.44 4.73 -6.30
N ILE A 21 -0.19 4.91 -5.02
CA ILE A 21 1.12 5.32 -4.54
C ILE A 21 2.19 4.36 -5.00
N LEU A 22 1.90 3.07 -4.85
CA LEU A 22 2.83 2.04 -5.25
C LEU A 22 2.93 1.99 -6.77
N ALA A 23 1.79 2.16 -7.42
CA ALA A 23 1.76 2.16 -8.87
C ALA A 23 2.53 3.36 -9.40
N GLN A 24 2.33 4.49 -8.73
CA GLN A 24 3.02 5.72 -9.10
C GLN A 24 4.47 5.65 -8.65
N TYR A 25 4.70 4.93 -7.56
CA TYR A 25 6.03 4.76 -7.02
C TYR A 25 6.89 4.02 -8.03
N HIS A 26 6.24 3.12 -8.76
CA HIS A 26 6.90 2.34 -9.79
C HIS A 26 6.77 2.98 -11.16
N ASN A 27 6.01 4.07 -11.24
CA ASN A 27 5.79 4.78 -12.49
C ASN A 27 4.88 3.98 -13.40
N VAL A 28 4.01 3.20 -12.78
CA VAL A 28 3.07 2.36 -13.51
C VAL A 28 1.66 2.95 -13.42
N SER A 29 0.96 2.95 -14.55
CA SER A 29 -0.38 3.49 -14.62
C SER A 29 -1.28 2.90 -13.55
N VAL A 30 -2.33 3.63 -13.21
CA VAL A 30 -3.29 3.22 -12.21
C VAL A 30 -4.52 4.11 -12.23
N ASN A 31 -5.65 3.53 -12.60
CA ASN A 31 -6.89 4.28 -12.65
C ASN A 31 -7.83 3.83 -11.56
N PRO A 32 -7.71 4.42 -10.36
CA PRO A 32 -8.53 4.09 -9.21
C PRO A 32 -9.99 3.87 -9.59
N GLU A 33 -10.44 4.66 -10.55
CA GLU A 33 -11.81 4.55 -11.03
C GLU A 33 -12.02 3.19 -11.66
N GLU A 34 -11.08 2.80 -12.50
CA GLU A 34 -11.13 1.52 -13.18
C GLU A 34 -10.81 0.40 -12.21
N ILE A 35 -9.85 0.66 -11.32
CA ILE A 35 -9.46 -0.33 -10.33
C ILE A 35 -10.67 -0.73 -9.51
N LYS A 36 -11.36 0.27 -8.98
CA LYS A 36 -12.55 0.01 -8.19
C LYS A 36 -13.62 -0.63 -9.05
N HIS A 37 -13.60 -0.28 -10.32
CA HIS A 37 -14.57 -0.80 -11.28
C HIS A 37 -14.30 -2.28 -11.56
N ARG A 38 -13.04 -2.67 -11.42
CA ARG A 38 -12.64 -4.04 -11.69
C ARG A 38 -12.47 -4.86 -10.42
N PHE A 39 -12.01 -4.22 -9.35
CA PHE A 39 -11.74 -4.92 -8.11
C PHE A 39 -12.63 -4.46 -6.95
N ASP A 40 -12.98 -3.18 -6.92
CA ASP A 40 -13.83 -2.67 -5.85
C ASP A 40 -15.27 -2.59 -6.33
N THR A 41 -15.64 -3.53 -7.19
CA THR A 41 -16.99 -3.60 -7.72
C THR A 41 -18.02 -3.54 -6.61
N ASP A 42 -17.61 -3.97 -5.42
CA ASP A 42 -18.49 -3.96 -4.26
C ASP A 42 -18.62 -2.55 -3.70
N GLY A 43 -17.64 -1.70 -4.00
CA GLY A 43 -17.65 -0.34 -3.52
C GLY A 43 -17.40 -0.25 -2.03
N THR A 44 -16.79 -1.29 -1.48
CA THR A 44 -16.49 -1.33 -0.06
C THR A 44 -14.99 -1.36 0.21
N GLY A 45 -14.20 -1.06 -0.82
CA GLY A 45 -12.76 -1.07 -0.67
C GLY A 45 -12.12 -2.27 -1.35
N LEU A 46 -10.87 -2.11 -1.77
CA LEU A 46 -10.16 -3.18 -2.45
C LEU A 46 -9.82 -4.31 -1.49
N GLY A 47 -10.21 -5.52 -1.86
CA GLY A 47 -9.91 -6.67 -1.04
C GLY A 47 -8.46 -7.06 -1.16
N LEU A 48 -8.00 -7.95 -0.29
CA LEU A 48 -6.61 -8.38 -0.35
C LEU A 48 -6.30 -8.99 -1.72
N THR A 49 -7.12 -9.97 -2.11
CA THR A 49 -6.93 -10.64 -3.39
C THR A 49 -7.30 -9.72 -4.55
N SER A 50 -8.31 -8.89 -4.34
CA SER A 50 -8.76 -7.96 -5.36
C SER A 50 -7.74 -6.86 -5.56
N TRP A 51 -7.08 -6.49 -4.46
CA TRP A 51 -6.07 -5.46 -4.49
C TRP A 51 -4.82 -5.97 -5.19
N LEU A 52 -4.42 -7.19 -4.84
CA LEU A 52 -3.25 -7.82 -5.44
C LEU A 52 -3.42 -7.89 -6.95
N LEU A 53 -4.62 -8.31 -7.37
CA LEU A 53 -4.93 -8.42 -8.78
C LEU A 53 -5.01 -7.04 -9.42
N ALA A 54 -5.31 -6.04 -8.60
CA ALA A 54 -5.43 -4.67 -9.07
C ALA A 54 -4.07 -4.16 -9.56
N ALA A 55 -3.03 -4.53 -8.84
CA ALA A 55 -1.67 -4.13 -9.20
C ALA A 55 -1.19 -4.92 -10.40
N LYS A 56 -1.54 -6.19 -10.42
CA LYS A 56 -1.16 -7.07 -11.52
C LYS A 56 -1.77 -6.59 -12.83
N SER A 57 -3.02 -6.15 -12.75
CA SER A 57 -3.72 -5.65 -13.92
C SER A 57 -3.02 -4.40 -14.47
N LEU A 58 -2.24 -3.75 -13.62
CA LEU A 58 -1.50 -2.55 -14.01
C LEU A 58 -0.13 -2.91 -14.54
N GLU A 59 0.08 -4.18 -14.86
CA GLU A 59 1.38 -4.63 -15.34
C GLU A 59 2.42 -4.46 -14.24
N LEU A 60 1.95 -4.33 -13.00
CA LEU A 60 2.81 -4.16 -11.84
C LEU A 60 2.86 -5.45 -11.03
N LYS A 61 4.07 -5.84 -10.63
CA LYS A 61 4.24 -7.06 -9.86
C LYS A 61 3.92 -6.84 -8.38
N VAL A 62 3.12 -7.74 -7.82
CA VAL A 62 2.74 -7.66 -6.42
C VAL A 62 2.51 -9.05 -5.85
N LYS A 63 2.60 -9.18 -4.54
CA LYS A 63 2.40 -10.48 -3.90
C LYS A 63 2.33 -10.35 -2.38
N GLN A 64 1.21 -10.77 -1.82
CA GLN A 64 1.02 -10.73 -0.38
C GLN A 64 1.62 -11.97 0.28
N VAL A 65 2.44 -11.74 1.29
CA VAL A 65 3.09 -12.84 1.99
C VAL A 65 3.21 -12.55 3.48
N LYS A 66 3.17 -13.60 4.29
CA LYS A 66 3.28 -13.45 5.73
C LYS A 66 4.74 -13.36 6.13
N LYS A 67 5.15 -12.16 6.53
CA LYS A 67 6.53 -11.93 6.93
C LYS A 67 6.60 -11.36 8.34
N THR A 68 7.78 -11.41 8.92
CA THR A 68 7.98 -10.89 10.27
C THR A 68 8.63 -9.51 10.21
N ILE A 69 8.31 -8.67 11.18
CA ILE A 69 8.86 -7.32 11.23
C ILE A 69 10.37 -7.31 10.96
N ASP A 70 11.06 -8.28 11.52
CA ASP A 70 12.51 -8.38 11.36
C ASP A 70 12.88 -8.65 9.91
N ARG A 71 11.92 -9.11 9.11
CA ARG A 71 12.16 -9.40 7.71
C ARG A 71 11.84 -8.18 6.83
N LEU A 72 10.94 -7.34 7.33
CA LEU A 72 10.54 -6.14 6.59
C LEU A 72 11.74 -5.31 6.21
N ASN A 73 12.84 -5.49 6.95
CA ASN A 73 14.07 -4.76 6.66
C ASN A 73 14.77 -5.35 5.44
N PHE A 74 14.33 -6.52 4.99
CA PHE A 74 14.95 -7.18 3.84
C PHE A 74 13.94 -7.41 2.71
N ILE A 75 12.66 -7.15 2.97
CA ILE A 75 11.64 -7.34 1.94
C ILE A 75 11.71 -6.24 0.90
N SER A 76 10.92 -6.39 -0.15
CA SER A 76 10.89 -5.42 -1.23
C SER A 76 10.19 -4.14 -0.79
N LEU A 77 10.97 -3.17 -0.33
CA LEU A 77 10.43 -1.89 0.10
C LEU A 77 10.37 -0.91 -1.07
N PRO A 78 9.38 0.00 -1.10
CA PRO A 78 8.36 0.11 -0.05
C PRO A 78 7.33 -1.01 -0.13
N ALA A 79 7.00 -1.57 1.02
CA ALA A 79 6.02 -2.65 1.08
C ALA A 79 4.69 -2.16 1.65
N LEU A 80 3.61 -2.85 1.30
CA LEU A 80 2.29 -2.48 1.78
C LEU A 80 1.80 -3.44 2.85
N VAL A 81 1.71 -2.94 4.08
CA VAL A 81 1.25 -3.76 5.19
C VAL A 81 -0.27 -3.86 5.18
N TRP A 82 -0.78 -4.93 4.59
CA TRP A 82 -2.21 -5.13 4.51
C TRP A 82 -2.85 -5.15 5.90
N ARG A 83 -3.92 -4.39 6.05
CA ARG A 83 -4.64 -4.32 7.31
C ARG A 83 -6.09 -4.75 7.13
N GLU A 84 -6.45 -5.84 7.78
CA GLU A 84 -7.80 -6.38 7.71
C GLU A 84 -8.84 -5.31 8.04
N ASP A 85 -8.42 -4.30 8.77
CA ASP A 85 -9.32 -3.21 9.16
C ASP A 85 -9.36 -2.13 8.08
N GLY A 86 -8.56 -2.29 7.02
CA GLY A 86 -8.55 -1.31 5.94
C GLY A 86 -7.57 -0.19 6.18
N ARG A 87 -7.09 -0.06 7.41
CA ARG A 87 -6.15 1.00 7.76
C ARG A 87 -4.73 0.57 7.41
N HIS A 88 -4.50 0.31 6.13
CA HIS A 88 -3.18 -0.12 5.68
C HIS A 88 -2.23 1.06 5.59
N PHE A 89 -0.97 0.76 5.32
CA PHE A 89 0.05 1.79 5.17
C PHE A 89 1.26 1.21 4.47
N ILE A 90 1.99 2.06 3.75
CA ILE A 90 3.15 1.62 2.98
C ILE A 90 4.45 1.79 3.76
N LEU A 91 5.11 0.68 4.04
CA LEU A 91 6.38 0.69 4.74
C LEU A 91 7.48 1.05 3.76
N THR A 92 8.27 2.07 4.09
CA THR A 92 9.34 2.53 3.21
C THR A 92 10.71 2.32 3.83
N LYS A 93 10.75 2.16 5.14
CA LYS A 93 12.03 1.95 5.82
C LYS A 93 11.80 1.57 7.28
N VAL A 94 12.80 0.92 7.86
CA VAL A 94 12.72 0.49 9.25
C VAL A 94 14.02 0.81 10.00
N SER A 95 13.90 1.59 11.06
CA SER A 95 15.05 1.96 11.87
C SER A 95 15.21 1.01 13.04
N LYS A 96 15.62 -0.21 12.76
CA LYS A 96 15.80 -1.22 13.80
C LYS A 96 16.68 -0.68 14.92
N GLU A 97 17.58 0.23 14.58
CA GLU A 97 18.47 0.82 15.55
C GLU A 97 17.68 1.55 16.62
N ALA A 98 16.55 2.13 16.20
CA ALA A 98 15.68 2.86 17.11
C ALA A 98 14.32 2.16 17.26
N ASN A 99 14.14 1.06 16.54
CA ASN A 99 12.90 0.31 16.58
C ASN A 99 11.77 1.07 15.91
N ARG A 100 12.13 2.06 15.08
CA ARG A 100 11.13 2.86 14.38
C ARG A 100 10.84 2.29 13.00
N TYR A 101 9.78 2.77 12.38
CA TYR A 101 9.38 2.31 11.06
C TYR A 101 8.82 3.44 10.22
N LEU A 102 9.40 3.64 9.04
CA LEU A 102 8.95 4.70 8.14
C LEU A 102 7.85 4.18 7.23
N ILE A 103 6.64 4.68 7.44
CA ILE A 103 5.51 4.27 6.63
C ILE A 103 4.84 5.46 5.95
N PHE A 104 4.07 5.19 4.92
CA PHE A 104 3.36 6.26 4.23
C PHE A 104 1.89 6.23 4.59
N ASP A 105 1.45 7.25 5.32
CA ASP A 105 0.06 7.34 5.74
C ASP A 105 -0.86 7.59 4.56
N LEU A 106 -1.74 6.63 4.29
CA LEU A 106 -2.68 6.72 3.19
C LEU A 106 -3.82 7.70 3.49
N GLU A 107 -3.87 8.21 4.72
CA GLU A 107 -4.92 9.15 5.12
C GLU A 107 -4.47 10.58 4.88
N GLN A 108 -3.24 10.87 5.32
CA GLN A 108 -2.67 12.19 5.18
C GLN A 108 -1.86 12.33 3.89
N ARG A 109 -1.57 11.19 3.26
CA ARG A 109 -0.81 11.19 2.02
C ARG A 109 0.62 11.64 2.30
N ASN A 110 1.09 11.40 3.51
CA ASN A 110 2.43 11.79 3.90
C ASN A 110 3.14 10.65 4.64
N PRO A 111 4.48 10.65 4.61
CA PRO A 111 5.28 9.63 5.30
C PRO A 111 5.26 9.82 6.80
N ARG A 112 5.57 8.75 7.52
CA ARG A 112 5.58 8.79 8.97
C ARG A 112 6.53 7.75 9.54
N VAL A 113 7.04 8.02 10.74
CA VAL A 113 7.96 7.11 11.41
C VAL A 113 7.35 6.59 12.70
N LEU A 114 6.86 5.36 12.67
CA LEU A 114 6.24 4.75 13.84
C LEU A 114 7.26 4.03 14.69
N GLU A 115 6.89 3.76 15.94
CA GLU A 115 7.76 3.04 16.85
C GLU A 115 7.39 1.57 16.82
N GLN A 116 8.33 0.70 17.16
CA GLN A 116 8.07 -0.73 17.13
C GLN A 116 6.76 -1.06 17.84
N SER A 117 6.57 -0.51 19.02
CA SER A 117 5.35 -0.75 19.77
C SER A 117 4.15 -0.33 18.93
N GLU A 118 4.31 0.74 18.17
CA GLU A 118 3.25 1.25 17.30
C GLU A 118 3.10 0.37 16.08
N PHE A 119 4.20 0.14 15.38
CA PHE A 119 4.19 -0.69 14.19
C PHE A 119 3.75 -2.10 14.54
N GLU A 120 4.18 -2.58 15.70
CA GLU A 120 3.81 -3.90 16.17
C GLU A 120 2.34 -3.93 16.51
N ALA A 121 1.86 -2.80 17.01
CA ALA A 121 0.47 -2.64 17.39
C ALA A 121 -0.43 -2.55 16.16
N LEU A 122 0.18 -2.30 15.00
CA LEU A 122 -0.56 -2.17 13.75
C LEU A 122 -0.29 -3.35 12.83
N TYR A 123 0.96 -3.80 12.82
CA TYR A 123 1.36 -4.92 11.96
C TYR A 123 0.60 -6.19 12.34
N GLN A 124 0.27 -7.00 11.33
CA GLN A 124 -0.44 -8.24 11.56
C GLN A 124 0.40 -9.44 11.12
N GLY A 125 1.40 -9.20 10.30
CA GLY A 125 2.25 -10.28 9.82
C GLY A 125 2.16 -10.48 8.32
N HIS A 126 1.08 -9.97 7.72
CA HIS A 126 0.89 -10.09 6.29
C HIS A 126 1.20 -8.78 5.59
N ILE A 127 2.16 -8.82 4.68
CA ILE A 127 2.56 -7.63 3.94
C ILE A 127 2.56 -7.90 2.44
N ILE A 128 2.28 -6.85 1.67
CA ILE A 128 2.24 -6.98 0.22
C ILE A 128 3.47 -6.36 -0.43
N LEU A 129 4.27 -7.21 -1.05
CA LEU A 129 5.48 -6.75 -1.73
C LEU A 129 5.17 -6.40 -3.18
N ILE A 130 5.60 -5.22 -3.61
CA ILE A 130 5.36 -4.78 -4.97
C ILE A 130 6.67 -4.66 -5.75
N ALA A 131 6.57 -4.86 -7.04
CA ALA A 131 7.71 -4.78 -7.93
C ALA A 131 7.25 -4.40 -9.33
N SER A 132 8.11 -3.73 -10.06
CA SER A 132 7.77 -3.31 -11.42
C SER A 132 8.79 -3.80 -12.44
N ARG A 133 8.32 -4.06 -13.65
CA ARG A 133 9.17 -4.54 -14.72
C ARG A 133 10.48 -3.73 -14.79
N SER A 134 10.37 -2.43 -14.60
CA SER A 134 11.53 -1.55 -14.64
C SER A 134 12.18 -1.42 -13.27
N SER A 135 11.38 -1.61 -12.23
CA SER A 135 11.86 -1.51 -10.86
C SER A 135 11.56 -2.79 -10.08
N VAL A 136 12.51 -3.73 -10.11
CA VAL A 136 12.36 -4.99 -9.41
C VAL A 136 13.32 -5.07 -8.24
N ALA A 137 13.71 -3.93 -7.71
CA ALA A 137 14.64 -3.86 -6.59
C ALA A 137 13.97 -3.25 -5.36
N GLY A 138 13.14 -2.24 -5.60
CA GLY A 138 12.46 -1.57 -4.51
C GLY A 138 13.21 -0.36 -4.01
N LYS A 139 14.52 -0.50 -3.83
CA LYS A 139 15.34 0.60 -3.36
C LYS A 139 15.54 1.64 -4.45
N LEU A 140 14.51 2.45 -4.67
CA LEU A 140 14.55 3.49 -5.69
C LEU A 140 15.08 4.80 -5.10
N ALA A 141 14.92 4.96 -3.79
CA ALA A 141 15.38 6.16 -3.11
C ALA A 141 16.74 5.93 -2.44
N LYS A 142 17.73 5.57 -3.26
CA LYS A 142 19.07 5.32 -2.75
C LYS A 142 19.57 6.49 -1.92
N GLY A 1 -10.27 15.02 12.44
CA GLY A 1 -10.72 15.47 11.09
C GLY A 1 -11.68 14.49 10.45
N ALA A 2 -12.01 14.72 9.18
CA ALA A 2 -12.91 13.85 8.45
C ALA A 2 -14.31 13.87 9.07
N MET A 3 -15.22 13.11 8.49
CA MET A 3 -16.59 13.04 9.00
C MET A 3 -17.19 11.65 8.78
N ALA A 4 -16.90 10.74 9.69
CA ALA A 4 -17.40 9.38 9.60
C ALA A 4 -18.83 9.27 10.12
N ASN A 5 -19.73 10.03 9.50
CA ASN A 5 -21.14 10.03 9.89
C ASN A 5 -22.04 10.29 8.69
N SER A 6 -21.66 11.27 7.87
CA SER A 6 -22.43 11.63 6.69
C SER A 6 -21.54 11.68 5.45
N ASP A 7 -20.51 10.84 5.43
CA ASP A 7 -19.58 10.79 4.32
C ASP A 7 -19.07 12.18 3.95
N SER A 8 -18.20 12.24 2.94
CA SER A 8 -17.65 13.52 2.50
C SER A 8 -17.44 13.53 0.99
N CYS A 9 -18.43 13.00 0.26
CA CYS A 9 -18.35 12.94 -1.20
C CYS A 9 -17.18 12.08 -1.65
N HIS A 10 -17.49 11.04 -2.43
CA HIS A 10 -16.46 10.13 -2.93
C HIS A 10 -15.56 9.65 -1.80
N LYS A 11 -15.93 8.52 -1.21
CA LYS A 11 -15.16 7.94 -0.12
C LYS A 11 -13.74 7.63 -0.58
N ILE A 12 -12.86 7.37 0.38
CA ILE A 12 -11.48 7.07 0.08
C ILE A 12 -11.11 5.66 0.53
N ASP A 13 -10.20 5.04 -0.21
CA ASP A 13 -9.75 3.69 0.09
C ASP A 13 -8.22 3.65 0.14
N TYR A 14 -7.68 3.60 1.35
CA TYR A 14 -6.24 3.55 1.54
C TYR A 14 -5.62 2.47 0.68
N GLY A 15 -6.34 1.38 0.50
CA GLY A 15 -5.83 0.30 -0.31
C GLY A 15 -5.61 0.76 -1.74
N LEU A 16 -6.68 1.24 -2.36
CA LEU A 16 -6.61 1.72 -3.72
C LEU A 16 -5.57 2.84 -3.81
N TYR A 17 -5.54 3.66 -2.77
CA TYR A 17 -4.59 4.75 -2.71
C TYR A 17 -3.17 4.21 -2.67
N ALA A 18 -2.94 3.27 -1.77
CA ALA A 18 -1.63 2.64 -1.65
C ALA A 18 -1.21 2.07 -2.99
N LEU A 19 -2.20 1.54 -3.71
CA LEU A 19 -1.95 0.98 -5.03
C LEU A 19 -1.46 2.07 -5.96
N GLU A 20 -2.12 3.22 -5.87
CA GLU A 20 -1.76 4.38 -6.69
C GLU A 20 -0.33 4.81 -6.36
N ILE A 21 -0.07 4.96 -5.07
CA ILE A 21 1.23 5.37 -4.59
C ILE A 21 2.30 4.40 -5.06
N LEU A 22 2.03 3.12 -4.88
CA LEU A 22 2.96 2.09 -5.30
C LEU A 22 3.03 2.03 -6.81
N ALA A 23 1.87 2.18 -7.44
CA ALA A 23 1.79 2.16 -8.89
C ALA A 23 2.57 3.34 -9.45
N GLN A 24 2.39 4.49 -8.83
CA GLN A 24 3.07 5.70 -9.24
C GLN A 24 4.52 5.66 -8.78
N TYR A 25 4.75 4.96 -7.67
CA TYR A 25 6.08 4.82 -7.13
C TYR A 25 6.93 4.02 -8.10
N HIS A 26 6.28 3.08 -8.77
CA HIS A 26 6.94 2.24 -9.75
C HIS A 26 6.81 2.83 -11.16
N ASN A 27 6.10 3.96 -11.27
CA ASN A 27 5.91 4.63 -12.56
C ASN A 27 4.96 3.84 -13.44
N VAL A 28 4.07 3.08 -12.81
CA VAL A 28 3.09 2.29 -13.54
C VAL A 28 1.71 2.93 -13.45
N SER A 29 0.94 2.80 -14.51
CA SER A 29 -0.40 3.37 -14.57
C SER A 29 -1.28 2.82 -13.47
N VAL A 30 -2.38 3.52 -13.22
CA VAL A 30 -3.34 3.12 -12.20
C VAL A 30 -4.57 4.02 -12.23
N ASN A 31 -5.70 3.43 -12.61
CA ASN A 31 -6.94 4.18 -12.68
C ASN A 31 -7.88 3.72 -11.57
N PRO A 32 -7.76 4.34 -10.38
CA PRO A 32 -8.59 4.01 -9.23
C PRO A 32 -10.04 3.80 -9.61
N GLU A 33 -10.48 4.53 -10.62
CA GLU A 33 -11.85 4.43 -11.09
C GLU A 33 -12.07 3.07 -11.73
N GLU A 34 -11.12 2.67 -12.55
CA GLU A 34 -11.18 1.38 -13.24
C GLU A 34 -10.89 0.26 -12.25
N ILE A 35 -9.93 0.49 -11.38
CA ILE A 35 -9.56 -0.51 -10.38
C ILE A 35 -10.78 -0.90 -9.57
N LYS A 36 -11.46 0.11 -9.04
CA LYS A 36 -12.64 -0.12 -8.26
C LYS A 36 -13.73 -0.74 -9.12
N HIS A 37 -13.71 -0.36 -10.38
CA HIS A 37 -14.69 -0.86 -11.34
C HIS A 37 -14.51 -2.36 -11.57
N ARG A 38 -13.27 -2.80 -11.41
CA ARG A 38 -12.94 -4.20 -11.63
C ARG A 38 -12.81 -4.99 -10.33
N PHE A 39 -12.32 -4.33 -9.28
CA PHE A 39 -12.10 -5.02 -8.02
C PHE A 39 -12.95 -4.47 -6.88
N ASP A 40 -13.26 -3.19 -6.91
CA ASP A 40 -14.07 -2.59 -5.84
C ASP A 40 -15.50 -2.38 -6.32
N THR A 41 -15.97 -3.29 -7.14
CA THR A 41 -17.32 -3.23 -7.68
C THR A 41 -18.34 -3.03 -6.56
N ASP A 42 -17.97 -3.44 -5.36
CA ASP A 42 -18.84 -3.30 -4.20
C ASP A 42 -18.75 -1.89 -3.63
N GLY A 43 -17.63 -1.22 -3.88
CA GLY A 43 -17.43 0.13 -3.40
C GLY A 43 -17.17 0.17 -1.91
N THR A 44 -16.60 -0.92 -1.38
CA THR A 44 -16.30 -1.00 0.04
C THR A 44 -14.81 -1.10 0.30
N GLY A 45 -14.01 -0.86 -0.73
CA GLY A 45 -12.56 -0.93 -0.58
C GLY A 45 -11.98 -2.17 -1.24
N LEU A 46 -10.76 -2.05 -1.74
CA LEU A 46 -10.10 -3.16 -2.40
C LEU A 46 -9.74 -4.26 -1.42
N GLY A 47 -10.12 -5.49 -1.76
CA GLY A 47 -9.80 -6.61 -0.91
C GLY A 47 -8.35 -7.01 -1.05
N LEU A 48 -7.90 -7.95 -0.24
CA LEU A 48 -6.52 -8.39 -0.31
C LEU A 48 -6.21 -8.93 -1.70
N THR A 49 -6.99 -9.93 -2.11
CA THR A 49 -6.80 -10.55 -3.42
C THR A 49 -7.24 -9.59 -4.52
N SER A 50 -8.26 -8.79 -4.22
CA SER A 50 -8.77 -7.83 -5.18
C SER A 50 -7.77 -6.71 -5.40
N TRP A 51 -7.06 -6.38 -4.33
CA TRP A 51 -6.06 -5.33 -4.38
C TRP A 51 -4.82 -5.83 -5.13
N LEU A 52 -4.42 -7.05 -4.81
CA LEU A 52 -3.26 -7.65 -5.46
C LEU A 52 -3.47 -7.74 -6.96
N LEU A 53 -4.68 -8.15 -7.33
CA LEU A 53 -5.04 -8.27 -8.74
C LEU A 53 -5.12 -6.89 -9.39
N ALA A 54 -5.45 -5.89 -8.58
CA ALA A 54 -5.55 -4.53 -9.06
C ALA A 54 -4.20 -4.03 -9.53
N ALA A 55 -3.15 -4.46 -8.83
CA ALA A 55 -1.78 -4.07 -9.18
C ALA A 55 -1.31 -4.82 -10.40
N LYS A 56 -1.61 -6.11 -10.45
CA LYS A 56 -1.22 -6.95 -11.57
C LYS A 56 -1.83 -6.42 -12.86
N SER A 57 -3.09 -6.02 -12.79
CA SER A 57 -3.79 -5.49 -13.95
C SER A 57 -3.02 -4.31 -14.52
N LEU A 58 -2.25 -3.64 -13.66
CA LEU A 58 -1.45 -2.50 -14.07
C LEU A 58 -0.07 -2.95 -14.54
N GLU A 59 0.09 -4.25 -14.79
CA GLU A 59 1.37 -4.77 -15.21
C GLU A 59 2.41 -4.59 -14.09
N LEU A 60 1.91 -4.38 -12.87
CA LEU A 60 2.75 -4.17 -11.70
C LEU A 60 2.82 -5.45 -10.87
N LYS A 61 4.02 -5.86 -10.49
CA LYS A 61 4.21 -7.07 -9.71
C LYS A 61 3.87 -6.82 -8.24
N VAL A 62 3.04 -7.68 -7.69
CA VAL A 62 2.64 -7.58 -6.29
C VAL A 62 2.40 -8.97 -5.70
N LYS A 63 2.55 -9.09 -4.39
CA LYS A 63 2.36 -10.36 -3.72
C LYS A 63 2.28 -10.22 -2.21
N GLN A 64 1.26 -10.82 -1.62
CA GLN A 64 1.08 -10.78 -0.18
C GLN A 64 1.71 -12.01 0.46
N VAL A 65 2.55 -11.78 1.46
CA VAL A 65 3.22 -12.88 2.15
C VAL A 65 3.33 -12.62 3.64
N LYS A 66 3.25 -13.69 4.42
CA LYS A 66 3.35 -13.57 5.87
C LYS A 66 4.81 -13.53 6.29
N LYS A 67 5.25 -12.35 6.71
CA LYS A 67 6.63 -12.16 7.12
C LYS A 67 6.71 -11.52 8.49
N THR A 68 7.87 -11.66 9.14
CA THR A 68 8.07 -11.08 10.45
C THR A 68 8.61 -9.66 10.32
N ILE A 69 8.26 -8.80 11.25
CA ILE A 69 8.70 -7.41 11.22
C ILE A 69 10.19 -7.31 10.91
N ASP A 70 10.97 -8.23 11.47
CA ASP A 70 12.40 -8.24 11.28
C ASP A 70 12.78 -8.53 9.82
N ARG A 71 11.85 -9.12 9.08
CA ARG A 71 12.09 -9.44 7.68
C ARG A 71 11.84 -8.22 6.80
N LEU A 72 10.93 -7.36 7.26
CA LEU A 72 10.59 -6.14 6.52
C LEU A 72 11.84 -5.34 6.19
N ASN A 73 12.90 -5.55 6.94
CA ASN A 73 14.16 -4.85 6.70
C ASN A 73 14.86 -5.40 5.45
N PHE A 74 14.40 -6.55 4.95
CA PHE A 74 15.01 -7.17 3.78
C PHE A 74 14.01 -7.35 2.64
N ILE A 75 12.73 -7.08 2.90
CA ILE A 75 11.70 -7.24 1.87
C ILE A 75 11.78 -6.12 0.85
N SER A 76 10.99 -6.24 -0.21
CA SER A 76 10.97 -5.24 -1.27
C SER A 76 10.24 -3.98 -0.82
N LEU A 77 11.01 -3.01 -0.34
CA LEU A 77 10.44 -1.74 0.11
C LEU A 77 10.43 -0.74 -1.06
N PRO A 78 9.43 0.17 -1.09
CA PRO A 78 8.37 0.25 -0.08
C PRO A 78 7.35 -0.88 -0.22
N ALA A 79 6.97 -1.44 0.91
CA ALA A 79 6.00 -2.54 0.93
C ALA A 79 4.68 -2.07 1.51
N LEU A 80 3.61 -2.80 1.21
CA LEU A 80 2.28 -2.46 1.71
C LEU A 80 1.84 -3.42 2.80
N VAL A 81 1.72 -2.91 4.01
CA VAL A 81 1.28 -3.73 5.14
C VAL A 81 -0.24 -3.82 5.17
N TRP A 82 -0.77 -4.91 4.64
CA TRP A 82 -2.21 -5.11 4.61
C TRP A 82 -2.81 -5.07 6.00
N ARG A 83 -3.89 -4.30 6.14
CA ARG A 83 -4.58 -4.17 7.42
C ARG A 83 -6.05 -4.54 7.29
N GLU A 84 -6.43 -5.60 7.98
CA GLU A 84 -7.80 -6.09 7.96
C GLU A 84 -8.75 -5.02 8.49
N ASP A 85 -8.22 -4.07 9.25
CA ASP A 85 -9.03 -2.99 9.81
C ASP A 85 -9.30 -1.89 8.78
N GLY A 86 -8.80 -2.09 7.56
CA GLY A 86 -9.01 -1.09 6.52
C GLY A 86 -8.16 0.14 6.72
N ARG A 87 -7.05 -0.03 7.46
CA ARG A 87 -6.13 1.07 7.73
C ARG A 87 -4.72 0.65 7.39
N HIS A 88 -4.47 0.41 6.11
CA HIS A 88 -3.15 -0.02 5.66
C HIS A 88 -2.20 1.16 5.55
N PHE A 89 -0.93 0.85 5.33
CA PHE A 89 0.10 1.86 5.18
C PHE A 89 1.30 1.28 4.44
N ILE A 90 2.03 2.13 3.73
CA ILE A 90 3.17 1.69 2.96
C ILE A 90 4.48 1.84 3.73
N LEU A 91 5.10 0.70 4.03
CA LEU A 91 6.37 0.70 4.75
C LEU A 91 7.50 1.04 3.79
N THR A 92 8.26 2.08 4.10
CA THR A 92 9.34 2.51 3.24
C THR A 92 10.70 2.25 3.87
N LYS A 93 10.73 2.11 5.19
CA LYS A 93 11.98 1.87 5.89
C LYS A 93 11.73 1.49 7.35
N VAL A 94 12.69 0.79 7.93
CA VAL A 94 12.59 0.38 9.32
C VAL A 94 13.88 0.70 10.09
N SER A 95 13.79 1.66 11.00
CA SER A 95 14.95 2.04 11.79
C SER A 95 15.21 1.04 12.90
N LYS A 96 15.69 -0.14 12.52
CA LYS A 96 15.98 -1.20 13.47
C LYS A 96 16.86 -0.69 14.61
N GLU A 97 17.62 0.37 14.32
CA GLU A 97 18.50 0.96 15.31
C GLU A 97 17.69 1.59 16.44
N ALA A 98 16.50 2.05 16.10
CA ALA A 98 15.61 2.68 17.06
C ALA A 98 14.28 1.93 17.18
N ASN A 99 14.11 0.87 16.39
CA ASN A 99 12.89 0.08 16.42
C ASN A 99 11.74 0.85 15.78
N ARG A 100 12.07 1.88 15.00
CA ARG A 100 11.05 2.69 14.35
C ARG A 100 10.78 2.18 12.94
N TYR A 101 9.71 2.69 12.33
CA TYR A 101 9.33 2.28 10.99
C TYR A 101 8.79 3.44 10.19
N LEU A 102 9.37 3.66 9.01
CA LEU A 102 8.94 4.74 8.14
C LEU A 102 7.83 4.26 7.21
N ILE A 103 6.62 4.74 7.43
CA ILE A 103 5.50 4.34 6.62
C ILE A 103 4.84 5.55 5.96
N PHE A 104 4.07 5.29 4.91
CA PHE A 104 3.39 6.36 4.22
C PHE A 104 1.90 6.31 4.57
N ASP A 105 1.44 7.34 5.28
CA ASP A 105 0.05 7.41 5.69
C ASP A 105 -0.88 7.63 4.50
N LEU A 106 -1.71 6.64 4.22
CA LEU A 106 -2.65 6.71 3.10
C LEU A 106 -3.83 7.63 3.42
N GLU A 107 -3.88 8.14 4.65
CA GLU A 107 -4.97 9.03 5.06
C GLU A 107 -4.57 10.48 4.82
N GLN A 108 -3.35 10.82 5.21
CA GLN A 108 -2.84 12.17 5.05
C GLN A 108 -2.00 12.31 3.79
N ARG A 109 -1.62 11.17 3.20
CA ARG A 109 -0.81 11.18 1.99
C ARG A 109 0.60 11.66 2.31
N ASN A 110 1.02 11.45 3.55
CA ASN A 110 2.34 11.87 3.99
C ASN A 110 3.07 10.74 4.72
N PRO A 111 4.41 10.77 4.71
CA PRO A 111 5.23 9.76 5.38
C PRO A 111 5.17 9.88 6.89
N ARG A 112 5.55 8.83 7.58
CA ARG A 112 5.53 8.81 9.04
C ARG A 112 6.49 7.77 9.59
N VAL A 113 7.00 8.02 10.78
CA VAL A 113 7.93 7.11 11.43
C VAL A 113 7.32 6.55 12.71
N LEU A 114 6.86 5.30 12.65
CA LEU A 114 6.26 4.66 13.80
C LEU A 114 7.30 3.95 14.64
N GLU A 115 6.90 3.55 15.84
CA GLU A 115 7.77 2.83 16.73
C GLU A 115 7.37 1.37 16.74
N GLN A 116 8.31 0.49 17.06
CA GLN A 116 8.03 -0.94 17.08
C GLN A 116 6.72 -1.23 17.82
N SER A 117 6.55 -0.59 18.97
CA SER A 117 5.34 -0.77 19.75
C SER A 117 4.12 -0.37 18.94
N GLU A 118 4.27 0.70 18.16
CA GLU A 118 3.19 1.19 17.31
C GLU A 118 3.02 0.30 16.10
N PHE A 119 4.11 0.07 15.38
CA PHE A 119 4.08 -0.76 14.20
C PHE A 119 3.60 -2.16 14.56
N GLU A 120 4.14 -2.70 15.64
CA GLU A 120 3.74 -4.02 16.10
C GLU A 120 2.26 -4.03 16.41
N ALA A 121 1.79 -2.90 16.91
CA ALA A 121 0.39 -2.73 17.27
C ALA A 121 -0.50 -2.63 16.03
N LEU A 122 0.11 -2.54 14.85
CA LEU A 122 -0.64 -2.44 13.62
C LEU A 122 -0.35 -3.60 12.68
N TYR A 123 0.90 -4.06 12.68
CA TYR A 123 1.32 -5.16 11.83
C TYR A 123 0.56 -6.44 12.18
N GLN A 124 0.13 -7.17 11.16
CA GLN A 124 -0.60 -8.41 11.37
C GLN A 124 0.16 -9.60 10.77
N GLY A 125 1.48 -9.51 10.74
CA GLY A 125 2.29 -10.58 10.20
C GLY A 125 2.12 -10.78 8.71
N HIS A 126 1.40 -9.88 8.06
CA HIS A 126 1.16 -9.99 6.62
C HIS A 126 1.52 -8.69 5.92
N ILE A 127 2.17 -8.81 4.77
CA ILE A 127 2.57 -7.65 3.99
C ILE A 127 2.53 -7.94 2.50
N ILE A 128 2.35 -6.88 1.72
CA ILE A 128 2.29 -7.00 0.26
C ILE A 128 3.51 -6.37 -0.39
N LEU A 129 4.30 -7.19 -1.04
CA LEU A 129 5.51 -6.72 -1.72
C LEU A 129 5.19 -6.37 -3.16
N ILE A 130 5.60 -5.18 -3.59
CA ILE A 130 5.35 -4.73 -4.95
C ILE A 130 6.65 -4.59 -5.73
N ALA A 131 6.54 -4.75 -7.04
CA ALA A 131 7.68 -4.63 -7.93
C ALA A 131 7.23 -4.33 -9.35
N SER A 132 8.08 -3.65 -10.11
CA SER A 132 7.74 -3.31 -11.49
C SER A 132 8.87 -3.68 -12.45
N ARG A 133 8.50 -3.85 -13.71
CA ARG A 133 9.47 -4.21 -14.74
C ARG A 133 10.73 -3.36 -14.65
N SER A 134 10.55 -2.03 -14.69
CA SER A 134 11.67 -1.11 -14.61
C SER A 134 11.77 -0.46 -13.24
N SER A 135 11.84 -1.29 -12.21
CA SER A 135 11.93 -0.79 -10.84
C SER A 135 12.96 -1.59 -10.04
N VAL A 136 12.95 -1.42 -8.72
CA VAL A 136 13.88 -2.11 -7.84
C VAL A 136 15.30 -2.09 -8.39
N ALA A 137 15.61 -1.04 -9.14
CA ALA A 137 16.93 -0.90 -9.73
C ALA A 137 17.92 -0.31 -8.74
N GLY A 138 17.40 0.51 -7.83
CA GLY A 138 18.26 1.13 -6.82
C GLY A 138 17.78 2.52 -6.45
N LYS A 139 17.74 3.42 -7.43
CA LYS A 139 17.31 4.79 -7.18
C LYS A 139 16.25 5.21 -8.19
N LEU A 140 15.00 5.28 -7.73
CA LEU A 140 13.89 5.66 -8.59
C LEU A 140 14.09 7.07 -9.14
N ALA A 141 14.53 7.97 -8.28
CA ALA A 141 14.77 9.35 -8.68
C ALA A 141 16.23 9.57 -9.05
N LYS A 142 16.85 8.54 -9.62
CA LYS A 142 18.25 8.61 -10.02
C LYS A 142 18.49 9.78 -10.98
N GLY A 1 -11.94 21.24 -0.75
CA GLY A 1 -11.38 22.50 -0.18
C GLY A 1 -12.04 23.74 -0.76
N ALA A 2 -12.81 24.43 0.08
CA ALA A 2 -13.50 25.64 -0.35
C ALA A 2 -14.41 25.38 -1.54
N MET A 3 -15.53 24.71 -1.30
CA MET A 3 -16.47 24.38 -2.37
C MET A 3 -17.89 24.26 -1.82
N ALA A 4 -18.63 25.37 -1.83
CA ALA A 4 -19.99 25.38 -1.33
C ALA A 4 -20.92 24.60 -2.24
N ASN A 5 -20.69 23.28 -2.32
CA ASN A 5 -21.50 22.41 -3.17
C ASN A 5 -21.03 20.96 -3.07
N SER A 6 -21.22 20.36 -1.90
CA SER A 6 -20.81 18.97 -1.68
C SER A 6 -19.31 18.81 -1.87
N ASP A 7 -18.55 19.15 -0.83
CA ASP A 7 -17.09 19.04 -0.87
C ASP A 7 -16.65 17.61 -1.20
N SER A 8 -16.92 16.70 -0.27
CA SER A 8 -16.54 15.30 -0.45
C SER A 8 -17.51 14.59 -1.41
N CYS A 9 -16.99 14.12 -2.54
CA CYS A 9 -17.81 13.43 -3.53
C CYS A 9 -17.09 12.20 -4.06
N HIS A 10 -16.36 11.51 -3.19
CA HIS A 10 -15.63 10.31 -3.58
C HIS A 10 -15.01 9.64 -2.36
N LYS A 11 -15.52 8.46 -2.02
CA LYS A 11 -15.02 7.71 -0.89
C LYS A 11 -13.58 7.28 -1.13
N ILE A 12 -12.72 7.55 -0.15
CA ILE A 12 -11.32 7.21 -0.25
C ILE A 12 -11.07 5.79 0.22
N ASP A 13 -10.13 5.12 -0.43
CA ASP A 13 -9.76 3.76 -0.09
C ASP A 13 -8.24 3.64 0.04
N TYR A 14 -7.78 3.50 1.27
CA TYR A 14 -6.35 3.39 1.55
C TYR A 14 -5.72 2.33 0.66
N GLY A 15 -6.45 1.26 0.42
CA GLY A 15 -5.92 0.22 -0.43
C GLY A 15 -5.70 0.72 -1.84
N LEU A 16 -6.76 1.21 -2.46
CA LEU A 16 -6.66 1.73 -3.81
C LEU A 16 -5.63 2.84 -3.86
N TYR A 17 -5.58 3.62 -2.79
CA TYR A 17 -4.64 4.71 -2.68
C TYR A 17 -3.22 4.17 -2.62
N ALA A 18 -3.00 3.25 -1.69
CA ALA A 18 -1.69 2.63 -1.55
C ALA A 18 -1.26 2.04 -2.88
N LEU A 19 -2.23 1.51 -3.62
CA LEU A 19 -1.96 0.93 -4.92
C LEU A 19 -1.44 2.02 -5.84
N GLU A 20 -2.17 3.12 -5.89
CA GLU A 20 -1.78 4.27 -6.71
C GLU A 20 -0.37 4.71 -6.35
N ILE A 21 -0.17 4.94 -5.06
CA ILE A 21 1.13 5.37 -4.57
C ILE A 21 2.22 4.43 -5.05
N LEU A 22 2.01 3.14 -4.83
CA LEU A 22 2.96 2.13 -5.25
C LEU A 22 3.06 2.12 -6.76
N ALA A 23 1.91 2.29 -7.40
CA ALA A 23 1.86 2.32 -8.85
C ALA A 23 2.65 3.50 -9.37
N GLN A 24 2.55 4.61 -8.65
CA GLN A 24 3.25 5.82 -9.01
C GLN A 24 4.72 5.68 -8.63
N TYR A 25 4.96 4.98 -7.53
CA TYR A 25 6.32 4.76 -7.07
C TYR A 25 7.09 3.97 -8.10
N HIS A 26 6.36 3.10 -8.79
CA HIS A 26 6.93 2.27 -9.83
C HIS A 26 6.77 2.92 -11.20
N ASN A 27 6.01 4.02 -11.26
CA ASN A 27 5.78 4.74 -12.51
C ASN A 27 4.87 3.93 -13.42
N VAL A 28 4.00 3.15 -12.81
CA VAL A 28 3.06 2.31 -13.54
C VAL A 28 1.67 2.91 -13.49
N SER A 29 1.05 3.01 -14.65
CA SER A 29 -0.29 3.58 -14.76
C SER A 29 -1.24 2.96 -13.75
N VAL A 30 -2.25 3.72 -13.35
CA VAL A 30 -3.24 3.26 -12.39
C VAL A 30 -4.49 4.12 -12.46
N ASN A 31 -5.60 3.52 -12.83
CA ASN A 31 -6.85 4.23 -12.92
C ASN A 31 -7.80 3.74 -11.82
N PRO A 32 -7.72 4.35 -10.63
CA PRO A 32 -8.55 3.99 -9.49
C PRO A 32 -10.00 3.79 -9.90
N GLU A 33 -10.45 4.60 -10.84
CA GLU A 33 -11.81 4.51 -11.34
C GLU A 33 -12.02 3.15 -11.98
N GLU A 34 -11.02 2.73 -12.75
CA GLU A 34 -11.05 1.44 -13.42
C GLU A 34 -10.81 0.33 -12.42
N ILE A 35 -9.81 0.52 -11.58
CA ILE A 35 -9.47 -0.47 -10.56
C ILE A 35 -10.71 -0.83 -9.76
N LYS A 36 -11.38 0.19 -9.25
CA LYS A 36 -12.59 -0.03 -8.48
C LYS A 36 -13.67 -0.66 -9.35
N HIS A 37 -13.63 -0.32 -10.62
CA HIS A 37 -14.59 -0.84 -11.59
C HIS A 37 -14.36 -2.31 -11.82
N ARG A 38 -13.12 -2.74 -11.67
CA ARG A 38 -12.74 -4.12 -11.89
C ARG A 38 -12.62 -4.93 -10.60
N PHE A 39 -12.18 -4.28 -9.53
CA PHE A 39 -11.97 -4.98 -8.28
C PHE A 39 -12.86 -4.46 -7.14
N ASP A 40 -13.15 -3.17 -7.15
CA ASP A 40 -13.99 -2.59 -6.10
C ASP A 40 -15.42 -2.44 -6.60
N THR A 41 -15.83 -3.38 -7.43
CA THR A 41 -17.16 -3.38 -8.00
C THR A 41 -18.22 -3.22 -6.90
N ASP A 42 -17.86 -3.60 -5.68
CA ASP A 42 -18.76 -3.50 -4.55
C ASP A 42 -18.74 -2.08 -3.98
N GLY A 43 -17.65 -1.36 -4.23
CA GLY A 43 -17.53 0.00 -3.74
C GLY A 43 -17.30 0.05 -2.26
N THR A 44 -16.72 -1.02 -1.72
CA THR A 44 -16.46 -1.11 -0.28
C THR A 44 -14.96 -1.21 -0.01
N GLY A 45 -14.14 -0.87 -1.01
CA GLY A 45 -12.71 -0.93 -0.85
C GLY A 45 -12.10 -2.16 -1.50
N LEU A 46 -10.84 -2.05 -1.90
CA LEU A 46 -10.15 -3.15 -2.54
C LEU A 46 -9.79 -4.24 -1.54
N GLY A 47 -10.19 -5.45 -1.84
CA GLY A 47 -9.89 -6.57 -0.96
C GLY A 47 -8.43 -6.94 -1.08
N LEU A 48 -7.98 -7.86 -0.24
CA LEU A 48 -6.59 -8.28 -0.27
C LEU A 48 -6.23 -8.86 -1.64
N THR A 49 -6.99 -9.87 -2.06
CA THR A 49 -6.77 -10.50 -3.34
C THR A 49 -7.18 -9.56 -4.47
N SER A 50 -8.22 -8.78 -4.24
CA SER A 50 -8.72 -7.84 -5.23
C SER A 50 -7.73 -6.70 -5.41
N TRP A 51 -7.04 -6.37 -4.33
CA TRP A 51 -6.04 -5.31 -4.35
C TRP A 51 -4.81 -5.78 -5.10
N LEU A 52 -4.40 -7.01 -4.81
CA LEU A 52 -3.23 -7.59 -5.45
C LEU A 52 -3.46 -7.66 -6.95
N LEU A 53 -4.63 -8.15 -7.33
CA LEU A 53 -4.99 -8.26 -8.73
C LEU A 53 -5.06 -6.89 -9.37
N ALA A 54 -5.38 -5.88 -8.56
CA ALA A 54 -5.46 -4.51 -9.03
C ALA A 54 -4.10 -4.03 -9.50
N ALA A 55 -3.06 -4.45 -8.79
CA ALA A 55 -1.70 -4.08 -9.14
C ALA A 55 -1.23 -4.86 -10.35
N LYS A 56 -1.58 -6.13 -10.39
CA LYS A 56 -1.21 -7.00 -11.50
C LYS A 56 -1.86 -6.51 -12.78
N SER A 57 -3.08 -5.99 -12.65
CA SER A 57 -3.81 -5.47 -13.81
C SER A 57 -3.06 -4.29 -14.41
N LEU A 58 -2.25 -3.63 -13.58
CA LEU A 58 -1.47 -2.48 -14.03
C LEU A 58 -0.11 -2.93 -14.55
N GLU A 59 0.04 -4.21 -14.82
CA GLU A 59 1.32 -4.74 -15.28
C GLU A 59 2.36 -4.56 -14.18
N LEU A 60 1.90 -4.38 -12.95
CA LEU A 60 2.76 -4.20 -11.80
C LEU A 60 2.78 -5.46 -10.95
N LYS A 61 3.97 -5.95 -10.65
CA LYS A 61 4.11 -7.16 -9.85
C LYS A 61 3.84 -6.88 -8.38
N VAL A 62 3.12 -7.79 -7.75
CA VAL A 62 2.79 -7.68 -6.33
C VAL A 62 2.64 -9.06 -5.71
N LYS A 63 2.89 -9.15 -4.41
CA LYS A 63 2.79 -10.44 -3.73
C LYS A 63 2.56 -10.26 -2.23
N GLN A 64 1.43 -10.77 -1.75
CA GLN A 64 1.11 -10.69 -0.33
C GLN A 64 1.57 -11.97 0.37
N VAL A 65 2.42 -11.80 1.36
CA VAL A 65 2.94 -12.94 2.11
C VAL A 65 3.13 -12.61 3.58
N LYS A 66 3.10 -13.64 4.41
CA LYS A 66 3.27 -13.45 5.85
C LYS A 66 4.75 -13.33 6.19
N LYS A 67 5.16 -12.12 6.53
CA LYS A 67 6.56 -11.88 6.87
C LYS A 67 6.68 -11.22 8.23
N THR A 68 7.69 -11.64 8.98
CA THR A 68 7.92 -11.08 10.30
C THR A 68 8.58 -9.71 10.19
N ILE A 69 8.27 -8.83 11.13
CA ILE A 69 8.82 -7.48 11.13
C ILE A 69 10.31 -7.47 10.82
N ASP A 70 11.05 -8.36 11.47
CA ASP A 70 12.49 -8.45 11.27
C ASP A 70 12.82 -8.71 9.81
N ARG A 71 11.86 -9.20 9.05
CA ARG A 71 12.07 -9.49 7.64
C ARG A 71 11.77 -8.27 6.78
N LEU A 72 10.84 -7.44 7.26
CA LEU A 72 10.45 -6.23 6.53
C LEU A 72 11.67 -5.39 6.18
N ASN A 73 12.75 -5.56 6.93
CA ASN A 73 13.96 -4.81 6.68
C ASN A 73 14.68 -5.34 5.43
N PHE A 74 14.27 -6.52 4.95
CA PHE A 74 14.89 -7.12 3.77
C PHE A 74 13.89 -7.35 2.64
N ILE A 75 12.61 -7.11 2.90
CA ILE A 75 11.59 -7.32 1.88
C ILE A 75 11.63 -6.21 0.83
N SER A 76 10.83 -6.40 -0.22
CA SER A 76 10.77 -5.43 -1.30
C SER A 76 10.03 -4.16 -0.89
N LEU A 77 10.78 -3.17 -0.45
CA LEU A 77 10.22 -1.89 -0.04
C LEU A 77 10.17 -0.92 -1.22
N PRO A 78 9.21 0.01 -1.24
CA PRO A 78 8.19 0.16 -0.18
C PRO A 78 7.14 -0.94 -0.26
N ALA A 79 6.86 -1.56 0.88
CA ALA A 79 5.88 -2.64 0.95
C ALA A 79 4.57 -2.14 1.54
N LEU A 80 3.48 -2.84 1.25
CA LEU A 80 2.17 -2.46 1.77
C LEU A 80 1.70 -3.43 2.84
N VAL A 81 1.64 -2.97 4.07
CA VAL A 81 1.20 -3.79 5.18
C VAL A 81 -0.32 -3.88 5.20
N TRP A 82 -0.85 -4.97 4.64
CA TRP A 82 -2.28 -5.16 4.59
C TRP A 82 -2.88 -5.14 5.99
N ARG A 83 -3.95 -4.36 6.14
CA ARG A 83 -4.63 -4.26 7.43
C ARG A 83 -6.10 -4.62 7.30
N GLU A 84 -6.49 -5.68 7.96
CA GLU A 84 -7.88 -6.14 7.93
C GLU A 84 -8.81 -5.12 8.57
N ASP A 85 -8.24 -4.18 9.32
CA ASP A 85 -9.03 -3.16 9.99
C ASP A 85 -9.39 -2.02 9.03
N GLY A 86 -8.92 -2.11 7.78
CA GLY A 86 -9.22 -1.08 6.81
C GLY A 86 -8.36 0.15 7.02
N ARG A 87 -7.17 -0.07 7.59
CA ARG A 87 -6.23 1.00 7.86
C ARG A 87 -4.82 0.57 7.50
N HIS A 88 -4.59 0.36 6.20
CA HIS A 88 -3.29 -0.09 5.73
C HIS A 88 -2.33 1.09 5.61
N PHE A 89 -1.06 0.77 5.37
CA PHE A 89 -0.03 1.78 5.21
C PHE A 89 1.17 1.19 4.48
N ILE A 90 1.90 2.05 3.77
CA ILE A 90 3.06 1.60 3.00
C ILE A 90 4.35 1.75 3.77
N LEU A 91 5.03 0.62 4.00
CA LEU A 91 6.31 0.63 4.70
C LEU A 91 7.41 1.01 3.73
N THR A 92 8.22 1.99 4.10
CA THR A 92 9.30 2.46 3.24
C THR A 92 10.67 2.28 3.87
N LYS A 93 10.71 2.05 5.17
CA LYS A 93 11.97 1.87 5.86
C LYS A 93 11.75 1.49 7.32
N VAL A 94 12.74 0.83 7.91
CA VAL A 94 12.66 0.42 9.30
C VAL A 94 13.99 0.66 10.02
N SER A 95 13.94 1.47 11.07
CA SER A 95 15.14 1.76 11.84
C SER A 95 15.24 0.83 13.04
N LYS A 96 15.51 -0.44 12.78
CA LYS A 96 15.63 -1.43 13.85
C LYS A 96 16.62 -0.95 14.91
N GLU A 97 17.53 -0.08 14.51
CA GLU A 97 18.52 0.46 15.43
C GLU A 97 17.84 1.29 16.51
N ALA A 98 16.79 2.00 16.11
CA ALA A 98 16.03 2.83 17.03
C ALA A 98 14.64 2.23 17.30
N ASN A 99 14.30 1.18 16.57
CA ASN A 99 13.02 0.52 16.72
C ASN A 99 11.90 1.38 16.13
N ARG A 100 12.19 1.99 14.98
CA ARG A 100 11.21 2.83 14.32
C ARG A 100 10.88 2.28 12.94
N TYR A 101 9.78 2.75 12.37
CA TYR A 101 9.36 2.29 11.05
C TYR A 101 8.80 3.43 10.23
N LEU A 102 9.36 3.62 9.04
CA LEU A 102 8.91 4.68 8.15
C LEU A 102 7.80 4.18 7.25
N ILE A 103 6.59 4.67 7.46
CA ILE A 103 5.45 4.26 6.66
C ILE A 103 4.77 5.45 6.02
N PHE A 104 4.00 5.19 4.98
CA PHE A 104 3.28 6.27 4.30
C PHE A 104 1.82 6.24 4.70
N ASP A 105 1.37 7.29 5.37
CA ASP A 105 -0.02 7.37 5.82
C ASP A 105 -0.97 7.59 4.64
N LEU A 106 -1.80 6.59 4.39
CA LEU A 106 -2.77 6.64 3.30
C LEU A 106 -3.94 7.56 3.63
N GLU A 107 -4.02 8.01 4.89
CA GLU A 107 -5.10 8.88 5.32
C GLU A 107 -4.71 10.34 5.14
N GLN A 108 -3.46 10.65 5.43
CA GLN A 108 -2.94 12.01 5.30
C GLN A 108 -2.13 12.18 4.03
N ARG A 109 -1.74 11.06 3.42
CA ARG A 109 -0.95 11.10 2.19
C ARG A 109 0.45 11.60 2.47
N ASN A 110 0.94 11.31 3.67
CA ASN A 110 2.28 11.74 4.07
C ASN A 110 3.02 10.62 4.78
N PRO A 111 4.37 10.66 4.73
CA PRO A 111 5.20 9.65 5.38
C PRO A 111 5.20 9.81 6.90
N ARG A 112 5.53 8.74 7.60
CA ARG A 112 5.55 8.76 9.05
C ARG A 112 6.51 7.72 9.60
N VAL A 113 7.07 8.02 10.76
CA VAL A 113 8.01 7.11 11.41
C VAL A 113 7.41 6.60 12.72
N LEU A 114 6.92 5.37 12.69
CA LEU A 114 6.31 4.77 13.87
C LEU A 114 7.36 4.06 14.72
N GLU A 115 7.00 3.81 15.97
CA GLU A 115 7.89 3.11 16.87
C GLU A 115 7.52 1.64 16.85
N GLN A 116 8.48 0.77 17.14
CA GLN A 116 8.22 -0.67 17.12
C GLN A 116 6.94 -1.00 17.86
N SER A 117 6.78 -0.40 19.03
CA SER A 117 5.58 -0.64 19.82
C SER A 117 4.35 -0.22 19.02
N GLU A 118 4.49 0.86 18.26
CA GLU A 118 3.41 1.35 17.42
C GLU A 118 3.22 0.47 16.21
N PHE A 119 4.32 0.22 15.49
CA PHE A 119 4.28 -0.62 14.31
C PHE A 119 3.82 -2.02 14.67
N GLU A 120 4.46 -2.60 15.68
CA GLU A 120 4.10 -3.93 16.15
C GLU A 120 2.61 -3.98 16.49
N ALA A 121 2.14 -2.87 17.01
CA ALA A 121 0.75 -2.73 17.41
C ALA A 121 -0.17 -2.56 16.19
N LEU A 122 0.43 -2.42 15.01
CA LEU A 122 -0.35 -2.25 13.79
C LEU A 122 -0.10 -3.40 12.82
N TYR A 123 1.13 -3.91 12.80
CA TYR A 123 1.49 -5.01 11.91
C TYR A 123 0.67 -6.26 12.21
N GLN A 124 0.26 -6.95 11.16
CA GLN A 124 -0.54 -8.16 11.31
C GLN A 124 0.23 -9.39 10.83
N GLY A 125 1.51 -9.23 10.51
CA GLY A 125 2.31 -10.34 10.03
C GLY A 125 2.23 -10.53 8.53
N HIS A 126 1.22 -9.93 7.91
CA HIS A 126 1.05 -10.03 6.47
C HIS A 126 1.39 -8.72 5.79
N ILE A 127 2.22 -8.78 4.76
CA ILE A 127 2.61 -7.59 4.02
C ILE A 127 2.62 -7.86 2.52
N ILE A 128 2.34 -6.83 1.75
CA ILE A 128 2.30 -6.95 0.30
C ILE A 128 3.53 -6.36 -0.35
N LEU A 129 4.29 -7.20 -1.04
CA LEU A 129 5.49 -6.76 -1.72
C LEU A 129 5.17 -6.42 -3.17
N ILE A 130 5.63 -5.26 -3.62
CA ILE A 130 5.38 -4.82 -4.99
C ILE A 130 6.66 -4.75 -5.80
N ALA A 131 6.53 -4.97 -7.09
CA ALA A 131 7.65 -4.94 -8.02
C ALA A 131 7.17 -4.51 -9.40
N SER A 132 7.99 -3.72 -10.10
CA SER A 132 7.62 -3.26 -11.42
C SER A 132 8.72 -3.52 -12.44
N ARG A 133 8.33 -3.53 -13.71
CA ARG A 133 9.27 -3.76 -14.79
C ARG A 133 10.51 -2.90 -14.65
N SER A 134 10.31 -1.61 -14.41
CA SER A 134 11.41 -0.67 -14.25
C SER A 134 12.08 -0.82 -12.89
N SER A 135 11.35 -1.37 -11.93
CA SER A 135 11.87 -1.56 -10.58
C SER A 135 11.27 -2.81 -9.94
N VAL A 136 11.93 -3.95 -10.15
CA VAL A 136 11.47 -5.20 -9.59
C VAL A 136 12.19 -5.52 -8.27
N ALA A 137 13.36 -4.92 -8.08
CA ALA A 137 14.14 -5.14 -6.88
C ALA A 137 14.44 -3.83 -6.17
N GLY A 138 13.61 -2.83 -6.41
CA GLY A 138 13.79 -1.54 -5.78
C GLY A 138 15.06 -0.84 -6.26
N LYS A 139 15.04 -0.40 -7.52
CA LYS A 139 16.19 0.27 -8.10
C LYS A 139 16.08 1.78 -7.90
N LEU A 140 14.87 2.30 -7.94
CA LEU A 140 14.63 3.72 -7.77
C LEU A 140 15.01 4.17 -6.36
N ALA A 141 16.31 4.25 -6.11
CA ALA A 141 16.81 4.68 -4.81
C ALA A 141 16.90 6.19 -4.71
N LYS A 142 15.91 6.80 -4.07
CA LYS A 142 15.87 8.25 -3.92
C LYS A 142 17.06 8.73 -3.09
N GLY A 1 -18.74 20.85 -3.58
CA GLY A 1 -19.21 20.69 -2.17
C GLY A 1 -20.68 20.35 -2.08
N ALA A 2 -21.52 21.34 -2.35
CA ALA A 2 -22.97 21.14 -2.30
C ALA A 2 -23.47 20.44 -3.57
N MET A 3 -23.60 19.12 -3.51
CA MET A 3 -24.07 18.35 -4.66
C MET A 3 -25.07 17.27 -4.22
N ALA A 4 -25.80 17.56 -3.15
CA ALA A 4 -26.80 16.62 -2.65
C ALA A 4 -26.18 15.25 -2.37
N ASN A 5 -24.96 15.25 -1.85
CA ASN A 5 -24.26 14.01 -1.53
C ASN A 5 -23.40 14.17 -0.28
N SER A 6 -24.00 14.67 0.78
CA SER A 6 -23.30 14.86 2.04
C SER A 6 -22.27 15.98 1.92
N ASP A 7 -21.29 15.79 1.05
CA ASP A 7 -20.25 16.79 0.82
C ASP A 7 -19.27 16.33 -0.26
N SER A 8 -18.40 15.39 0.10
CA SER A 8 -17.43 14.86 -0.85
C SER A 8 -18.09 13.97 -1.89
N CYS A 9 -17.42 13.80 -3.03
CA CYS A 9 -17.95 12.96 -4.10
C CYS A 9 -16.93 11.92 -4.54
N HIS A 10 -16.23 11.35 -3.57
CA HIS A 10 -15.22 10.33 -3.86
C HIS A 10 -14.69 9.70 -2.58
N LYS A 11 -15.26 8.57 -2.21
CA LYS A 11 -14.84 7.86 -1.00
C LYS A 11 -13.39 7.39 -1.12
N ILE A 12 -12.59 7.75 -0.13
CA ILE A 12 -11.19 7.38 -0.13
C ILE A 12 -10.99 5.96 0.39
N ASP A 13 -10.05 5.26 -0.23
CA ASP A 13 -9.72 3.89 0.15
C ASP A 13 -8.22 3.72 0.26
N TYR A 14 -7.73 3.58 1.48
CA TYR A 14 -6.30 3.42 1.73
C TYR A 14 -5.72 2.33 0.84
N GLY A 15 -6.52 1.30 0.57
CA GLY A 15 -6.06 0.23 -0.28
C GLY A 15 -5.81 0.72 -1.68
N LEU A 16 -6.84 1.27 -2.31
CA LEU A 16 -6.71 1.78 -3.66
C LEU A 16 -5.64 2.85 -3.69
N TYR A 17 -5.61 3.67 -2.66
CA TYR A 17 -4.63 4.73 -2.56
C TYR A 17 -3.23 4.15 -2.48
N ALA A 18 -3.06 3.17 -1.59
CA ALA A 18 -1.78 2.52 -1.44
C ALA A 18 -1.35 1.92 -2.76
N LEU A 19 -2.33 1.42 -3.51
CA LEU A 19 -2.05 0.84 -4.81
C LEU A 19 -1.56 1.91 -5.75
N GLU A 20 -2.31 3.01 -5.80
CA GLU A 20 -1.95 4.14 -6.63
C GLU A 20 -0.55 4.61 -6.32
N ILE A 21 -0.29 4.85 -5.04
CA ILE A 21 1.01 5.29 -4.58
C ILE A 21 2.10 4.32 -5.02
N LEU A 22 1.87 3.05 -4.78
CA LEU A 22 2.82 2.02 -5.17
C LEU A 22 2.91 1.97 -6.68
N ALA A 23 1.78 2.19 -7.33
CA ALA A 23 1.73 2.19 -8.79
C ALA A 23 2.52 3.37 -9.32
N GLN A 24 2.36 4.50 -8.64
CA GLN A 24 3.07 5.71 -9.01
C GLN A 24 4.52 5.62 -8.58
N TYR A 25 4.75 4.90 -7.50
CA TYR A 25 6.09 4.71 -6.98
C TYR A 25 6.91 3.95 -8.00
N HIS A 26 6.24 3.04 -8.71
CA HIS A 26 6.89 2.24 -9.73
C HIS A 26 6.72 2.89 -11.11
N ASN A 27 6.04 4.03 -11.15
CA ASN A 27 5.81 4.74 -12.40
C ASN A 27 4.90 3.95 -13.31
N VAL A 28 4.03 3.15 -12.70
CA VAL A 28 3.08 2.33 -13.44
C VAL A 28 1.69 2.95 -13.38
N SER A 29 1.02 2.96 -14.53
CA SER A 29 -0.32 3.52 -14.63
C SER A 29 -1.27 2.90 -13.62
N VAL A 30 -2.30 3.66 -13.27
CA VAL A 30 -3.31 3.20 -12.32
C VAL A 30 -4.54 4.09 -12.39
N ASN A 31 -5.66 3.48 -12.76
CA ASN A 31 -6.92 4.22 -12.85
C ASN A 31 -7.85 3.79 -11.72
N PRO A 32 -7.74 4.44 -10.56
CA PRO A 32 -8.56 4.14 -9.40
C PRO A 32 -10.01 3.90 -9.78
N GLU A 33 -10.45 4.59 -10.81
CA GLU A 33 -11.82 4.46 -11.29
C GLU A 33 -12.02 3.07 -11.88
N GLU A 34 -11.06 2.65 -12.70
CA GLU A 34 -11.11 1.34 -13.32
C GLU A 34 -10.79 0.27 -12.30
N ILE A 35 -9.87 0.59 -11.40
CA ILE A 35 -9.47 -0.34 -10.35
C ILE A 35 -10.68 -0.72 -9.52
N LYS A 36 -11.39 0.28 -9.05
CA LYS A 36 -12.58 0.06 -8.25
C LYS A 36 -13.66 -0.60 -9.08
N HIS A 37 -13.67 -0.28 -10.37
CA HIS A 37 -14.64 -0.82 -11.29
C HIS A 37 -14.43 -2.30 -11.50
N ARG A 38 -13.16 -2.71 -11.41
CA ARG A 38 -12.79 -4.11 -11.61
C ARG A 38 -12.57 -4.86 -10.32
N PHE A 39 -12.08 -4.16 -9.31
CA PHE A 39 -11.76 -4.81 -8.04
C PHE A 39 -12.59 -4.29 -6.87
N ASP A 40 -13.08 -3.06 -6.94
CA ASP A 40 -13.91 -2.52 -5.87
C ASP A 40 -15.36 -2.45 -6.31
N THR A 41 -15.74 -3.38 -7.17
CA THR A 41 -17.10 -3.45 -7.69
C THR A 41 -18.12 -3.38 -6.57
N ASP A 42 -17.71 -3.77 -5.36
CA ASP A 42 -18.58 -3.75 -4.21
C ASP A 42 -18.68 -2.35 -3.62
N GLY A 43 -17.68 -1.51 -3.92
CA GLY A 43 -17.66 -0.16 -3.42
C GLY A 43 -17.38 -0.09 -1.94
N THR A 44 -16.76 -1.14 -1.41
CA THR A 44 -16.43 -1.21 0.01
C THR A 44 -14.92 -1.27 0.23
N GLY A 45 -14.15 -1.01 -0.82
CA GLY A 45 -12.71 -1.04 -0.70
C GLY A 45 -12.10 -2.22 -1.40
N LEU A 46 -10.84 -2.10 -1.79
CA LEU A 46 -10.14 -3.17 -2.49
C LEU A 46 -9.83 -4.32 -1.55
N GLY A 47 -10.23 -5.52 -1.95
CA GLY A 47 -9.96 -6.69 -1.15
C GLY A 47 -8.50 -7.08 -1.23
N LEU A 48 -8.06 -7.99 -0.38
CA LEU A 48 -6.68 -8.41 -0.41
C LEU A 48 -6.32 -8.98 -1.77
N THR A 49 -7.11 -9.96 -2.21
CA THR A 49 -6.88 -10.59 -3.50
C THR A 49 -7.24 -9.65 -4.65
N SER A 50 -8.28 -8.85 -4.44
CA SER A 50 -8.73 -7.92 -5.47
C SER A 50 -7.72 -6.78 -5.61
N TRP A 51 -7.11 -6.41 -4.49
CA TRP A 51 -6.11 -5.37 -4.47
C TRP A 51 -4.85 -5.83 -5.19
N LEU A 52 -4.45 -7.07 -4.90
CA LEU A 52 -3.27 -7.65 -5.52
C LEU A 52 -3.46 -7.74 -7.02
N LEU A 53 -4.61 -8.23 -7.42
CA LEU A 53 -4.95 -8.35 -8.83
C LEU A 53 -5.07 -6.98 -9.47
N ALA A 54 -5.39 -5.98 -8.65
CA ALA A 54 -5.53 -4.61 -9.12
C ALA A 54 -4.19 -4.08 -9.59
N ALA A 55 -3.14 -4.47 -8.89
CA ALA A 55 -1.79 -4.06 -9.22
C ALA A 55 -1.30 -4.80 -10.46
N LYS A 56 -1.62 -6.08 -10.52
CA LYS A 56 -1.23 -6.91 -11.66
C LYS A 56 -1.86 -6.39 -12.92
N SER A 57 -3.12 -5.95 -12.82
CA SER A 57 -3.83 -5.41 -13.97
C SER A 57 -3.06 -4.23 -14.55
N LEU A 58 -2.27 -3.57 -13.70
CA LEU A 58 -1.47 -2.43 -14.12
C LEU A 58 -0.08 -2.87 -14.59
N GLU A 59 0.07 -4.16 -14.86
CA GLU A 59 1.36 -4.69 -15.27
C GLU A 59 2.38 -4.54 -14.13
N LEU A 60 1.87 -4.28 -12.93
CA LEU A 60 2.70 -4.12 -11.76
C LEU A 60 2.73 -5.39 -10.94
N LYS A 61 3.92 -5.85 -10.58
CA LYS A 61 4.06 -7.08 -9.80
C LYS A 61 3.75 -6.84 -8.34
N VAL A 62 2.97 -7.74 -7.76
CA VAL A 62 2.59 -7.65 -6.36
C VAL A 62 2.35 -9.03 -5.78
N LYS A 63 2.53 -9.17 -4.47
CA LYS A 63 2.34 -10.47 -3.83
C LYS A 63 2.24 -10.31 -2.32
N GLN A 64 1.14 -10.81 -1.77
CA GLN A 64 0.92 -10.76 -0.33
C GLN A 64 1.57 -11.97 0.33
N VAL A 65 2.46 -11.70 1.27
CA VAL A 65 3.16 -12.78 1.96
C VAL A 65 3.27 -12.49 3.45
N LYS A 66 3.50 -13.54 4.23
CA LYS A 66 3.63 -13.41 5.67
C LYS A 66 5.08 -13.25 6.05
N LYS A 67 5.45 -12.04 6.44
CA LYS A 67 6.83 -11.74 6.81
C LYS A 67 6.90 -11.14 8.20
N THR A 68 7.96 -11.48 8.93
CA THR A 68 8.14 -10.96 10.27
C THR A 68 8.64 -9.52 10.23
N ILE A 69 8.24 -8.72 11.20
CA ILE A 69 8.63 -7.32 11.25
C ILE A 69 10.13 -7.17 11.01
N ASP A 70 10.92 -8.00 11.69
CA ASP A 70 12.37 -7.96 11.56
C ASP A 70 12.80 -8.32 10.14
N ARG A 71 11.91 -8.98 9.40
CA ARG A 71 12.19 -9.39 8.03
C ARG A 71 11.92 -8.25 7.05
N LEU A 72 11.03 -7.35 7.44
CA LEU A 72 10.66 -6.21 6.61
C LEU A 72 11.87 -5.39 6.21
N ASN A 73 12.95 -5.52 6.97
CA ASN A 73 14.17 -4.79 6.68
C ASN A 73 14.89 -5.40 5.48
N PHE A 74 14.45 -6.58 5.03
CA PHE A 74 15.07 -7.25 3.90
C PHE A 74 14.08 -7.48 2.77
N ILE A 75 12.79 -7.25 3.01
CA ILE A 75 11.78 -7.46 1.98
C ILE A 75 11.83 -6.34 0.95
N SER A 76 11.04 -6.49 -0.11
CA SER A 76 11.00 -5.50 -1.18
C SER A 76 10.25 -4.24 -0.75
N LEU A 77 11.00 -3.25 -0.29
CA LEU A 77 10.41 -1.99 0.13
C LEU A 77 10.39 -1.00 -1.05
N PRO A 78 9.40 -0.09 -1.09
CA PRO A 78 8.36 0.03 -0.08
C PRO A 78 7.33 -1.09 -0.16
N ALA A 79 6.99 -1.66 0.98
CA ALA A 79 6.01 -2.74 1.04
C ALA A 79 4.69 -2.26 1.63
N LEU A 80 3.60 -2.91 1.26
CA LEU A 80 2.28 -2.54 1.76
C LEU A 80 1.82 -3.48 2.85
N VAL A 81 1.74 -2.96 4.08
CA VAL A 81 1.30 -3.75 5.22
C VAL A 81 -0.22 -3.88 5.21
N TRP A 82 -0.71 -4.96 4.63
CA TRP A 82 -2.14 -5.20 4.56
C TRP A 82 -2.75 -5.32 5.96
N ARG A 83 -3.80 -4.56 6.20
CA ARG A 83 -4.48 -4.58 7.49
C ARG A 83 -5.94 -4.99 7.34
N GLU A 84 -6.29 -6.12 7.93
CA GLU A 84 -7.65 -6.62 7.88
C GLU A 84 -8.63 -5.55 8.37
N ASP A 85 -8.13 -4.61 9.16
CA ASP A 85 -8.96 -3.54 9.69
C ASP A 85 -9.16 -2.45 8.64
N GLY A 86 -8.51 -2.59 7.49
CA GLY A 86 -8.65 -1.60 6.43
C GLY A 86 -7.70 -0.43 6.60
N ARG A 87 -6.96 -0.41 7.70
CA ARG A 87 -6.02 0.67 7.97
C ARG A 87 -4.62 0.30 7.49
N HIS A 88 -4.45 0.19 6.18
CA HIS A 88 -3.17 -0.16 5.61
C HIS A 88 -2.24 1.04 5.54
N PHE A 89 -0.99 0.78 5.19
CA PHE A 89 0.02 1.83 5.05
C PHE A 89 1.24 1.26 4.36
N ILE A 90 1.97 2.10 3.64
CA ILE A 90 3.15 1.67 2.91
C ILE A 90 4.43 1.83 3.70
N LEU A 91 5.09 0.69 3.98
CA LEU A 91 6.35 0.70 4.71
C LEU A 91 7.48 1.06 3.75
N THR A 92 8.27 2.05 4.13
CA THR A 92 9.37 2.50 3.27
C THR A 92 10.73 2.26 3.91
N LYS A 93 10.75 2.09 5.22
CA LYS A 93 12.00 1.87 5.93
C LYS A 93 11.75 1.52 7.39
N VAL A 94 12.73 0.87 8.00
CA VAL A 94 12.63 0.49 9.40
C VAL A 94 13.94 0.77 10.14
N SER A 95 13.88 1.69 11.10
CA SER A 95 15.05 2.04 11.88
C SER A 95 15.25 1.08 13.04
N LYS A 96 15.70 -0.13 12.74
CA LYS A 96 15.93 -1.13 13.78
C LYS A 96 16.78 -0.57 14.90
N GLU A 97 17.58 0.44 14.57
CA GLU A 97 18.44 1.09 15.55
C GLU A 97 17.60 1.74 16.65
N ALA A 98 16.44 2.24 16.23
CA ALA A 98 15.52 2.90 17.15
C ALA A 98 14.19 2.14 17.26
N ASN A 99 14.07 1.06 16.50
CA ASN A 99 12.86 0.26 16.50
C ASN A 99 11.70 1.01 15.85
N ARG A 100 12.03 2.01 15.04
CA ARG A 100 11.01 2.81 14.37
C ARG A 100 10.74 2.27 12.97
N TYR A 101 9.67 2.76 12.36
CA TYR A 101 9.29 2.32 11.02
C TYR A 101 8.76 3.48 10.19
N LEU A 102 9.34 3.68 9.02
CA LEU A 102 8.92 4.76 8.13
C LEU A 102 7.82 4.26 7.21
N ILE A 103 6.62 4.77 7.40
CA ILE A 103 5.49 4.37 6.59
C ILE A 103 4.84 5.58 5.93
N PHE A 104 4.11 5.34 4.86
CA PHE A 104 3.44 6.41 4.14
C PHE A 104 1.99 6.49 4.58
N ASP A 105 1.62 7.59 5.23
CA ASP A 105 0.26 7.79 5.72
C ASP A 105 -0.73 7.88 4.55
N LEU A 106 -1.56 6.84 4.41
CA LEU A 106 -2.57 6.79 3.35
C LEU A 106 -3.74 7.73 3.66
N GLU A 107 -3.82 8.20 4.89
CA GLU A 107 -4.91 9.10 5.29
C GLU A 107 -4.52 10.55 5.04
N GLN A 108 -3.29 10.89 5.40
CA GLN A 108 -2.78 12.24 5.22
C GLN A 108 -1.96 12.36 3.94
N ARG A 109 -1.53 11.22 3.40
CA ARG A 109 -0.73 11.21 2.18
C ARG A 109 0.67 11.72 2.46
N ASN A 110 1.17 11.40 3.64
CA ASN A 110 2.50 11.84 4.04
C ASN A 110 3.26 10.74 4.76
N PRO A 111 4.60 10.72 4.63
CA PRO A 111 5.43 9.72 5.29
C PRO A 111 5.45 9.91 6.80
N ARG A 112 5.66 8.83 7.54
CA ARG A 112 5.68 8.89 8.98
C ARG A 112 6.58 7.81 9.57
N VAL A 113 7.14 8.10 10.73
CA VAL A 113 8.02 7.17 11.41
C VAL A 113 7.36 6.66 12.69
N LEU A 114 6.87 5.43 12.64
CA LEU A 114 6.22 4.83 13.79
C LEU A 114 7.21 4.10 14.67
N GLU A 115 6.83 3.85 15.90
CA GLU A 115 7.67 3.13 16.84
C GLU A 115 7.29 1.66 16.80
N GLN A 116 8.24 0.78 17.10
CA GLN A 116 7.97 -0.65 17.06
C GLN A 116 6.68 -0.97 17.79
N SER A 117 6.50 -0.37 18.96
CA SER A 117 5.30 -0.60 19.73
C SER A 117 4.08 -0.21 18.91
N GLU A 118 4.24 0.84 18.12
CA GLU A 118 3.17 1.32 17.25
C GLU A 118 3.03 0.42 16.04
N PHE A 119 4.13 0.21 15.33
CA PHE A 119 4.13 -0.64 14.15
C PHE A 119 3.65 -2.03 14.51
N GLU A 120 4.22 -2.59 15.58
CA GLU A 120 3.83 -3.91 16.04
C GLU A 120 2.34 -3.94 16.32
N ALA A 121 1.84 -2.81 16.78
CA ALA A 121 0.43 -2.66 17.11
C ALA A 121 -0.42 -2.52 15.84
N LEU A 122 0.23 -2.35 14.69
CA LEU A 122 -0.48 -2.19 13.43
C LEU A 122 -0.16 -3.34 12.47
N TYR A 123 1.04 -3.91 12.60
CA TYR A 123 1.44 -5.01 11.75
C TYR A 123 0.72 -6.30 12.11
N GLN A 124 0.24 -7.02 11.10
CA GLN A 124 -0.46 -8.27 11.33
C GLN A 124 0.32 -9.48 10.85
N GLY A 125 1.61 -9.27 10.53
CA GLY A 125 2.43 -10.38 10.07
C GLY A 125 2.40 -10.56 8.57
N HIS A 126 1.34 -10.04 7.93
CA HIS A 126 1.20 -10.15 6.49
C HIS A 126 1.50 -8.83 5.80
N ILE A 127 2.26 -8.89 4.72
CA ILE A 127 2.60 -7.69 3.98
C ILE A 127 2.60 -7.95 2.47
N ILE A 128 2.25 -6.93 1.70
CA ILE A 128 2.19 -7.05 0.26
C ILE A 128 3.41 -6.42 -0.39
N LEU A 129 4.22 -7.25 -1.03
CA LEU A 129 5.43 -6.77 -1.70
C LEU A 129 5.12 -6.42 -3.15
N ILE A 130 5.53 -5.23 -3.57
CA ILE A 130 5.29 -4.78 -4.93
C ILE A 130 6.58 -4.63 -5.72
N ALA A 131 6.50 -4.97 -7.00
CA ALA A 131 7.63 -4.87 -7.90
C ALA A 131 7.16 -4.49 -9.30
N SER A 132 8.02 -3.82 -10.05
CA SER A 132 7.66 -3.41 -11.40
C SER A 132 8.66 -3.93 -12.42
N ARG A 133 8.16 -4.24 -13.61
CA ARG A 133 9.00 -4.76 -14.69
C ARG A 133 10.30 -3.97 -14.80
N SER A 134 10.18 -2.65 -14.90
CA SER A 134 11.34 -1.78 -15.01
C SER A 134 12.05 -1.62 -13.68
N SER A 135 11.34 -1.94 -12.58
CA SER A 135 11.91 -1.82 -11.25
C SER A 135 11.67 -3.08 -10.42
N VAL A 136 12.59 -4.03 -10.52
CA VAL A 136 12.47 -5.29 -9.78
C VAL A 136 13.46 -5.32 -8.62
N ALA A 137 13.86 -4.14 -8.16
CA ALA A 137 14.80 -4.03 -7.07
C ALA A 137 14.15 -3.42 -5.84
N GLY A 138 13.19 -2.54 -6.07
CA GLY A 138 12.49 -1.88 -4.98
C GLY A 138 12.84 -0.41 -4.87
N LYS A 139 14.13 -0.10 -5.01
CA LYS A 139 14.58 1.28 -4.93
C LYS A 139 14.52 1.97 -6.29
N LEU A 140 13.91 3.15 -6.32
CA LEU A 140 13.77 3.91 -7.55
C LEU A 140 14.84 5.00 -7.64
N ALA A 141 15.14 5.62 -6.50
CA ALA A 141 16.14 6.67 -6.45
C ALA A 141 16.30 7.20 -5.03
N LYS A 142 16.66 6.33 -4.11
CA LYS A 142 16.85 6.71 -2.71
C LYS A 142 17.55 5.59 -1.93
N GLY A 1 -20.22 16.92 -2.05
CA GLY A 1 -20.77 18.27 -2.31
C GLY A 1 -21.62 18.77 -1.15
N ALA A 2 -21.00 18.93 0.01
CA ALA A 2 -21.71 19.41 1.18
C ALA A 2 -22.75 18.40 1.65
N MET A 3 -22.29 17.23 2.07
CA MET A 3 -23.18 16.17 2.53
C MET A 3 -24.05 15.66 1.39
N ALA A 4 -23.41 15.17 0.34
CA ALA A 4 -24.12 14.65 -0.82
C ALA A 4 -24.29 13.14 -0.71
N ASN A 5 -24.22 12.62 0.51
CA ASN A 5 -24.36 11.19 0.75
C ASN A 5 -23.38 10.39 -0.10
N SER A 6 -22.30 11.04 -0.53
CA SER A 6 -21.29 10.39 -1.35
C SER A 6 -19.98 11.18 -1.33
N ASP A 7 -19.76 11.92 -0.24
CA ASP A 7 -18.55 12.72 -0.11
C ASP A 7 -18.34 13.58 -1.35
N SER A 8 -17.22 14.32 -1.37
CA SER A 8 -16.91 15.18 -2.51
C SER A 8 -17.05 14.41 -3.83
N CYS A 9 -16.69 13.13 -3.81
CA CYS A 9 -16.79 12.31 -5.01
C CYS A 9 -16.95 10.83 -4.64
N HIS A 10 -16.21 10.37 -3.65
CA HIS A 10 -16.27 8.98 -3.22
C HIS A 10 -15.41 8.73 -1.99
N LYS A 11 -15.87 7.85 -1.11
CA LYS A 11 -15.14 7.52 0.11
C LYS A 11 -13.74 7.02 -0.23
N ILE A 12 -12.74 7.68 0.35
CA ILE A 12 -11.35 7.31 0.12
C ILE A 12 -11.07 5.87 0.50
N ASP A 13 -10.23 5.22 -0.28
CA ASP A 13 -9.85 3.84 -0.04
C ASP A 13 -8.33 3.72 0.06
N TYR A 14 -7.84 3.63 1.29
CA TYR A 14 -6.42 3.53 1.53
C TYR A 14 -5.78 2.44 0.69
N GLY A 15 -6.49 1.33 0.53
CA GLY A 15 -5.96 0.24 -0.26
C GLY A 15 -5.67 0.70 -1.68
N LEU A 16 -6.69 1.21 -2.35
CA LEU A 16 -6.53 1.69 -3.70
C LEU A 16 -5.45 2.75 -3.75
N TYR A 17 -5.47 3.63 -2.75
CA TYR A 17 -4.49 4.70 -2.66
C TYR A 17 -3.09 4.10 -2.57
N ALA A 18 -2.93 3.14 -1.66
CA ALA A 18 -1.66 2.47 -1.49
C ALA A 18 -1.22 1.86 -2.81
N LEU A 19 -2.19 1.36 -3.56
CA LEU A 19 -1.91 0.76 -4.85
C LEU A 19 -1.38 1.83 -5.79
N GLU A 20 -2.09 2.94 -5.84
CA GLU A 20 -1.70 4.07 -6.67
C GLU A 20 -0.29 4.51 -6.32
N ILE A 21 -0.07 4.75 -5.03
CA ILE A 21 1.23 5.17 -4.54
C ILE A 21 2.32 4.22 -5.00
N LEU A 22 2.05 2.93 -4.85
CA LEU A 22 2.98 1.91 -5.27
C LEU A 22 3.08 1.90 -6.78
N ALA A 23 1.93 2.13 -7.42
CA ALA A 23 1.88 2.17 -8.86
C ALA A 23 2.70 3.34 -9.37
N GLN A 24 2.61 4.45 -8.63
CA GLN A 24 3.36 5.65 -8.97
C GLN A 24 4.81 5.47 -8.58
N TYR A 25 5.04 4.68 -7.54
CA TYR A 25 6.39 4.41 -7.08
C TYR A 25 7.17 3.71 -8.18
N HIS A 26 6.45 2.90 -8.95
CA HIS A 26 7.03 2.17 -10.06
C HIS A 26 6.83 2.91 -11.38
N ASN A 27 6.05 4.00 -11.34
CA ASN A 27 5.77 4.79 -12.53
C ASN A 27 4.81 4.04 -13.44
N VAL A 28 3.97 3.21 -12.83
CA VAL A 28 3.01 2.42 -13.58
C VAL A 28 1.62 3.04 -13.47
N SER A 29 0.93 3.09 -14.59
CA SER A 29 -0.41 3.67 -14.64
C SER A 29 -1.32 3.03 -13.59
N VAL A 30 -2.28 3.81 -13.13
CA VAL A 30 -3.23 3.34 -12.13
C VAL A 30 -4.47 4.21 -12.10
N ASN A 31 -5.55 3.70 -12.65
CA ASN A 31 -6.80 4.44 -12.68
C ASN A 31 -7.69 3.99 -11.53
N PRO A 32 -7.52 4.58 -10.34
CA PRO A 32 -8.30 4.23 -9.15
C PRO A 32 -9.78 4.08 -9.47
N GLU A 33 -10.22 4.84 -10.46
CA GLU A 33 -11.62 4.79 -10.88
C GLU A 33 -11.91 3.44 -11.52
N GLU A 34 -10.97 2.99 -12.34
CA GLU A 34 -11.09 1.71 -13.02
C GLU A 34 -10.85 0.57 -12.05
N ILE A 35 -9.82 0.73 -11.23
CA ILE A 35 -9.48 -0.28 -10.24
C ILE A 35 -10.71 -0.66 -9.42
N LYS A 36 -11.37 0.34 -8.88
CA LYS A 36 -12.55 0.11 -8.09
C LYS A 36 -13.67 -0.45 -8.96
N HIS A 37 -13.64 -0.04 -10.21
CA HIS A 37 -14.65 -0.48 -11.18
C HIS A 37 -14.49 -1.96 -11.49
N ARG A 38 -13.25 -2.43 -11.40
CA ARG A 38 -12.94 -3.82 -11.69
C ARG A 38 -12.81 -4.69 -10.44
N PHE A 39 -12.23 -4.12 -9.40
CA PHE A 39 -11.99 -4.86 -8.17
C PHE A 39 -12.85 -4.40 -7.00
N ASP A 40 -13.10 -3.10 -6.91
CA ASP A 40 -13.93 -2.58 -5.83
C ASP A 40 -15.37 -2.39 -6.28
N THR A 41 -15.81 -3.29 -7.15
CA THR A 41 -17.17 -3.25 -7.67
C THR A 41 -18.17 -3.17 -6.52
N ASP A 42 -17.77 -3.64 -5.35
CA ASP A 42 -18.63 -3.61 -4.18
C ASP A 42 -18.65 -2.23 -3.55
N GLY A 43 -17.59 -1.45 -3.80
CA GLY A 43 -17.50 -0.11 -3.26
C GLY A 43 -17.22 -0.14 -1.76
N THR A 44 -16.60 -1.21 -1.31
CA THR A 44 -16.28 -1.37 0.10
C THR A 44 -14.76 -1.42 0.31
N GLY A 45 -14.01 -1.00 -0.70
CA GLY A 45 -12.56 -1.02 -0.59
C GLY A 45 -11.96 -2.25 -1.22
N LEU A 46 -10.76 -2.09 -1.80
CA LEU A 46 -10.07 -3.20 -2.45
C LEU A 46 -9.75 -4.30 -1.46
N GLY A 47 -10.16 -5.51 -1.79
CA GLY A 47 -9.88 -6.65 -0.94
C GLY A 47 -8.43 -7.06 -1.07
N LEU A 48 -8.00 -8.01 -0.26
CA LEU A 48 -6.62 -8.47 -0.31
C LEU A 48 -6.31 -9.03 -1.69
N THR A 49 -7.08 -10.02 -2.11
CA THR A 49 -6.89 -10.64 -3.41
C THR A 49 -7.31 -9.70 -4.53
N SER A 50 -8.28 -8.84 -4.25
CA SER A 50 -8.78 -7.90 -5.23
C SER A 50 -7.77 -6.77 -5.41
N TRP A 51 -7.08 -6.43 -4.34
CA TRP A 51 -6.07 -5.39 -4.36
C TRP A 51 -4.84 -5.87 -5.11
N LEU A 52 -4.43 -7.11 -4.80
CA LEU A 52 -3.27 -7.70 -5.43
C LEU A 52 -3.49 -7.82 -6.94
N LEU A 53 -4.69 -8.22 -7.32
CA LEU A 53 -5.04 -8.37 -8.72
C LEU A 53 -5.18 -7.00 -9.38
N ALA A 54 -5.50 -5.99 -8.56
CA ALA A 54 -5.65 -4.63 -9.06
C ALA A 54 -4.31 -4.10 -9.57
N ALA A 55 -3.25 -4.48 -8.88
CA ALA A 55 -1.90 -4.06 -9.26
C ALA A 55 -1.47 -4.78 -10.52
N LYS A 56 -1.75 -6.08 -10.57
CA LYS A 56 -1.39 -6.89 -11.73
C LYS A 56 -2.03 -6.33 -12.98
N SER A 57 -3.28 -5.88 -12.84
CA SER A 57 -4.01 -5.31 -13.97
C SER A 57 -3.24 -4.13 -14.54
N LEU A 58 -2.43 -3.51 -13.69
CA LEU A 58 -1.62 -2.35 -14.10
C LEU A 58 -0.26 -2.80 -14.61
N GLU A 59 -0.12 -4.09 -14.92
CA GLU A 59 1.15 -4.62 -15.38
C GLU A 59 2.18 -4.49 -14.26
N LEU A 60 1.69 -4.34 -13.03
CA LEU A 60 2.55 -4.18 -11.87
C LEU A 60 2.60 -5.49 -11.07
N LYS A 61 3.78 -5.88 -10.65
CA LYS A 61 3.95 -7.11 -9.88
C LYS A 61 3.68 -6.89 -8.41
N VAL A 62 2.84 -7.72 -7.83
CA VAL A 62 2.50 -7.62 -6.43
C VAL A 62 2.25 -9.00 -5.83
N LYS A 63 2.34 -9.09 -4.51
CA LYS A 63 2.11 -10.36 -3.83
C LYS A 63 2.10 -10.19 -2.31
N GLN A 64 1.06 -10.75 -1.69
CA GLN A 64 0.94 -10.68 -0.24
C GLN A 64 1.57 -11.91 0.39
N VAL A 65 2.38 -11.70 1.40
CA VAL A 65 3.07 -12.80 2.07
C VAL A 65 3.20 -12.54 3.57
N LYS A 66 3.42 -13.62 4.31
CA LYS A 66 3.57 -13.52 5.76
C LYS A 66 5.05 -13.36 6.11
N LYS A 67 5.41 -12.16 6.53
CA LYS A 67 6.79 -11.87 6.89
C LYS A 67 6.89 -11.37 8.32
N THR A 68 8.10 -11.41 8.87
CA THR A 68 8.34 -10.95 10.22
C THR A 68 8.82 -9.50 10.22
N ILE A 69 8.43 -8.75 11.23
CA ILE A 69 8.82 -7.35 11.33
C ILE A 69 10.32 -7.17 11.09
N ASP A 70 11.11 -8.02 11.72
CA ASP A 70 12.56 -7.96 11.58
C ASP A 70 12.99 -8.30 10.15
N ARG A 71 12.08 -8.90 9.39
CA ARG A 71 12.36 -9.28 8.01
C ARG A 71 12.01 -8.13 7.06
N LEU A 72 11.09 -7.28 7.48
CA LEU A 72 10.67 -6.15 6.67
C LEU A 72 11.84 -5.27 6.29
N ASN A 73 12.92 -5.36 7.04
CA ASN A 73 14.12 -4.58 6.75
C ASN A 73 14.86 -5.14 5.54
N PHE A 74 14.46 -6.34 5.09
CA PHE A 74 15.12 -6.98 3.95
C PHE A 74 14.14 -7.24 2.80
N ILE A 75 12.84 -7.06 3.05
CA ILE A 75 11.84 -7.29 2.01
C ILE A 75 11.83 -6.17 0.99
N SER A 76 11.06 -6.35 -0.07
CA SER A 76 10.98 -5.36 -1.13
C SER A 76 10.25 -4.11 -0.67
N LEU A 77 11.02 -3.12 -0.22
CA LEU A 77 10.46 -1.85 0.22
C LEU A 77 10.48 -0.84 -0.93
N PRO A 78 9.49 0.08 -0.98
CA PRO A 78 8.42 0.18 0.02
C PRO A 78 7.39 -0.94 -0.13
N ALA A 79 7.01 -1.53 0.99
CA ALA A 79 6.04 -2.61 1.00
C ALA A 79 4.70 -2.15 1.58
N LEU A 80 3.64 -2.89 1.28
CA LEU A 80 2.32 -2.54 1.79
C LEU A 80 1.85 -3.52 2.85
N VAL A 81 1.74 -3.04 4.08
CA VAL A 81 1.30 -3.88 5.19
C VAL A 81 -0.22 -3.97 5.20
N TRP A 82 -0.75 -5.06 4.65
CA TRP A 82 -2.19 -5.25 4.60
C TRP A 82 -2.80 -5.22 5.99
N ARG A 83 -3.90 -4.51 6.12
CA ARG A 83 -4.59 -4.39 7.40
C ARG A 83 -6.04 -4.83 7.28
N GLU A 84 -6.37 -5.90 7.99
CA GLU A 84 -7.72 -6.43 7.97
C GLU A 84 -8.74 -5.36 8.30
N ASP A 85 -8.30 -4.32 8.99
CA ASP A 85 -9.17 -3.22 9.38
C ASP A 85 -9.30 -2.19 8.25
N GLY A 86 -8.56 -2.40 7.16
CA GLY A 86 -8.61 -1.46 6.04
C GLY A 86 -7.65 -0.30 6.20
N ARG A 87 -7.12 -0.12 7.41
CA ARG A 87 -6.18 0.95 7.68
C ARG A 87 -4.77 0.50 7.35
N HIS A 88 -4.52 0.24 6.08
CA HIS A 88 -3.21 -0.21 5.64
C HIS A 88 -2.24 0.96 5.51
N PHE A 89 -0.97 0.65 5.32
CA PHE A 89 0.06 1.67 5.16
C PHE A 89 1.28 1.07 4.46
N ILE A 90 2.00 1.89 3.73
CA ILE A 90 3.17 1.43 2.99
C ILE A 90 4.47 1.64 3.76
N LEU A 91 5.11 0.53 4.13
CA LEU A 91 6.37 0.58 4.85
C LEU A 91 7.49 0.92 3.87
N THR A 92 8.26 1.95 4.18
CA THR A 92 9.34 2.38 3.30
C THR A 92 10.71 2.23 3.95
N LYS A 93 10.73 2.14 5.27
CA LYS A 93 11.98 2.00 6.00
C LYS A 93 11.74 1.66 7.46
N VAL A 94 12.74 1.07 8.09
CA VAL A 94 12.66 0.69 9.50
C VAL A 94 13.93 1.06 10.23
N SER A 95 13.83 2.01 11.15
CA SER A 95 14.98 2.45 11.92
C SER A 95 15.21 1.55 13.13
N LYS A 96 15.76 0.37 12.90
CA LYS A 96 16.02 -0.57 13.98
C LYS A 96 16.81 0.10 15.10
N GLU A 97 17.57 1.11 14.73
CA GLU A 97 18.36 1.86 15.71
C GLU A 97 17.46 2.42 16.79
N ALA A 98 16.26 2.81 16.37
CA ALA A 98 15.27 3.37 17.27
C ALA A 98 14.00 2.52 17.28
N ASN A 99 14.01 1.39 16.56
CA ASN A 99 12.86 0.51 16.49
C ASN A 99 11.68 1.22 15.83
N ARG A 100 11.96 2.25 15.07
CA ARG A 100 10.92 3.00 14.38
C ARG A 100 10.67 2.44 12.99
N TYR A 101 9.55 2.83 12.39
CA TYR A 101 9.18 2.37 11.07
C TYR A 101 8.62 3.50 10.22
N LEU A 102 9.23 3.71 9.06
CA LEU A 102 8.78 4.75 8.14
C LEU A 102 7.70 4.21 7.22
N ILE A 103 6.48 4.69 7.40
CA ILE A 103 5.38 4.25 6.58
C ILE A 103 4.73 5.42 5.86
N PHE A 104 4.00 5.14 4.80
CA PHE A 104 3.31 6.20 4.07
C PHE A 104 1.86 6.26 4.49
N ASP A 105 1.47 7.39 5.06
CA ASP A 105 0.10 7.59 5.52
C ASP A 105 -0.85 7.75 4.35
N LEU A 106 -1.68 6.72 4.13
CA LEU A 106 -2.65 6.75 3.04
C LEU A 106 -3.79 7.72 3.33
N GLU A 107 -3.85 8.23 4.56
CA GLU A 107 -4.90 9.17 4.95
C GLU A 107 -4.46 10.60 4.70
N GLN A 108 -3.21 10.90 5.07
CA GLN A 108 -2.65 12.23 4.91
C GLN A 108 -1.85 12.34 3.62
N ARG A 109 -1.55 11.20 3.00
CA ARG A 109 -0.78 11.18 1.76
C ARG A 109 0.66 11.61 2.02
N ASN A 110 1.12 11.41 3.25
CA ASN A 110 2.47 11.77 3.62
C ASN A 110 3.10 10.70 4.49
N PRO A 111 4.44 10.58 4.46
CA PRO A 111 5.19 9.58 5.24
C PRO A 111 5.05 9.77 6.74
N ARG A 112 5.36 8.71 7.48
CA ARG A 112 5.28 8.74 8.93
C ARG A 112 6.24 7.73 9.55
N VAL A 113 6.72 8.04 10.74
CA VAL A 113 7.65 7.16 11.44
C VAL A 113 7.02 6.62 12.72
N LEU A 114 6.59 5.37 12.69
CA LEU A 114 5.98 4.74 13.85
C LEU A 114 7.03 4.04 14.70
N GLU A 115 6.66 3.77 15.93
CA GLU A 115 7.56 3.07 16.85
C GLU A 115 7.25 1.59 16.81
N GLN A 116 8.24 0.75 17.07
CA GLN A 116 8.03 -0.69 17.04
C GLN A 116 6.77 -1.07 17.82
N SER A 117 6.62 -0.48 19.00
CA SER A 117 5.45 -0.75 19.81
C SER A 117 4.19 -0.40 19.03
N GLU A 118 4.29 0.66 18.24
CA GLU A 118 3.18 1.10 17.41
C GLU A 118 3.02 0.19 16.20
N PHE A 119 4.11 0.02 15.46
CA PHE A 119 4.09 -0.84 14.28
C PHE A 119 3.66 -2.25 14.66
N GLU A 120 4.28 -2.77 15.71
CA GLU A 120 3.95 -4.10 16.21
C GLU A 120 2.47 -4.19 16.52
N ALA A 121 1.92 -3.07 16.96
CA ALA A 121 0.52 -2.97 17.30
C ALA A 121 -0.37 -2.83 16.07
N LEU A 122 0.25 -2.65 14.91
CA LEU A 122 -0.50 -2.50 13.67
C LEU A 122 -0.22 -3.65 12.70
N TYR A 123 1.01 -4.13 12.72
CA TYR A 123 1.41 -5.22 11.82
C TYR A 123 0.58 -6.47 12.10
N GLN A 124 0.25 -7.19 11.03
CA GLN A 124 -0.54 -8.41 11.16
C GLN A 124 0.21 -9.61 10.57
N GLY A 125 1.53 -9.60 10.69
CA GLY A 125 2.33 -10.69 10.16
C GLY A 125 2.11 -10.92 8.67
N HIS A 126 1.56 -9.91 7.99
CA HIS A 126 1.30 -10.01 6.57
C HIS A 126 1.65 -8.70 5.86
N ILE A 127 2.28 -8.81 4.71
CA ILE A 127 2.67 -7.64 3.93
C ILE A 127 2.65 -7.94 2.44
N ILE A 128 2.43 -6.89 1.65
CA ILE A 128 2.37 -7.03 0.21
C ILE A 128 3.59 -6.41 -0.46
N LEU A 129 4.36 -7.26 -1.14
CA LEU A 129 5.55 -6.80 -1.84
C LEU A 129 5.22 -6.50 -3.29
N ILE A 130 5.67 -5.34 -3.77
CA ILE A 130 5.39 -4.94 -5.15
C ILE A 130 6.67 -4.85 -5.97
N ALA A 131 6.50 -5.00 -7.28
CA ALA A 131 7.62 -4.93 -8.22
C ALA A 131 7.10 -4.54 -9.60
N SER A 132 7.94 -3.88 -10.38
CA SER A 132 7.55 -3.46 -11.71
C SER A 132 8.53 -3.95 -12.75
N ARG A 133 8.06 -4.05 -13.99
CA ARG A 133 8.89 -4.50 -15.10
C ARG A 133 10.24 -3.78 -15.11
N SER A 134 10.20 -2.46 -15.09
CA SER A 134 11.42 -1.66 -15.10
C SER A 134 12.16 -1.76 -13.77
N SER A 135 11.44 -2.10 -12.70
CA SER A 135 12.04 -2.22 -11.38
C SER A 135 11.51 -3.46 -10.67
N VAL A 136 12.21 -4.57 -10.83
CA VAL A 136 11.82 -5.82 -10.19
C VAL A 136 12.71 -6.12 -8.99
N ALA A 137 13.27 -5.05 -8.41
CA ALA A 137 14.15 -5.18 -7.26
C ALA A 137 13.54 -4.53 -6.03
N GLY A 138 12.88 -3.38 -6.24
CA GLY A 138 12.26 -2.67 -5.14
C GLY A 138 12.94 -1.34 -4.85
N LYS A 139 14.23 -1.41 -4.56
CA LYS A 139 15.01 -0.20 -4.26
C LYS A 139 15.09 0.70 -5.48
N LEU A 140 14.50 1.88 -5.37
CA LEU A 140 14.50 2.84 -6.46
C LEU A 140 15.26 4.12 -6.09
N ALA A 141 15.43 4.35 -4.79
CA ALA A 141 16.13 5.52 -4.30
C ALA A 141 17.64 5.38 -4.48
N LYS A 142 18.11 5.57 -5.71
CA LYS A 142 19.52 5.47 -6.01
C LYS A 142 20.03 6.72 -6.72
N GLY A 1 -25.30 6.86 -10.74
CA GLY A 1 -24.20 6.69 -9.74
C GLY A 1 -23.21 7.83 -9.76
N ALA A 2 -23.23 8.65 -8.72
CA ALA A 2 -22.33 9.79 -8.62
C ALA A 2 -22.56 10.78 -9.76
N MET A 3 -23.80 11.26 -9.88
CA MET A 3 -24.15 12.20 -10.93
C MET A 3 -25.64 12.54 -10.86
N ALA A 4 -25.94 13.78 -10.49
CA ALA A 4 -27.33 14.23 -10.39
C ALA A 4 -28.05 13.52 -9.25
N ASN A 5 -27.32 13.23 -8.19
CA ASN A 5 -27.89 12.54 -7.03
C ASN A 5 -27.36 13.14 -5.73
N SER A 6 -27.91 14.30 -5.37
CA SER A 6 -27.50 14.99 -4.15
C SER A 6 -26.08 15.54 -4.29
N ASP A 7 -25.11 14.64 -4.40
CA ASP A 7 -23.71 15.03 -4.54
C ASP A 7 -22.87 13.89 -5.11
N SER A 8 -21.61 14.18 -5.41
CA SER A 8 -20.70 13.18 -5.96
C SER A 8 -19.47 13.03 -5.07
N CYS A 9 -19.66 12.49 -3.88
CA CYS A 9 -18.56 12.29 -2.94
C CYS A 9 -17.69 11.10 -3.36
N HIS A 10 -16.38 11.30 -3.34
CA HIS A 10 -15.45 10.24 -3.72
C HIS A 10 -14.91 9.53 -2.49
N LYS A 11 -15.44 8.34 -2.21
CA LYS A 11 -15.01 7.56 -1.07
C LYS A 11 -13.53 7.19 -1.20
N ILE A 12 -12.77 7.49 -0.17
CA ILE A 12 -11.35 7.20 -0.17
C ILE A 12 -11.08 5.77 0.31
N ASP A 13 -10.12 5.13 -0.34
CA ASP A 13 -9.74 3.78 0.00
C ASP A 13 -8.23 3.66 0.09
N TYR A 14 -7.72 3.55 1.32
CA TYR A 14 -6.30 3.44 1.54
C TYR A 14 -5.69 2.36 0.67
N GLY A 15 -6.44 1.29 0.45
CA GLY A 15 -5.96 0.21 -0.37
C GLY A 15 -5.71 0.69 -1.79
N LEU A 16 -6.75 1.22 -2.41
CA LEU A 16 -6.63 1.73 -3.78
C LEU A 16 -5.57 2.81 -3.83
N TYR A 17 -5.55 3.64 -2.81
CA TYR A 17 -4.58 4.72 -2.71
C TYR A 17 -3.17 4.14 -2.66
N ALA A 18 -2.96 3.24 -1.70
CA ALA A 18 -1.68 2.59 -1.54
C ALA A 18 -1.25 1.97 -2.86
N LEU A 19 -2.22 1.39 -3.56
CA LEU A 19 -1.96 0.78 -4.85
C LEU A 19 -1.46 1.85 -5.80
N GLU A 20 -2.19 2.97 -5.83
CA GLU A 20 -1.83 4.10 -6.67
C GLU A 20 -0.42 4.57 -6.33
N ILE A 21 -0.19 4.81 -5.04
CA ILE A 21 1.11 5.26 -4.57
C ILE A 21 2.20 4.31 -5.06
N LEU A 22 1.98 3.03 -4.84
CA LEU A 22 2.92 2.01 -5.25
C LEU A 22 3.00 1.99 -6.76
N ALA A 23 1.85 2.19 -7.40
CA ALA A 23 1.78 2.22 -8.85
C ALA A 23 2.58 3.40 -9.37
N GLN A 24 2.44 4.53 -8.69
CA GLN A 24 3.16 5.73 -9.08
C GLN A 24 4.61 5.63 -8.65
N TYR A 25 4.84 4.88 -7.57
CA TYR A 25 6.18 4.68 -7.06
C TYR A 25 6.99 3.92 -8.10
N HIS A 26 6.31 3.04 -8.82
CA HIS A 26 6.92 2.25 -9.87
C HIS A 26 6.76 2.91 -11.23
N ASN A 27 6.01 4.01 -11.27
CA ASN A 27 5.78 4.73 -12.52
C ASN A 27 4.84 3.95 -13.42
N VAL A 28 3.95 3.21 -12.80
CA VAL A 28 2.97 2.40 -13.52
C VAL A 28 1.58 3.02 -13.38
N SER A 29 0.90 3.15 -14.51
CA SER A 29 -0.44 3.72 -14.53
C SER A 29 -1.35 3.07 -13.50
N VAL A 30 -2.39 3.79 -13.12
CA VAL A 30 -3.36 3.30 -12.14
C VAL A 30 -4.58 4.20 -12.10
N ASN A 31 -5.68 3.70 -12.67
CA ASN A 31 -6.92 4.45 -12.70
C ASN A 31 -7.82 4.00 -11.55
N PRO A 32 -7.65 4.61 -10.36
CA PRO A 32 -8.44 4.25 -9.19
C PRO A 32 -9.91 4.07 -9.52
N GLU A 33 -10.36 4.80 -10.52
CA GLU A 33 -11.75 4.72 -10.95
C GLU A 33 -12.00 3.36 -11.59
N GLU A 34 -11.07 2.95 -12.45
CA GLU A 34 -11.17 1.67 -13.13
C GLU A 34 -10.86 0.54 -12.17
N ILE A 35 -9.85 0.75 -11.33
CA ILE A 35 -9.46 -0.25 -10.36
C ILE A 35 -10.67 -0.66 -9.53
N LYS A 36 -11.35 0.32 -8.99
CA LYS A 36 -12.53 0.06 -8.19
C LYS A 36 -13.62 -0.54 -9.06
N HIS A 37 -13.62 -0.13 -10.33
CA HIS A 37 -14.58 -0.61 -11.29
C HIS A 37 -14.35 -2.08 -11.62
N ARG A 38 -13.09 -2.49 -11.48
CA ARG A 38 -12.70 -3.86 -11.78
C ARG A 38 -12.58 -4.73 -10.54
N PHE A 39 -12.12 -4.13 -9.44
CA PHE A 39 -11.90 -4.88 -8.22
C PHE A 39 -12.77 -4.42 -7.05
N ASP A 40 -13.04 -3.12 -6.96
CA ASP A 40 -13.87 -2.60 -5.88
C ASP A 40 -15.30 -2.43 -6.35
N THR A 41 -15.72 -3.31 -7.24
CA THR A 41 -17.07 -3.27 -7.76
C THR A 41 -18.11 -3.20 -6.65
N ASP A 42 -17.72 -3.67 -5.47
CA ASP A 42 -18.61 -3.64 -4.32
C ASP A 42 -18.61 -2.26 -3.67
N GLY A 43 -17.58 -1.47 -3.94
CA GLY A 43 -17.49 -0.14 -3.39
C GLY A 43 -17.22 -0.15 -1.90
N THR A 44 -16.62 -1.24 -1.42
CA THR A 44 -16.30 -1.38 -0.01
C THR A 44 -14.79 -1.44 0.22
N GLY A 45 -14.02 -1.07 -0.79
CA GLY A 45 -12.58 -1.09 -0.67
C GLY A 45 -11.96 -2.30 -1.33
N LEU A 46 -10.75 -2.14 -1.84
CA LEU A 46 -10.05 -3.23 -2.50
C LEU A 46 -9.74 -4.35 -1.53
N GLY A 47 -10.16 -5.56 -1.88
CA GLY A 47 -9.89 -6.70 -1.03
C GLY A 47 -8.44 -7.11 -1.12
N LEU A 48 -8.01 -8.03 -0.28
CA LEU A 48 -6.63 -8.47 -0.32
C LEU A 48 -6.29 -9.02 -1.70
N THR A 49 -7.07 -9.98 -2.16
CA THR A 49 -6.85 -10.59 -3.47
C THR A 49 -7.23 -9.61 -4.58
N SER A 50 -8.30 -8.86 -4.33
CA SER A 50 -8.78 -7.88 -5.31
C SER A 50 -7.78 -6.75 -5.47
N TRP A 51 -7.06 -6.47 -4.38
CA TRP A 51 -6.05 -5.43 -4.39
C TRP A 51 -4.81 -5.90 -5.11
N LEU A 52 -4.39 -7.12 -4.80
CA LEU A 52 -3.22 -7.71 -5.42
C LEU A 52 -3.42 -7.81 -6.93
N LEU A 53 -4.63 -8.19 -7.33
CA LEU A 53 -4.95 -8.32 -8.75
C LEU A 53 -5.03 -6.95 -9.40
N ALA A 54 -5.37 -5.94 -8.59
CA ALA A 54 -5.47 -4.57 -9.08
C ALA A 54 -4.11 -4.07 -9.54
N ALA A 55 -3.06 -4.50 -8.84
CA ALA A 55 -1.71 -4.10 -9.18
C ALA A 55 -1.23 -4.85 -10.42
N LYS A 56 -1.55 -6.14 -10.48
CA LYS A 56 -1.17 -6.97 -11.60
C LYS A 56 -1.81 -6.47 -12.88
N SER A 57 -3.04 -5.99 -12.76
CA SER A 57 -3.77 -5.46 -13.91
C SER A 57 -3.04 -4.26 -14.50
N LEU A 58 -2.24 -3.60 -13.66
CA LEU A 58 -1.46 -2.44 -14.08
C LEU A 58 -0.10 -2.87 -14.60
N GLU A 59 0.06 -4.14 -14.89
CA GLU A 59 1.35 -4.65 -15.34
C GLU A 59 2.39 -4.51 -14.23
N LEU A 60 1.89 -4.29 -13.01
CA LEU A 60 2.74 -4.14 -11.84
C LEU A 60 2.74 -5.41 -11.01
N LYS A 61 3.93 -5.86 -10.63
CA LYS A 61 4.06 -7.09 -9.85
C LYS A 61 3.75 -6.84 -8.38
N VAL A 62 3.05 -7.78 -7.77
CA VAL A 62 2.69 -7.70 -6.36
C VAL A 62 2.48 -9.08 -5.77
N LYS A 63 2.61 -9.20 -4.46
CA LYS A 63 2.44 -10.49 -3.81
C LYS A 63 2.35 -10.34 -2.30
N GLN A 64 1.21 -10.76 -1.74
CA GLN A 64 1.00 -10.70 -0.31
C GLN A 64 1.58 -11.94 0.34
N VAL A 65 2.40 -11.73 1.37
CA VAL A 65 3.03 -12.84 2.07
C VAL A 65 3.16 -12.55 3.55
N LYS A 66 3.29 -13.61 4.34
CA LYS A 66 3.42 -13.47 5.78
C LYS A 66 4.89 -13.41 6.18
N LYS A 67 5.33 -12.23 6.57
CA LYS A 67 6.71 -12.03 6.98
C LYS A 67 6.79 -11.45 8.38
N THR A 68 7.94 -11.59 9.00
CA THR A 68 8.15 -11.06 10.34
C THR A 68 8.72 -9.66 10.28
N ILE A 69 8.33 -8.82 11.23
CA ILE A 69 8.81 -7.44 11.28
C ILE A 69 10.30 -7.35 11.04
N ASP A 70 11.06 -8.25 11.68
CA ASP A 70 12.50 -8.27 11.54
C ASP A 70 12.93 -8.56 10.11
N ARG A 71 12.02 -9.11 9.32
CA ARG A 71 12.30 -9.43 7.92
C ARG A 71 11.97 -8.25 7.01
N LEU A 72 11.03 -7.42 7.44
CA LEU A 72 10.63 -6.25 6.67
C LEU A 72 11.82 -5.38 6.31
N ASN A 73 12.90 -5.52 7.07
CA ASN A 73 14.10 -4.75 6.80
C ASN A 73 14.85 -5.32 5.59
N PHE A 74 14.44 -6.51 5.14
CA PHE A 74 15.09 -7.15 4.00
C PHE A 74 14.11 -7.42 2.86
N ILE A 75 12.83 -7.15 3.07
CA ILE A 75 11.82 -7.38 2.04
C ILE A 75 11.85 -6.29 0.98
N SER A 76 11.07 -6.48 -0.07
CA SER A 76 11.00 -5.51 -1.17
C SER A 76 10.24 -4.25 -0.76
N LEU A 77 10.98 -3.25 -0.32
CA LEU A 77 10.39 -1.99 0.09
C LEU A 77 10.38 -1.00 -1.09
N PRO A 78 9.39 -0.08 -1.14
CA PRO A 78 8.35 0.04 -0.13
C PRO A 78 7.31 -1.07 -0.23
N ALA A 79 6.94 -1.62 0.91
CA ALA A 79 5.96 -2.69 0.96
C ALA A 79 4.65 -2.21 1.59
N LEU A 80 3.56 -2.86 1.22
CA LEU A 80 2.24 -2.48 1.75
C LEU A 80 1.77 -3.45 2.82
N VAL A 81 1.74 -2.97 4.05
CA VAL A 81 1.30 -3.80 5.16
C VAL A 81 -0.23 -3.91 5.18
N TRP A 82 -0.74 -5.01 4.65
CA TRP A 82 -2.17 -5.23 4.59
C TRP A 82 -2.79 -5.18 5.99
N ARG A 83 -3.89 -4.46 6.10
CA ARG A 83 -4.60 -4.33 7.37
C ARG A 83 -6.07 -4.68 7.22
N GLU A 84 -6.48 -5.73 7.90
CA GLU A 84 -7.86 -6.19 7.85
C GLU A 84 -8.81 -5.14 8.43
N ASP A 85 -8.25 -4.19 9.20
CA ASP A 85 -9.06 -3.14 9.80
C ASP A 85 -9.27 -1.97 8.83
N GLY A 86 -8.86 -2.14 7.58
CA GLY A 86 -9.03 -1.08 6.60
C GLY A 86 -8.16 0.11 6.91
N ARG A 87 -7.02 -0.14 7.52
CA ARG A 87 -6.07 0.92 7.88
C ARG A 87 -4.67 0.51 7.48
N HIS A 88 -4.46 0.31 6.19
CA HIS A 88 -3.16 -0.11 5.69
C HIS A 88 -2.20 1.08 5.57
N PHE A 89 -0.96 0.77 5.27
CA PHE A 89 0.08 1.78 5.10
C PHE A 89 1.27 1.19 4.39
N ILE A 90 2.01 2.02 3.67
CA ILE A 90 3.16 1.57 2.90
C ILE A 90 4.46 1.73 3.67
N LEU A 91 5.09 0.61 4.01
CA LEU A 91 6.37 0.62 4.71
C LEU A 91 7.47 0.98 3.73
N THR A 92 8.23 2.02 4.05
CA THR A 92 9.29 2.47 3.17
C THR A 92 10.67 2.28 3.79
N LYS A 93 10.71 2.12 5.10
CA LYS A 93 11.97 1.93 5.79
C LYS A 93 11.76 1.54 7.25
N VAL A 94 12.72 0.84 7.81
CA VAL A 94 12.65 0.41 9.19
C VAL A 94 13.96 0.68 9.92
N SER A 95 13.90 1.52 10.95
CA SER A 95 15.09 1.87 11.71
C SER A 95 15.23 0.96 12.94
N LYS A 96 15.64 -0.28 12.71
CA LYS A 96 15.81 -1.24 13.79
C LYS A 96 16.70 -0.67 14.88
N GLU A 97 17.61 0.23 14.49
CA GLU A 97 18.53 0.86 15.43
C GLU A 97 17.74 1.58 16.52
N ALA A 98 16.59 2.12 16.13
CA ALA A 98 15.74 2.85 17.05
C ALA A 98 14.38 2.16 17.21
N ASN A 99 14.14 1.11 16.43
CA ASN A 99 12.88 0.38 16.49
C ASN A 99 11.76 1.19 15.87
N ARG A 100 12.11 2.04 14.90
CA ARG A 100 11.12 2.87 14.24
C ARG A 100 10.78 2.30 12.86
N TYR A 101 9.69 2.79 12.29
CA TYR A 101 9.26 2.32 10.97
C TYR A 101 8.72 3.46 10.14
N LEU A 102 9.30 3.66 8.96
CA LEU A 102 8.88 4.71 8.07
C LEU A 102 7.78 4.21 7.15
N ILE A 103 6.57 4.71 7.34
CA ILE A 103 5.44 4.31 6.53
C ILE A 103 4.78 5.51 5.89
N PHE A 104 4.04 5.27 4.81
CA PHE A 104 3.35 6.35 4.13
C PHE A 104 1.88 6.38 4.55
N ASP A 105 1.48 7.47 5.19
CA ASP A 105 0.10 7.61 5.66
C ASP A 105 -0.85 7.75 4.48
N LEU A 106 -1.70 6.74 4.30
CA LEU A 106 -2.68 6.73 3.23
C LEU A 106 -3.82 7.70 3.50
N GLU A 107 -4.00 8.06 4.77
CA GLU A 107 -5.06 8.98 5.16
C GLU A 107 -4.63 10.42 4.94
N GLN A 108 -3.44 10.75 5.42
CA GLN A 108 -2.89 12.08 5.28
C GLN A 108 -2.13 12.23 3.97
N ARG A 109 -1.74 11.11 3.39
CA ARG A 109 -0.99 11.11 2.14
C ARG A 109 0.42 11.62 2.36
N ASN A 110 0.96 11.33 3.54
CA ASN A 110 2.30 11.77 3.89
C ASN A 110 3.05 10.67 4.64
N PRO A 111 4.40 10.70 4.58
CA PRO A 111 5.23 9.71 5.26
C PRO A 111 5.16 9.86 6.77
N ARG A 112 5.51 8.80 7.49
CA ARG A 112 5.48 8.80 8.94
C ARG A 112 6.43 7.77 9.50
N VAL A 113 6.92 8.04 10.71
CA VAL A 113 7.83 7.13 11.38
C VAL A 113 7.21 6.60 12.66
N LEU A 114 6.76 5.35 12.61
CA LEU A 114 6.12 4.73 13.77
C LEU A 114 7.13 4.00 14.62
N GLU A 115 6.81 3.88 15.90
CA GLU A 115 7.67 3.18 16.83
C GLU A 115 7.30 1.70 16.82
N GLN A 116 8.27 0.85 17.12
CA GLN A 116 8.01 -0.59 17.11
C GLN A 116 6.72 -0.93 17.84
N SER A 117 6.54 -0.30 19.01
CA SER A 117 5.33 -0.53 19.78
C SER A 117 4.12 -0.17 18.95
N GLU A 118 4.26 0.88 18.14
CA GLU A 118 3.19 1.34 17.27
C GLU A 118 3.04 0.41 16.07
N PHE A 119 4.15 0.15 15.41
CA PHE A 119 4.16 -0.72 14.24
C PHE A 119 3.69 -2.12 14.65
N GLU A 120 4.32 -2.67 15.67
CA GLU A 120 3.96 -3.99 16.17
C GLU A 120 2.48 -4.03 16.49
N ALA A 121 1.98 -2.89 16.95
CA ALA A 121 0.59 -2.76 17.33
C ALA A 121 -0.32 -2.65 16.11
N LEU A 122 0.28 -2.47 14.93
CA LEU A 122 -0.49 -2.36 13.70
C LEU A 122 -0.23 -3.54 12.77
N TYR A 123 1.02 -3.98 12.71
CA TYR A 123 1.41 -5.09 11.85
C TYR A 123 0.61 -6.34 12.18
N GLN A 124 0.24 -7.10 11.15
CA GLN A 124 -0.52 -8.32 11.34
C GLN A 124 0.23 -9.54 10.79
N GLY A 125 1.53 -9.40 10.58
CA GLY A 125 2.33 -10.50 10.08
C GLY A 125 2.19 -10.70 8.57
N HIS A 126 1.30 -9.94 7.94
CA HIS A 126 1.08 -10.06 6.50
C HIS A 126 1.40 -8.74 5.80
N ILE A 127 2.21 -8.81 4.76
CA ILE A 127 2.59 -7.63 4.01
C ILE A 127 2.55 -7.90 2.50
N ILE A 128 2.31 -6.85 1.73
CA ILE A 128 2.24 -6.96 0.28
C ILE A 128 3.47 -6.36 -0.38
N LEU A 129 4.25 -7.20 -1.03
CA LEU A 129 5.46 -6.75 -1.72
C LEU A 129 5.13 -6.42 -3.16
N ILE A 130 5.56 -5.24 -3.61
CA ILE A 130 5.30 -4.81 -4.98
C ILE A 130 6.59 -4.69 -5.78
N ALA A 131 6.48 -4.99 -7.06
CA ALA A 131 7.62 -4.92 -7.97
C ALA A 131 7.16 -4.50 -9.36
N SER A 132 8.01 -3.83 -10.10
CA SER A 132 7.65 -3.38 -11.44
C SER A 132 8.73 -3.75 -12.46
N ARG A 133 8.43 -3.54 -13.73
CA ARG A 133 9.37 -3.84 -14.81
C ARG A 133 10.77 -3.35 -14.49
N SER A 134 10.85 -2.18 -13.84
CA SER A 134 12.13 -1.60 -13.46
C SER A 134 12.56 -2.09 -12.08
N SER A 135 11.58 -2.36 -11.23
CA SER A 135 11.83 -2.83 -9.87
C SER A 135 12.78 -1.89 -9.12
N VAL A 136 12.84 -2.06 -7.81
CA VAL A 136 13.70 -1.24 -6.97
C VAL A 136 15.06 -1.91 -6.75
N ALA A 137 15.43 -2.79 -7.66
CA ALA A 137 16.70 -3.49 -7.57
C ALA A 137 17.87 -2.51 -7.48
N GLY A 138 17.67 -1.31 -7.99
CA GLY A 138 18.70 -0.30 -7.96
C GLY A 138 18.24 1.01 -7.34
N LYS A 139 18.13 2.05 -8.16
CA LYS A 139 17.70 3.35 -7.69
C LYS A 139 16.68 3.96 -8.65
N LEU A 140 15.56 4.42 -8.11
CA LEU A 140 14.51 5.02 -8.91
C LEU A 140 14.69 6.53 -9.00
N ALA A 141 15.11 7.15 -7.91
CA ALA A 141 15.34 8.59 -7.86
C ALA A 141 16.47 8.94 -6.91
N LYS A 142 17.63 8.32 -7.13
CA LYS A 142 18.79 8.58 -6.29
C LYS A 142 19.92 9.21 -7.10
N GLY A 1 -13.86 17.92 -14.80
CA GLY A 1 -13.68 17.75 -13.34
C GLY A 1 -14.93 18.11 -12.55
N ALA A 2 -15.55 19.23 -12.91
CA ALA A 2 -16.76 19.68 -12.24
C ALA A 2 -17.99 19.47 -13.12
N MET A 3 -18.25 18.22 -13.49
CA MET A 3 -19.39 17.89 -14.33
C MET A 3 -19.83 16.44 -14.12
N ALA A 4 -19.77 15.99 -12.87
CA ALA A 4 -20.17 14.64 -12.52
C ALA A 4 -19.52 13.62 -13.47
N ASN A 5 -18.27 13.89 -13.86
CA ASN A 5 -17.56 13.00 -14.76
C ASN A 5 -16.88 11.87 -13.98
N SER A 6 -16.54 12.17 -12.72
CA SER A 6 -15.90 11.20 -11.85
C SER A 6 -16.42 11.33 -10.42
N ASP A 7 -17.70 11.66 -10.30
CA ASP A 7 -18.33 11.84 -9.00
C ASP A 7 -17.66 12.96 -8.21
N SER A 8 -18.46 13.70 -7.44
CA SER A 8 -17.93 14.80 -6.65
C SER A 8 -17.31 14.28 -5.35
N CYS A 9 -15.99 14.09 -5.36
CA CYS A 9 -15.28 13.60 -4.19
C CYS A 9 -15.87 12.26 -3.72
N HIS A 10 -15.28 11.17 -4.18
CA HIS A 10 -15.74 9.83 -3.80
C HIS A 10 -15.00 9.34 -2.55
N LYS A 11 -15.60 8.38 -1.87
CA LYS A 11 -15.00 7.81 -0.67
C LYS A 11 -13.57 7.38 -0.94
N ILE A 12 -12.68 7.68 -0.01
CA ILE A 12 -11.28 7.33 -0.15
C ILE A 12 -10.99 5.94 0.39
N ASP A 13 -10.14 5.22 -0.29
CA ASP A 13 -9.75 3.87 0.10
C ASP A 13 -8.24 3.75 0.18
N TYR A 14 -7.74 3.61 1.40
CA TYR A 14 -6.30 3.49 1.62
C TYR A 14 -5.71 2.41 0.74
N GLY A 15 -6.49 1.35 0.49
CA GLY A 15 -6.02 0.28 -0.34
C GLY A 15 -5.77 0.77 -1.75
N LEU A 16 -6.80 1.31 -2.37
CA LEU A 16 -6.68 1.83 -3.72
C LEU A 16 -5.60 2.90 -3.76
N TYR A 17 -5.60 3.73 -2.73
CA TYR A 17 -4.61 4.80 -2.62
C TYR A 17 -3.21 4.20 -2.57
N ALA A 18 -3.02 3.22 -1.70
CA ALA A 18 -1.74 2.55 -1.59
C ALA A 18 -1.34 1.98 -2.94
N LEU A 19 -2.33 1.41 -3.62
CA LEU A 19 -2.09 0.84 -4.94
C LEU A 19 -1.60 1.93 -5.87
N GLU A 20 -2.33 3.04 -5.87
CA GLU A 20 -1.97 4.19 -6.68
C GLU A 20 -0.56 4.64 -6.37
N ILE A 21 -0.31 4.85 -5.08
CA ILE A 21 0.99 5.29 -4.61
C ILE A 21 2.08 4.33 -5.07
N LEU A 22 1.84 3.05 -4.85
CA LEU A 22 2.78 2.02 -5.25
C LEU A 22 2.87 1.99 -6.76
N ALA A 23 1.73 2.24 -7.40
CA ALA A 23 1.67 2.26 -8.85
C ALA A 23 2.47 3.44 -9.37
N GLN A 24 2.35 4.56 -8.67
CA GLN A 24 3.06 5.76 -9.03
C GLN A 24 4.52 5.65 -8.63
N TYR A 25 4.75 4.88 -7.57
CA TYR A 25 6.11 4.66 -7.09
C TYR A 25 6.91 3.93 -8.15
N HIS A 26 6.22 3.07 -8.89
CA HIS A 26 6.83 2.30 -9.95
C HIS A 26 6.60 2.97 -11.31
N ASN A 27 5.94 4.12 -11.30
CA ASN A 27 5.66 4.85 -12.53
C ASN A 27 4.73 4.04 -13.43
N VAL A 28 3.90 3.22 -12.80
CA VAL A 28 2.96 2.38 -13.52
C VAL A 28 1.56 2.98 -13.46
N SER A 29 0.95 3.14 -14.62
CA SER A 29 -0.38 3.70 -14.72
C SER A 29 -1.35 3.08 -13.73
N VAL A 30 -2.34 3.85 -13.30
CA VAL A 30 -3.33 3.39 -12.36
C VAL A 30 -4.58 4.25 -12.43
N ASN A 31 -5.71 3.63 -12.74
CA ASN A 31 -6.97 4.34 -12.83
C ASN A 31 -7.87 3.95 -11.67
N PRO A 32 -7.75 4.65 -10.53
CA PRO A 32 -8.53 4.38 -9.33
C PRO A 32 -9.99 4.11 -9.66
N GLU A 33 -10.45 4.73 -10.74
CA GLU A 33 -11.83 4.57 -11.17
C GLU A 33 -12.03 3.17 -11.71
N GLU A 34 -11.09 2.73 -12.53
CA GLU A 34 -11.15 1.40 -13.12
C GLU A 34 -10.83 0.34 -12.09
N ILE A 35 -9.82 0.62 -11.27
CA ILE A 35 -9.39 -0.30 -10.23
C ILE A 35 -10.59 -0.67 -9.37
N LYS A 36 -11.37 0.33 -9.01
CA LYS A 36 -12.54 0.09 -8.20
C LYS A 36 -13.66 -0.51 -9.03
N HIS A 37 -13.67 -0.15 -10.29
CA HIS A 37 -14.68 -0.64 -11.21
C HIS A 37 -14.54 -2.14 -11.44
N ARG A 38 -13.30 -2.60 -11.44
CA ARG A 38 -13.00 -4.01 -11.66
C ARG A 38 -12.72 -4.77 -10.37
N PHE A 39 -12.13 -4.09 -9.40
CA PHE A 39 -11.76 -4.74 -8.15
C PHE A 39 -12.60 -4.28 -6.96
N ASP A 40 -13.02 -3.02 -6.95
CA ASP A 40 -13.83 -2.51 -5.85
C ASP A 40 -15.29 -2.43 -6.25
N THR A 41 -15.71 -3.41 -7.05
CA THR A 41 -17.09 -3.46 -7.52
C THR A 41 -18.07 -3.33 -6.36
N ASP A 42 -17.61 -3.68 -5.16
CA ASP A 42 -18.46 -3.59 -3.98
C ASP A 42 -18.50 -2.15 -3.45
N GLY A 43 -17.49 -1.38 -3.81
CA GLY A 43 -17.43 0.01 -3.37
C GLY A 43 -17.11 0.13 -1.89
N THR A 44 -16.53 -0.92 -1.34
CA THR A 44 -16.17 -0.94 0.08
C THR A 44 -14.67 -1.04 0.28
N GLY A 45 -13.91 -0.80 -0.78
CA GLY A 45 -12.46 -0.88 -0.69
C GLY A 45 -11.90 -2.12 -1.36
N LEU A 46 -10.67 -2.02 -1.83
CA LEU A 46 -10.02 -3.13 -2.50
C LEU A 46 -9.68 -4.25 -1.52
N GLY A 47 -10.08 -5.47 -1.87
CA GLY A 47 -9.79 -6.60 -1.02
C GLY A 47 -8.35 -7.03 -1.17
N LEU A 48 -7.89 -7.92 -0.31
CA LEU A 48 -6.51 -8.38 -0.39
C LEU A 48 -6.23 -8.98 -1.75
N THR A 49 -7.07 -9.90 -2.17
CA THR A 49 -6.92 -10.55 -3.46
C THR A 49 -7.24 -9.61 -4.61
N SER A 50 -8.28 -8.80 -4.43
CA SER A 50 -8.69 -7.85 -5.46
C SER A 50 -7.66 -6.75 -5.60
N TRP A 51 -7.05 -6.38 -4.49
CA TRP A 51 -6.03 -5.35 -4.48
C TRP A 51 -4.78 -5.86 -5.17
N LEU A 52 -4.38 -7.06 -4.81
CA LEU A 52 -3.20 -7.68 -5.40
C LEU A 52 -3.37 -7.80 -6.91
N LEU A 53 -4.54 -8.28 -7.31
CA LEU A 53 -4.86 -8.44 -8.72
C LEU A 53 -4.99 -7.08 -9.39
N ALA A 54 -5.31 -6.07 -8.58
CA ALA A 54 -5.46 -4.71 -9.09
C ALA A 54 -4.12 -4.17 -9.55
N ALA A 55 -3.07 -4.53 -8.82
CA ALA A 55 -1.72 -4.10 -9.15
C ALA A 55 -1.21 -4.86 -10.37
N LYS A 56 -1.52 -6.14 -10.41
CA LYS A 56 -1.12 -6.99 -11.53
C LYS A 56 -1.77 -6.50 -12.81
N SER A 57 -3.02 -6.07 -12.70
CA SER A 57 -3.76 -5.57 -13.86
C SER A 57 -3.03 -4.36 -14.45
N LEU A 58 -2.27 -3.67 -13.59
CA LEU A 58 -1.50 -2.51 -14.02
C LEU A 58 -0.12 -2.92 -14.52
N GLU A 59 0.08 -4.22 -14.74
CA GLU A 59 1.35 -4.73 -15.18
C GLU A 59 2.40 -4.54 -14.08
N LEU A 60 1.91 -4.34 -12.85
CA LEU A 60 2.79 -4.15 -11.70
C LEU A 60 2.83 -5.43 -10.86
N LYS A 61 4.04 -5.88 -10.54
CA LYS A 61 4.21 -7.09 -9.77
C LYS A 61 3.90 -6.85 -8.29
N VAL A 62 3.05 -7.70 -7.74
CA VAL A 62 2.67 -7.61 -6.34
C VAL A 62 2.42 -9.00 -5.76
N LYS A 63 2.54 -9.13 -4.44
CA LYS A 63 2.31 -10.41 -3.80
C LYS A 63 2.23 -10.26 -2.28
N GLN A 64 1.16 -10.80 -1.72
CA GLN A 64 0.95 -10.77 -0.28
C GLN A 64 1.55 -12.00 0.36
N VAL A 65 2.37 -11.79 1.38
CA VAL A 65 3.03 -12.91 2.06
C VAL A 65 3.13 -12.66 3.56
N LYS A 66 3.14 -13.74 4.33
CA LYS A 66 3.24 -13.65 5.78
C LYS A 66 4.71 -13.58 6.20
N LYS A 67 5.14 -12.41 6.63
CA LYS A 67 6.51 -12.23 7.05
C LYS A 67 6.58 -11.59 8.43
N THR A 68 7.70 -11.76 9.10
CA THR A 68 7.90 -11.19 10.42
C THR A 68 8.55 -9.81 10.33
N ILE A 69 8.27 -8.96 11.30
CA ILE A 69 8.82 -7.61 11.31
C ILE A 69 10.32 -7.62 11.02
N ASP A 70 11.00 -8.65 11.52
CA ASP A 70 12.44 -8.78 11.33
C ASP A 70 12.77 -9.04 9.86
N ARG A 71 11.79 -9.47 9.08
CA ARG A 71 12.00 -9.75 7.67
C ARG A 71 11.83 -8.48 6.83
N LEU A 72 11.00 -7.57 7.32
CA LEU A 72 10.75 -6.31 6.61
C LEU A 72 12.05 -5.60 6.26
N ASN A 73 13.11 -5.92 6.99
CA ASN A 73 14.41 -5.33 6.74
C ASN A 73 15.03 -5.88 5.45
N PHE A 74 14.48 -6.99 4.95
CA PHE A 74 15.01 -7.63 3.75
C PHE A 74 13.95 -7.72 2.65
N ILE A 75 12.71 -7.33 2.93
CA ILE A 75 11.65 -7.40 1.93
C ILE A 75 11.80 -6.29 0.90
N SER A 76 10.97 -6.34 -0.13
CA SER A 76 11.00 -5.36 -1.20
C SER A 76 10.25 -4.09 -0.81
N LEU A 77 10.99 -3.11 -0.30
CA LEU A 77 10.40 -1.84 0.11
C LEU A 77 10.36 -0.87 -1.07
N PRO A 78 9.36 0.03 -1.13
CA PRO A 78 8.32 0.13 -0.10
C PRO A 78 7.30 -0.99 -0.20
N ALA A 79 6.99 -1.59 0.95
CA ALA A 79 6.03 -2.69 1.01
C ALA A 79 4.72 -2.24 1.62
N LEU A 80 3.63 -2.85 1.19
CA LEU A 80 2.31 -2.49 1.71
C LEU A 80 1.86 -3.47 2.80
N VAL A 81 1.81 -2.98 4.03
CA VAL A 81 1.40 -3.80 5.15
C VAL A 81 -0.12 -3.93 5.18
N TRP A 82 -0.62 -5.02 4.62
CA TRP A 82 -2.05 -5.25 4.58
C TRP A 82 -2.64 -5.26 5.99
N ARG A 83 -3.76 -4.55 6.16
CA ARG A 83 -4.42 -4.46 7.44
C ARG A 83 -5.87 -4.90 7.33
N GLU A 84 -6.20 -5.99 8.01
CA GLU A 84 -7.55 -6.53 8.00
C GLU A 84 -8.56 -5.49 8.47
N ASP A 85 -8.07 -4.48 9.20
CA ASP A 85 -8.93 -3.43 9.71
C ASP A 85 -9.18 -2.34 8.65
N GLY A 86 -8.65 -2.55 7.45
CA GLY A 86 -8.82 -1.56 6.39
C GLY A 86 -7.98 -0.32 6.60
N ARG A 87 -7.06 -0.37 7.55
CA ARG A 87 -6.18 0.74 7.83
C ARG A 87 -4.74 0.37 7.48
N HIS A 88 -4.50 0.18 6.20
CA HIS A 88 -3.17 -0.20 5.72
C HIS A 88 -2.25 1.00 5.59
N PHE A 89 -0.98 0.72 5.31
CA PHE A 89 0.01 1.76 5.14
C PHE A 89 1.23 1.20 4.42
N ILE A 90 1.95 2.06 3.72
CA ILE A 90 3.11 1.64 2.95
C ILE A 90 4.40 1.79 3.75
N LEU A 91 5.07 0.67 3.99
CA LEU A 91 6.33 0.68 4.71
C LEU A 91 7.45 1.05 3.75
N THR A 92 8.17 2.12 4.07
CA THR A 92 9.25 2.58 3.21
C THR A 92 10.62 2.39 3.85
N LYS A 93 10.64 2.17 5.17
CA LYS A 93 11.89 1.98 5.87
C LYS A 93 11.65 1.68 7.34
N VAL A 94 12.65 1.08 7.98
CA VAL A 94 12.55 0.75 9.40
C VAL A 94 13.87 0.98 10.11
N SER A 95 13.86 1.93 11.04
CA SER A 95 15.06 2.26 11.80
C SER A 95 15.25 1.27 12.95
N LYS A 96 15.70 0.07 12.61
CA LYS A 96 15.90 -0.98 13.61
C LYS A 96 16.76 -0.46 14.76
N GLU A 97 17.64 0.49 14.46
CA GLU A 97 18.50 1.07 15.47
C GLU A 97 17.69 1.79 16.53
N ALA A 98 16.51 2.26 16.13
CA ALA A 98 15.63 2.97 17.04
C ALA A 98 14.30 2.24 17.20
N ASN A 99 14.09 1.19 16.41
CA ASN A 99 12.87 0.40 16.47
C ASN A 99 11.70 1.17 15.84
N ARG A 100 12.01 2.16 15.02
CA ARG A 100 10.98 2.96 14.36
C ARG A 100 10.68 2.42 12.97
N TYR A 101 9.57 2.86 12.40
CA TYR A 101 9.17 2.40 11.08
C TYR A 101 8.64 3.55 10.23
N LEU A 102 9.27 3.75 9.08
CA LEU A 102 8.88 4.81 8.16
C LEU A 102 7.79 4.30 7.23
N ILE A 103 6.58 4.82 7.39
CA ILE A 103 5.47 4.41 6.57
C ILE A 103 4.81 5.62 5.90
N PHE A 104 4.09 5.37 4.83
CA PHE A 104 3.40 6.45 4.13
C PHE A 104 1.94 6.47 4.55
N ASP A 105 1.52 7.57 5.17
CA ASP A 105 0.14 7.71 5.62
C ASP A 105 -0.82 7.83 4.45
N LEU A 106 -1.66 6.82 4.27
CA LEU A 106 -2.64 6.81 3.20
C LEU A 106 -3.80 7.75 3.48
N GLU A 107 -3.91 8.20 4.73
CA GLU A 107 -4.98 9.11 5.14
C GLU A 107 -4.56 10.55 4.92
N GLN A 108 -3.32 10.85 5.28
CA GLN A 108 -2.78 12.19 5.16
C GLN A 108 -1.95 12.34 3.88
N ARG A 109 -1.57 11.21 3.29
CA ARG A 109 -0.77 11.23 2.07
C ARG A 109 0.63 11.71 2.35
N ASN A 110 1.08 11.53 3.59
CA ASN A 110 2.40 11.96 3.99
C ASN A 110 3.16 10.85 4.71
N PRO A 111 4.50 10.85 4.63
CA PRO A 111 5.32 9.85 5.29
C PRO A 111 5.30 10.00 6.80
N ARG A 112 5.50 8.90 7.50
CA ARG A 112 5.49 8.92 8.96
C ARG A 112 6.43 7.87 9.52
N VAL A 113 6.93 8.13 10.72
CA VAL A 113 7.84 7.21 11.38
C VAL A 113 7.23 6.69 12.67
N LEU A 114 6.75 5.47 12.64
CA LEU A 114 6.12 4.87 13.81
C LEU A 114 7.15 4.18 14.68
N GLU A 115 6.74 3.84 15.90
CA GLU A 115 7.60 3.16 16.83
C GLU A 115 7.27 1.67 16.80
N GLN A 116 8.24 0.83 17.10
CA GLN A 116 8.00 -0.61 17.08
C GLN A 116 6.73 -0.95 17.84
N SER A 117 6.54 -0.33 18.99
CA SER A 117 5.34 -0.56 19.79
C SER A 117 4.12 -0.22 18.96
N GLU A 118 4.25 0.84 18.16
CA GLU A 118 3.16 1.27 17.28
C GLU A 118 3.04 0.35 16.08
N PHE A 119 4.14 0.16 15.38
CA PHE A 119 4.14 -0.70 14.20
C PHE A 119 3.69 -2.10 14.59
N GLU A 120 4.28 -2.63 15.66
CA GLU A 120 3.92 -3.95 16.15
C GLU A 120 2.43 -3.98 16.46
N ALA A 121 1.94 -2.84 16.91
CA ALA A 121 0.53 -2.70 17.25
C ALA A 121 -0.35 -2.60 16.01
N LEU A 122 0.29 -2.57 14.84
CA LEU A 122 -0.45 -2.48 13.58
C LEU A 122 -0.15 -3.66 12.67
N TYR A 123 1.11 -4.09 12.66
CA TYR A 123 1.53 -5.21 11.83
C TYR A 123 0.84 -6.50 12.24
N GLN A 124 0.44 -7.30 11.24
CA GLN A 124 -0.24 -8.56 11.52
C GLN A 124 0.53 -9.74 10.91
N GLY A 125 1.81 -9.54 10.62
CA GLY A 125 2.61 -10.61 10.05
C GLY A 125 2.42 -10.76 8.55
N HIS A 126 1.47 -10.03 7.99
CA HIS A 126 1.20 -10.10 6.55
C HIS A 126 1.58 -8.79 5.86
N ILE A 127 2.23 -8.90 4.72
CA ILE A 127 2.63 -7.73 3.97
C ILE A 127 2.62 -7.99 2.47
N ILE A 128 2.36 -6.95 1.70
CA ILE A 128 2.29 -7.05 0.25
C ILE A 128 3.53 -6.46 -0.39
N LEU A 129 4.33 -7.32 -1.02
CA LEU A 129 5.54 -6.87 -1.69
C LEU A 129 5.25 -6.51 -3.14
N ILE A 130 5.69 -5.34 -3.57
CA ILE A 130 5.45 -4.89 -4.94
C ILE A 130 6.76 -4.77 -5.72
N ALA A 131 6.62 -4.89 -7.04
CA ALA A 131 7.76 -4.80 -7.95
C ALA A 131 7.26 -4.43 -9.34
N SER A 132 8.10 -3.77 -10.11
CA SER A 132 7.72 -3.36 -11.46
C SER A 132 8.70 -3.90 -12.49
N ARG A 133 8.16 -4.24 -13.66
CA ARG A 133 8.98 -4.77 -14.76
C ARG A 133 10.21 -3.90 -14.99
N SER A 134 10.08 -2.61 -14.75
CA SER A 134 11.19 -1.68 -14.93
C SER A 134 11.98 -1.52 -13.63
N SER A 135 11.36 -1.84 -12.51
CA SER A 135 12.01 -1.72 -11.21
C SER A 135 11.66 -2.90 -10.31
N VAL A 136 12.30 -4.03 -10.54
CA VAL A 136 12.07 -5.22 -9.74
C VAL A 136 12.89 -5.19 -8.46
N ALA A 137 13.98 -4.43 -8.48
CA ALA A 137 14.85 -4.30 -7.34
C ALA A 137 14.09 -3.82 -6.11
N GLY A 138 13.11 -2.95 -6.35
CA GLY A 138 12.31 -2.42 -5.26
C GLY A 138 12.68 -0.99 -4.92
N LYS A 139 13.97 -0.75 -4.71
CA LYS A 139 14.46 0.59 -4.37
C LYS A 139 14.64 1.43 -5.62
N LEU A 140 14.39 2.73 -5.49
CA LEU A 140 14.53 3.65 -6.61
C LEU A 140 15.16 4.97 -6.15
N ALA A 141 14.64 5.51 -5.05
CA ALA A 141 15.14 6.76 -4.51
C ALA A 141 16.10 6.51 -3.35
N LYS A 142 17.08 5.64 -3.59
CA LYS A 142 18.07 5.30 -2.58
C LYS A 142 19.48 5.36 -3.15
N GLY A 1 -33.22 16.57 1.51
CA GLY A 1 -31.87 16.19 0.98
C GLY A 1 -31.92 15.81 -0.48
N ALA A 2 -31.78 16.79 -1.36
CA ALA A 2 -31.79 16.54 -2.80
C ALA A 2 -30.43 16.83 -3.43
N MET A 3 -29.37 16.46 -2.72
CA MET A 3 -28.02 16.69 -3.20
C MET A 3 -27.13 15.47 -2.93
N ALA A 4 -26.67 14.82 -4.00
CA ALA A 4 -25.81 13.65 -3.87
C ALA A 4 -24.47 13.88 -4.58
N ASN A 5 -23.86 15.03 -4.32
CA ASN A 5 -22.58 15.37 -4.93
C ASN A 5 -21.44 15.17 -3.94
N SER A 6 -20.84 13.97 -3.96
CA SER A 6 -19.74 13.66 -3.06
C SER A 6 -20.14 13.91 -1.60
N ASP A 7 -21.07 13.09 -1.11
CA ASP A 7 -21.54 13.22 0.27
C ASP A 7 -20.39 13.39 1.25
N SER A 8 -19.39 12.51 1.16
CA SER A 8 -18.23 12.57 2.03
C SER A 8 -16.98 12.98 1.27
N CYS A 9 -17.17 13.86 0.28
CA CYS A 9 -16.06 14.33 -0.54
C CYS A 9 -15.27 13.17 -1.14
N HIS A 10 -15.95 12.34 -1.92
CA HIS A 10 -15.31 11.19 -2.55
C HIS A 10 -14.74 10.24 -1.51
N LYS A 11 -15.38 9.09 -1.34
CA LYS A 11 -14.92 8.10 -0.38
C LYS A 11 -13.49 7.69 -0.67
N ILE A 12 -12.66 7.65 0.37
CA ILE A 12 -11.26 7.29 0.21
C ILE A 12 -11.03 5.81 0.50
N ASP A 13 -10.07 5.24 -0.20
CA ASP A 13 -9.72 3.83 -0.04
C ASP A 13 -8.20 3.69 0.06
N TYR A 14 -7.71 3.56 1.28
CA TYR A 14 -6.27 3.42 1.52
C TYR A 14 -5.67 2.34 0.63
N GLY A 15 -6.42 1.27 0.43
CA GLY A 15 -5.93 0.20 -0.41
C GLY A 15 -5.65 0.70 -1.81
N LEU A 16 -6.69 1.24 -2.45
CA LEU A 16 -6.55 1.78 -3.78
C LEU A 16 -5.48 2.85 -3.80
N TYR A 17 -5.48 3.68 -2.76
CA TYR A 17 -4.51 4.74 -2.65
C TYR A 17 -3.11 4.15 -2.58
N ALA A 18 -2.96 3.13 -1.74
CA ALA A 18 -1.68 2.45 -1.61
C ALA A 18 -1.26 1.88 -2.95
N LEU A 19 -2.25 1.38 -3.68
CA LEU A 19 -1.99 0.82 -5.01
C LEU A 19 -1.50 1.93 -5.93
N GLU A 20 -2.22 3.05 -5.88
CA GLU A 20 -1.87 4.21 -6.69
C GLU A 20 -0.46 4.67 -6.35
N ILE A 21 -0.21 4.87 -5.07
CA ILE A 21 1.08 5.30 -4.60
C ILE A 21 2.17 4.36 -5.07
N LEU A 22 1.94 3.07 -4.84
CA LEU A 22 2.89 2.06 -5.25
C LEU A 22 2.98 2.03 -6.76
N ALA A 23 1.83 2.20 -7.40
CA ALA A 23 1.77 2.22 -8.85
C ALA A 23 2.55 3.40 -9.38
N GLN A 24 2.40 4.53 -8.71
CA GLN A 24 3.11 5.75 -9.09
C GLN A 24 4.56 5.65 -8.66
N TYR A 25 4.79 4.94 -7.57
CA TYR A 25 6.13 4.74 -7.07
C TYR A 25 6.96 4.00 -8.10
N HIS A 26 6.28 3.11 -8.82
CA HIS A 26 6.91 2.33 -9.86
C HIS A 26 6.74 2.97 -11.23
N ASN A 27 5.97 4.06 -11.28
CA ASN A 27 5.74 4.77 -12.54
C ASN A 27 4.81 3.97 -13.43
N VAL A 28 3.94 3.19 -12.80
CA VAL A 28 2.99 2.36 -13.52
C VAL A 28 1.59 2.96 -13.45
N SER A 29 0.95 3.05 -14.60
CA SER A 29 -0.39 3.62 -14.69
C SER A 29 -1.33 3.00 -13.66
N VAL A 30 -2.38 3.72 -13.34
CA VAL A 30 -3.38 3.26 -12.38
C VAL A 30 -4.61 4.15 -12.43
N ASN A 31 -5.75 3.54 -12.73
CA ASN A 31 -7.00 4.27 -12.80
C ASN A 31 -7.90 3.85 -11.65
N PRO A 32 -7.74 4.53 -10.49
CA PRO A 32 -8.53 4.24 -9.30
C PRO A 32 -9.99 4.03 -9.61
N GLU A 33 -10.45 4.68 -10.67
CA GLU A 33 -11.83 4.57 -11.09
C GLU A 33 -12.07 3.18 -11.69
N GLU A 34 -11.14 2.76 -12.53
CA GLU A 34 -11.22 1.46 -13.17
C GLU A 34 -10.88 0.36 -12.18
N ILE A 35 -9.86 0.61 -11.36
CA ILE A 35 -9.45 -0.36 -10.36
C ILE A 35 -10.65 -0.76 -9.52
N LYS A 36 -11.34 0.23 -8.99
CA LYS A 36 -12.51 -0.02 -8.20
C LYS A 36 -13.61 -0.64 -9.06
N HIS A 37 -13.60 -0.27 -10.33
CA HIS A 37 -14.57 -0.77 -11.28
C HIS A 37 -14.34 -2.25 -11.56
N ARG A 38 -13.09 -2.66 -11.43
CA ARG A 38 -12.70 -4.04 -11.70
C ARG A 38 -12.55 -4.86 -10.43
N PHE A 39 -12.06 -4.24 -9.36
CA PHE A 39 -11.80 -4.97 -8.13
C PHE A 39 -12.66 -4.48 -6.96
N ASP A 40 -12.94 -3.18 -6.91
CA ASP A 40 -13.76 -2.64 -5.82
C ASP A 40 -15.19 -2.45 -6.28
N THR A 41 -15.65 -3.35 -7.14
CA THR A 41 -17.00 -3.29 -7.68
C THR A 41 -18.02 -3.11 -6.57
N ASP A 42 -17.67 -3.54 -5.37
CA ASP A 42 -18.56 -3.42 -4.22
C ASP A 42 -18.52 -2.01 -3.64
N GLY A 43 -17.42 -1.30 -3.91
CA GLY A 43 -17.28 0.06 -3.41
C GLY A 43 -17.03 0.08 -1.91
N THR A 44 -16.47 -1.00 -1.40
CA THR A 44 -16.19 -1.10 0.03
C THR A 44 -14.70 -1.23 0.29
N GLY A 45 -13.88 -0.93 -0.72
CA GLY A 45 -12.44 -1.01 -0.56
C GLY A 45 -11.87 -2.23 -1.23
N LEU A 46 -10.68 -2.09 -1.80
CA LEU A 46 -10.02 -3.19 -2.49
C LEU A 46 -9.70 -4.32 -1.52
N GLY A 47 -10.16 -5.52 -1.85
CA GLY A 47 -9.88 -6.67 -1.02
C GLY A 47 -8.42 -7.06 -1.13
N LEU A 48 -7.99 -8.00 -0.31
CA LEU A 48 -6.62 -8.44 -0.35
C LEU A 48 -6.30 -9.03 -1.72
N THR A 49 -7.08 -10.02 -2.12
CA THR A 49 -6.88 -10.67 -3.42
C THR A 49 -7.31 -9.73 -4.54
N SER A 50 -8.30 -8.89 -4.26
CA SER A 50 -8.80 -7.94 -5.24
C SER A 50 -7.81 -6.82 -5.45
N TRP A 51 -7.08 -6.50 -4.39
CA TRP A 51 -6.08 -5.45 -4.43
C TRP A 51 -4.82 -5.94 -5.14
N LEU A 52 -4.41 -7.16 -4.81
CA LEU A 52 -3.23 -7.77 -5.40
C LEU A 52 -3.41 -7.88 -6.90
N LEU A 53 -4.60 -8.30 -7.32
CA LEU A 53 -4.91 -8.43 -8.74
C LEU A 53 -5.02 -7.06 -9.39
N ALA A 54 -5.36 -6.07 -8.58
CA ALA A 54 -5.50 -4.70 -9.08
C ALA A 54 -4.15 -4.18 -9.56
N ALA A 55 -3.09 -4.57 -8.87
CA ALA A 55 -1.74 -4.16 -9.23
C ALA A 55 -1.29 -4.89 -10.49
N LYS A 56 -1.59 -6.17 -10.55
CA LYS A 56 -1.23 -6.99 -11.69
C LYS A 56 -1.87 -6.43 -12.96
N SER A 57 -3.12 -5.99 -12.83
CA SER A 57 -3.85 -5.42 -13.95
C SER A 57 -3.08 -4.23 -14.52
N LEU A 58 -2.27 -3.60 -13.67
CA LEU A 58 -1.46 -2.46 -14.07
C LEU A 58 -0.10 -2.91 -14.58
N GLU A 59 0.04 -4.20 -14.88
CA GLU A 59 1.32 -4.73 -15.32
C GLU A 59 2.36 -4.57 -14.23
N LEU A 60 1.88 -4.41 -12.99
CA LEU A 60 2.75 -4.24 -11.83
C LEU A 60 2.82 -5.55 -11.04
N LYS A 61 4.01 -5.85 -10.53
CA LYS A 61 4.21 -7.07 -9.77
C LYS A 61 3.89 -6.86 -8.30
N VAL A 62 3.06 -7.73 -7.75
CA VAL A 62 2.68 -7.66 -6.35
C VAL A 62 2.45 -9.06 -5.78
N LYS A 63 2.59 -9.18 -4.47
CA LYS A 63 2.40 -10.48 -3.83
C LYS A 63 2.33 -10.34 -2.31
N GLN A 64 1.22 -10.78 -1.74
CA GLN A 64 1.03 -10.72 -0.30
C GLN A 64 1.61 -11.96 0.35
N VAL A 65 2.45 -11.76 1.36
CA VAL A 65 3.08 -12.87 2.06
C VAL A 65 3.23 -12.57 3.54
N LYS A 66 3.25 -13.63 4.34
CA LYS A 66 3.40 -13.49 5.78
C LYS A 66 4.87 -13.39 6.14
N LYS A 67 5.28 -12.19 6.53
CA LYS A 67 6.67 -11.95 6.89
C LYS A 67 6.76 -11.31 8.27
N THR A 68 7.79 -11.71 9.01
CA THR A 68 8.00 -11.17 10.35
C THR A 68 8.59 -9.77 10.26
N ILE A 69 8.25 -8.93 11.23
CA ILE A 69 8.74 -7.56 11.25
C ILE A 69 10.24 -7.49 10.95
N ASP A 70 10.99 -8.42 11.53
CA ASP A 70 12.44 -8.46 11.33
C ASP A 70 12.79 -8.70 9.86
N ARG A 71 11.83 -9.20 9.09
CA ARG A 71 12.05 -9.47 7.67
C ARG A 71 11.79 -8.22 6.84
N LEU A 72 10.90 -7.37 7.32
CA LEU A 72 10.54 -6.14 6.62
C LEU A 72 11.78 -5.33 6.26
N ASN A 73 12.85 -5.54 7.00
CA ASN A 73 14.09 -4.83 6.76
C ASN A 73 14.81 -5.37 5.52
N PHE A 74 14.37 -6.54 5.04
CA PHE A 74 14.98 -7.17 3.89
C PHE A 74 13.98 -7.37 2.74
N ILE A 75 12.71 -7.11 2.99
CA ILE A 75 11.68 -7.27 1.96
C ILE A 75 11.77 -6.16 0.93
N SER A 76 10.97 -6.29 -0.13
CA SER A 76 10.95 -5.30 -1.20
C SER A 76 10.22 -4.03 -0.76
N LEU A 77 11.00 -3.07 -0.29
CA LEU A 77 10.44 -1.79 0.14
C LEU A 77 10.41 -0.81 -1.03
N PRO A 78 9.40 0.08 -1.08
CA PRO A 78 8.35 0.19 -0.07
C PRO A 78 7.34 -0.95 -0.17
N ALA A 79 6.96 -1.49 0.98
CA ALA A 79 6.01 -2.58 1.04
C ALA A 79 4.67 -2.10 1.61
N LEU A 80 3.60 -2.83 1.31
CA LEU A 80 2.27 -2.46 1.80
C LEU A 80 1.80 -3.42 2.89
N VAL A 81 1.73 -2.92 4.11
CA VAL A 81 1.27 -3.73 5.23
C VAL A 81 -0.25 -3.83 5.22
N TRP A 82 -0.76 -4.92 4.68
CA TRP A 82 -2.19 -5.13 4.61
C TRP A 82 -2.82 -5.11 6.00
N ARG A 83 -3.91 -4.37 6.13
CA ARG A 83 -4.61 -4.27 7.40
C ARG A 83 -6.09 -4.61 7.23
N GLU A 84 -6.51 -5.69 7.87
CA GLU A 84 -7.89 -6.14 7.80
C GLU A 84 -8.84 -5.09 8.38
N ASP A 85 -8.30 -4.21 9.21
CA ASP A 85 -9.10 -3.16 9.82
C ASP A 85 -9.42 -2.04 8.83
N GLY A 86 -8.88 -2.14 7.62
CA GLY A 86 -9.12 -1.12 6.62
C GLY A 86 -8.26 0.11 6.84
N ARG A 87 -7.14 -0.09 7.52
CA ARG A 87 -6.20 1.00 7.80
C ARG A 87 -4.78 0.57 7.49
N HIS A 88 -4.50 0.38 6.21
CA HIS A 88 -3.18 -0.06 5.77
C HIS A 88 -2.23 1.13 5.60
N PHE A 89 -0.96 0.83 5.39
CA PHE A 89 0.05 1.84 5.20
C PHE A 89 1.26 1.25 4.47
N ILE A 90 1.99 2.10 3.76
CA ILE A 90 3.14 1.65 2.99
C ILE A 90 4.44 1.80 3.76
N LEU A 91 5.07 0.66 4.08
CA LEU A 91 6.34 0.67 4.78
C LEU A 91 7.45 1.02 3.81
N THR A 92 8.22 2.05 4.13
CA THR A 92 9.30 2.50 3.27
C THR A 92 10.67 2.27 3.89
N LYS A 93 10.71 2.10 5.20
CA LYS A 93 11.97 1.88 5.89
C LYS A 93 11.76 1.48 7.34
N VAL A 94 12.77 0.85 7.92
CA VAL A 94 12.70 0.41 9.30
C VAL A 94 14.04 0.62 10.02
N SER A 95 14.02 1.43 11.06
CA SER A 95 15.23 1.70 11.83
C SER A 95 15.34 0.73 12.99
N LYS A 96 15.73 -0.50 12.70
CA LYS A 96 15.86 -1.52 13.74
C LYS A 96 16.71 -1.02 14.90
N GLU A 97 17.59 -0.08 14.60
CA GLU A 97 18.47 0.48 15.62
C GLU A 97 17.65 1.23 16.67
N ALA A 98 16.62 1.93 16.19
CA ALA A 98 15.75 2.69 17.06
C ALA A 98 14.38 2.01 17.22
N ASN A 99 14.16 0.95 16.45
CA ASN A 99 12.90 0.21 16.49
C ASN A 99 11.78 1.03 15.85
N ARG A 100 12.16 1.91 14.93
CA ARG A 100 11.18 2.75 14.24
C ARG A 100 10.88 2.23 12.85
N TYR A 101 9.75 2.65 12.30
CA TYR A 101 9.32 2.22 10.98
C TYR A 101 8.77 3.38 10.17
N LEU A 102 9.37 3.62 9.00
CA LEU A 102 8.93 4.70 8.14
C LEU A 102 7.82 4.22 7.21
N ILE A 103 6.61 4.73 7.42
CA ILE A 103 5.48 4.35 6.61
C ILE A 103 4.85 5.56 5.95
N PHE A 104 4.08 5.32 4.90
CA PHE A 104 3.41 6.40 4.20
C PHE A 104 1.95 6.44 4.61
N ASP A 105 1.53 7.56 5.18
CA ASP A 105 0.16 7.73 5.63
C ASP A 105 -0.80 7.85 4.44
N LEU A 106 -1.63 6.83 4.24
CA LEU A 106 -2.60 6.82 3.16
C LEU A 106 -3.77 7.75 3.45
N GLU A 107 -3.95 8.09 4.73
CA GLU A 107 -5.03 8.97 5.15
C GLU A 107 -4.64 10.43 4.95
N GLN A 108 -3.40 10.75 5.31
CA GLN A 108 -2.89 12.10 5.20
C GLN A 108 -2.08 12.29 3.92
N ARG A 109 -1.66 11.18 3.32
CA ARG A 109 -0.88 11.23 2.09
C ARG A 109 0.52 11.76 2.37
N ASN A 110 1.04 11.43 3.56
CA ASN A 110 2.36 11.88 3.96
C ASN A 110 3.12 10.79 4.68
N PRO A 111 4.46 10.80 4.60
CA PRO A 111 5.31 9.81 5.26
C PRO A 111 5.28 9.97 6.78
N ARG A 112 5.62 8.89 7.47
CA ARG A 112 5.62 8.90 8.93
C ARG A 112 6.52 7.81 9.48
N VAL A 113 6.97 8.01 10.71
CA VAL A 113 7.84 7.04 11.38
C VAL A 113 7.18 6.51 12.64
N LEU A 114 6.80 5.24 12.62
CA LEU A 114 6.16 4.64 13.77
C LEU A 114 7.16 3.87 14.62
N GLU A 115 6.87 3.79 15.91
CA GLU A 115 7.73 3.07 16.82
C GLU A 115 7.35 1.61 16.82
N GLN A 116 8.31 0.73 17.09
CA GLN A 116 8.02 -0.71 17.09
C GLN A 116 6.75 -1.01 17.86
N SER A 117 6.60 -0.40 19.02
CA SER A 117 5.41 -0.59 19.83
C SER A 117 4.18 -0.21 19.01
N GLU A 118 4.34 0.83 18.21
CA GLU A 118 3.25 1.31 17.35
C GLU A 118 3.06 0.39 16.16
N PHE A 119 4.15 0.13 15.46
CA PHE A 119 4.11 -0.73 14.29
C PHE A 119 3.65 -2.12 14.68
N GLU A 120 4.26 -2.68 15.72
CA GLU A 120 3.90 -4.00 16.21
C GLU A 120 2.42 -4.05 16.53
N ALA A 121 1.92 -2.92 17.02
CA ALA A 121 0.53 -2.80 17.41
C ALA A 121 -0.39 -2.69 16.19
N LEU A 122 0.20 -2.51 15.01
CA LEU A 122 -0.58 -2.39 13.78
C LEU A 122 -0.30 -3.56 12.83
N TYR A 123 0.95 -3.97 12.76
CA TYR A 123 1.35 -5.06 11.88
C TYR A 123 0.54 -6.32 12.17
N GLN A 124 0.16 -7.03 11.11
CA GLN A 124 -0.62 -8.26 11.25
C GLN A 124 0.16 -9.47 10.76
N GLY A 125 1.48 -9.31 10.60
CA GLY A 125 2.30 -10.41 10.13
C GLY A 125 2.23 -10.62 8.62
N HIS A 126 1.35 -9.88 7.96
CA HIS A 126 1.20 -9.99 6.50
C HIS A 126 1.53 -8.68 5.82
N ILE A 127 2.29 -8.76 4.73
CA ILE A 127 2.68 -7.57 3.99
C ILE A 127 2.70 -7.85 2.50
N ILE A 128 2.33 -6.85 1.71
CA ILE A 128 2.29 -6.99 0.27
C ILE A 128 3.53 -6.40 -0.39
N LEU A 129 4.31 -7.26 -1.02
CA LEU A 129 5.53 -6.82 -1.70
C LEU A 129 5.22 -6.48 -3.15
N ILE A 130 5.61 -5.28 -3.57
CA ILE A 130 5.36 -4.83 -4.93
C ILE A 130 6.65 -4.66 -5.71
N ALA A 131 6.54 -4.79 -7.02
CA ALA A 131 7.67 -4.66 -7.92
C ALA A 131 7.18 -4.31 -9.32
N SER A 132 8.03 -3.63 -10.08
CA SER A 132 7.66 -3.25 -11.44
C SER A 132 8.74 -3.62 -12.44
N ARG A 133 8.34 -3.79 -13.69
CA ARG A 133 9.27 -4.17 -14.75
C ARG A 133 10.55 -3.33 -14.69
N SER A 134 10.38 -2.02 -14.58
CA SER A 134 11.52 -1.11 -14.54
C SER A 134 11.91 -0.80 -13.09
N SER A 135 11.56 -1.71 -12.18
CA SER A 135 11.90 -1.54 -10.77
C SER A 135 11.88 -2.86 -10.02
N VAL A 136 12.96 -3.62 -10.16
CA VAL A 136 13.08 -4.91 -9.49
C VAL A 136 14.31 -4.94 -8.59
N ALA A 137 14.80 -3.76 -8.22
CA ALA A 137 15.98 -3.66 -7.36
C ALA A 137 15.65 -2.91 -6.07
N GLY A 138 14.77 -1.92 -6.17
CA GLY A 138 14.39 -1.14 -5.00
C GLY A 138 14.64 0.34 -5.19
N LYS A 139 15.77 0.67 -5.81
CA LYS A 139 16.12 2.06 -6.07
C LYS A 139 15.44 2.57 -7.33
N LEU A 140 14.65 3.64 -7.18
CA LEU A 140 13.95 4.23 -8.30
C LEU A 140 14.81 5.28 -9.00
N ALA A 141 15.56 6.03 -8.22
CA ALA A 141 16.44 7.07 -8.75
C ALA A 141 17.14 7.83 -7.63
N LYS A 142 16.36 8.54 -6.82
CA LYS A 142 16.90 9.32 -5.71
C LYS A 142 18.05 10.21 -6.20
N GLY A 1 -21.04 14.33 -11.36
CA GLY A 1 -20.37 13.54 -10.29
C GLY A 1 -19.57 12.38 -10.82
N ALA A 2 -18.26 12.42 -10.65
CA ALA A 2 -17.38 11.35 -11.13
C ALA A 2 -17.56 11.13 -12.62
N MET A 3 -17.70 12.22 -13.37
CA MET A 3 -17.86 12.13 -14.82
C MET A 3 -17.37 13.41 -15.50
N ALA A 4 -16.36 14.03 -14.92
CA ALA A 4 -15.79 15.26 -15.47
C ALA A 4 -16.76 16.43 -15.34
N ASN A 5 -17.58 16.40 -14.30
CA ASN A 5 -18.55 17.46 -14.06
C ASN A 5 -18.28 18.16 -12.74
N SER A 6 -17.81 17.40 -11.76
CA SER A 6 -17.50 17.94 -10.44
C SER A 6 -16.59 16.98 -9.67
N ASP A 7 -15.58 16.46 -10.36
CA ASP A 7 -14.65 15.53 -9.74
C ASP A 7 -15.37 14.29 -9.21
N SER A 8 -14.63 13.21 -9.01
CA SER A 8 -15.21 11.97 -8.51
C SER A 8 -15.28 11.97 -6.98
N CYS A 9 -16.32 12.61 -6.45
CA CYS A 9 -16.51 12.69 -5.00
C CYS A 9 -16.84 11.31 -4.42
N HIS A 10 -15.84 10.45 -4.37
CA HIS A 10 -16.03 9.10 -3.83
C HIS A 10 -15.20 8.90 -2.56
N LYS A 11 -15.62 7.95 -1.73
CA LYS A 11 -14.93 7.67 -0.49
C LYS A 11 -13.51 7.19 -0.76
N ILE A 12 -12.55 7.74 -0.02
CA ILE A 12 -11.16 7.39 -0.20
C ILE A 12 -10.87 6.00 0.36
N ASP A 13 -10.04 5.25 -0.35
CA ASP A 13 -9.66 3.92 0.06
C ASP A 13 -8.15 3.79 0.12
N TYR A 14 -7.63 3.67 1.34
CA TYR A 14 -6.20 3.54 1.54
C TYR A 14 -5.61 2.46 0.65
N GLY A 15 -6.39 1.41 0.44
CA GLY A 15 -5.92 0.32 -0.41
C GLY A 15 -5.70 0.81 -1.82
N LEU A 16 -6.75 1.36 -2.42
CA LEU A 16 -6.66 1.86 -3.78
C LEU A 16 -5.58 2.93 -3.85
N TYR A 17 -5.55 3.78 -2.83
CA TYR A 17 -4.56 4.84 -2.75
C TYR A 17 -3.16 4.23 -2.69
N ALA A 18 -3.01 3.24 -1.81
CA ALA A 18 -1.72 2.57 -1.66
C ALA A 18 -1.31 1.98 -2.99
N LEU A 19 -2.30 1.47 -3.72
CA LEU A 19 -2.04 0.90 -5.03
C LEU A 19 -1.55 1.98 -5.96
N GLU A 20 -2.25 3.11 -5.93
CA GLU A 20 -1.89 4.26 -6.74
C GLU A 20 -0.47 4.71 -6.39
N ILE A 21 -0.23 4.91 -5.10
CA ILE A 21 1.06 5.35 -4.62
C ILE A 21 2.15 4.39 -5.10
N LEU A 22 1.93 3.11 -4.86
CA LEU A 22 2.87 2.08 -5.26
C LEU A 22 2.95 2.03 -6.78
N ALA A 23 1.80 2.18 -7.42
CA ALA A 23 1.75 2.17 -8.87
C ALA A 23 2.53 3.35 -9.42
N GLN A 24 2.37 4.49 -8.76
CA GLN A 24 3.07 5.69 -9.17
C GLN A 24 4.51 5.61 -8.72
N TYR A 25 4.75 4.90 -7.63
CA TYR A 25 6.09 4.73 -7.11
C TYR A 25 6.92 3.95 -8.12
N HIS A 26 6.24 3.04 -8.81
CA HIS A 26 6.87 2.22 -9.83
C HIS A 26 6.72 2.85 -11.21
N ASN A 27 5.99 3.96 -11.29
CA ASN A 27 5.77 4.66 -12.55
C ASN A 27 4.83 3.87 -13.44
N VAL A 28 3.96 3.09 -12.81
CA VAL A 28 3.00 2.28 -13.55
C VAL A 28 1.61 2.90 -13.49
N SER A 29 1.03 3.14 -14.65
CA SER A 29 -0.29 3.73 -14.75
C SER A 29 -1.27 3.06 -13.80
N VAL A 30 -2.25 3.83 -13.35
CA VAL A 30 -3.27 3.32 -12.44
C VAL A 30 -4.53 4.16 -12.53
N ASN A 31 -5.63 3.52 -12.88
CA ASN A 31 -6.90 4.22 -12.98
C ASN A 31 -7.84 3.74 -11.88
N PRO A 32 -7.75 4.37 -10.69
CA PRO A 32 -8.57 4.01 -9.54
C PRO A 32 -10.02 3.81 -9.95
N GLU A 33 -10.46 4.60 -10.90
CA GLU A 33 -11.83 4.50 -11.40
C GLU A 33 -12.06 3.13 -11.99
N GLU A 34 -11.08 2.67 -12.76
CA GLU A 34 -11.14 1.36 -13.39
C GLU A 34 -10.89 0.28 -12.36
N ILE A 35 -9.89 0.51 -11.53
CA ILE A 35 -9.55 -0.44 -10.48
C ILE A 35 -10.78 -0.76 -9.65
N LYS A 36 -11.43 0.28 -9.17
CA LYS A 36 -12.63 0.12 -8.38
C LYS A 36 -13.73 -0.52 -9.22
N HIS A 37 -13.70 -0.22 -10.51
CA HIS A 37 -14.68 -0.76 -11.44
C HIS A 37 -14.51 -2.26 -11.61
N ARG A 38 -13.28 -2.72 -11.44
CA ARG A 38 -12.95 -4.13 -11.59
C ARG A 38 -12.82 -4.86 -10.26
N PHE A 39 -12.35 -4.16 -9.24
CA PHE A 39 -12.13 -4.78 -7.94
C PHE A 39 -12.98 -4.18 -6.82
N ASP A 40 -13.25 -2.89 -6.89
CA ASP A 40 -14.05 -2.24 -5.84
C ASP A 40 -15.46 -1.99 -6.33
N THR A 41 -15.94 -2.89 -7.19
CA THR A 41 -17.29 -2.78 -7.74
C THR A 41 -18.32 -2.57 -6.63
N ASP A 42 -17.98 -3.01 -5.42
CA ASP A 42 -18.88 -2.86 -4.29
C ASP A 42 -18.81 -1.44 -3.73
N GLY A 43 -17.70 -0.77 -3.98
CA GLY A 43 -17.52 0.59 -3.50
C GLY A 43 -17.28 0.62 -2.01
N THR A 44 -16.68 -0.44 -1.48
CA THR A 44 -16.40 -0.53 -0.06
C THR A 44 -14.89 -0.60 0.22
N GLY A 45 -14.10 -0.76 -0.83
CA GLY A 45 -12.66 -0.84 -0.66
C GLY A 45 -12.07 -2.07 -1.30
N LEU A 46 -10.85 -1.94 -1.81
CA LEU A 46 -10.17 -3.05 -2.47
C LEU A 46 -9.90 -4.18 -1.48
N GLY A 47 -10.19 -5.40 -1.92
CA GLY A 47 -9.95 -6.55 -1.09
C GLY A 47 -8.49 -6.96 -1.17
N LEU A 48 -8.08 -7.87 -0.29
CA LEU A 48 -6.70 -8.32 -0.28
C LEU A 48 -6.33 -8.94 -1.62
N THR A 49 -7.11 -9.93 -2.04
CA THR A 49 -6.88 -10.61 -3.29
C THR A 49 -7.23 -9.72 -4.48
N SER A 50 -8.23 -8.86 -4.29
CA SER A 50 -8.67 -7.97 -5.34
C SER A 50 -7.64 -6.86 -5.53
N TRP A 51 -7.07 -6.40 -4.42
CA TRP A 51 -6.06 -5.36 -4.45
C TRP A 51 -4.82 -5.86 -5.17
N LEU A 52 -4.43 -7.09 -4.83
CA LEU A 52 -3.26 -7.70 -5.44
C LEU A 52 -3.46 -7.84 -6.93
N LEU A 53 -4.66 -8.23 -7.33
CA LEU A 53 -5.01 -8.39 -8.73
C LEU A 53 -5.09 -7.02 -9.40
N ALA A 54 -5.42 -6.00 -8.61
CA ALA A 54 -5.53 -4.65 -9.12
C ALA A 54 -4.16 -4.15 -9.57
N ALA A 55 -3.12 -4.55 -8.86
CA ALA A 55 -1.76 -4.16 -9.18
C ALA A 55 -1.28 -4.89 -10.43
N LYS A 56 -1.61 -6.17 -10.52
CA LYS A 56 -1.23 -6.97 -11.68
C LYS A 56 -1.88 -6.42 -12.93
N SER A 57 -3.14 -6.00 -12.79
CA SER A 57 -3.87 -5.43 -13.92
C SER A 57 -3.09 -4.26 -14.50
N LEU A 58 -2.31 -3.60 -13.65
CA LEU A 58 -1.50 -2.47 -14.06
C LEU A 58 -0.14 -2.93 -14.56
N GLU A 59 0.03 -4.23 -14.77
CA GLU A 59 1.31 -4.77 -15.19
C GLU A 59 2.35 -4.58 -14.09
N LEU A 60 1.87 -4.36 -12.87
CA LEU A 60 2.74 -4.16 -11.72
C LEU A 60 2.80 -5.43 -10.88
N LYS A 61 4.01 -5.83 -10.50
CA LYS A 61 4.20 -7.04 -9.71
C LYS A 61 3.85 -6.79 -8.25
N VAL A 62 3.10 -7.73 -7.68
CA VAL A 62 2.70 -7.64 -6.27
C VAL A 62 2.48 -9.03 -5.70
N LYS A 63 2.57 -9.15 -4.38
CA LYS A 63 2.38 -10.43 -3.73
C LYS A 63 2.29 -10.29 -2.21
N GLN A 64 1.15 -10.70 -1.66
CA GLN A 64 0.94 -10.64 -0.22
C GLN A 64 1.50 -11.89 0.43
N VAL A 65 2.34 -11.70 1.43
CA VAL A 65 2.95 -12.82 2.12
C VAL A 65 3.12 -12.54 3.60
N LYS A 66 3.26 -13.61 4.39
CA LYS A 66 3.43 -13.47 5.82
C LYS A 66 4.91 -13.36 6.16
N LYS A 67 5.32 -12.16 6.54
CA LYS A 67 6.70 -11.90 6.90
C LYS A 67 6.80 -11.25 8.27
N THR A 68 7.88 -11.58 8.99
CA THR A 68 8.09 -11.03 10.31
C THR A 68 8.74 -9.66 10.21
N ILE A 69 8.43 -8.80 11.17
CA ILE A 69 8.98 -7.45 11.20
C ILE A 69 10.47 -7.44 10.91
N ASP A 70 11.19 -8.36 11.52
CA ASP A 70 12.63 -8.46 11.34
C ASP A 70 12.99 -8.72 9.88
N ARG A 71 12.03 -9.23 9.11
CA ARG A 71 12.25 -9.52 7.70
C ARG A 71 11.95 -8.30 6.84
N LEU A 72 11.03 -7.47 7.30
CA LEU A 72 10.64 -6.26 6.57
C LEU A 72 11.86 -5.42 6.22
N ASN A 73 12.93 -5.60 6.98
CA ASN A 73 14.16 -4.86 6.73
C ASN A 73 14.86 -5.38 5.47
N PHE A 74 14.44 -6.55 4.99
CA PHE A 74 15.05 -7.15 3.80
C PHE A 74 14.04 -7.36 2.68
N ILE A 75 12.75 -7.13 2.95
CA ILE A 75 11.73 -7.33 1.94
C ILE A 75 11.75 -6.22 0.89
N SER A 76 10.95 -6.37 -0.14
CA SER A 76 10.88 -5.40 -1.22
C SER A 76 10.14 -4.15 -0.79
N LEU A 77 10.88 -3.14 -0.34
CA LEU A 77 10.31 -1.88 0.09
C LEU A 77 10.28 -0.89 -1.08
N PRO A 78 9.31 0.05 -1.10
CA PRO A 78 8.29 0.17 -0.06
C PRO A 78 7.24 -0.92 -0.16
N ALA A 79 6.95 -1.55 0.98
CA ALA A 79 5.97 -2.62 1.02
C ALA A 79 4.65 -2.14 1.61
N LEU A 80 3.56 -2.81 1.25
CA LEU A 80 2.25 -2.43 1.74
C LEU A 80 1.77 -3.41 2.81
N VAL A 81 1.74 -2.95 4.06
CA VAL A 81 1.29 -3.77 5.16
C VAL A 81 -0.23 -3.86 5.18
N TRP A 82 -0.75 -4.94 4.60
CA TRP A 82 -2.19 -5.15 4.54
C TRP A 82 -2.81 -5.13 5.94
N ARG A 83 -3.94 -4.45 6.06
CA ARG A 83 -4.64 -4.35 7.33
C ARG A 83 -6.09 -4.75 7.17
N GLU A 84 -6.48 -5.83 7.83
CA GLU A 84 -7.85 -6.33 7.76
C GLU A 84 -8.83 -5.27 8.25
N ASP A 85 -8.34 -4.31 9.02
CA ASP A 85 -9.18 -3.25 9.55
C ASP A 85 -9.40 -2.14 8.51
N GLY A 86 -8.83 -2.32 7.31
CA GLY A 86 -8.99 -1.32 6.27
C GLY A 86 -8.16 -0.08 6.53
N ARG A 87 -7.13 -0.23 7.37
CA ARG A 87 -6.25 0.88 7.71
C ARG A 87 -4.81 0.49 7.42
N HIS A 88 -4.52 0.27 6.15
CA HIS A 88 -3.18 -0.13 5.74
C HIS A 88 -2.25 1.06 5.60
N PHE A 89 -0.98 0.77 5.38
CA PHE A 89 0.04 1.81 5.21
C PHE A 89 1.24 1.23 4.49
N ILE A 90 1.96 2.08 3.76
CA ILE A 90 3.11 1.63 2.99
C ILE A 90 4.42 1.79 3.77
N LEU A 91 5.05 0.65 4.05
CA LEU A 91 6.32 0.66 4.77
C LEU A 91 7.43 1.06 3.80
N THR A 92 8.21 2.05 4.18
CA THR A 92 9.28 2.54 3.32
C THR A 92 10.66 2.33 3.94
N LYS A 93 10.69 2.11 5.25
CA LYS A 93 11.95 1.90 5.94
C LYS A 93 11.72 1.52 7.41
N VAL A 94 12.72 0.89 8.01
CA VAL A 94 12.65 0.48 9.39
C VAL A 94 13.95 0.75 10.12
N SER A 95 13.90 1.62 11.12
CA SER A 95 15.09 1.96 11.89
C SER A 95 15.27 0.98 13.04
N LYS A 96 15.67 -0.24 12.71
CA LYS A 96 15.88 -1.27 13.72
C LYS A 96 16.79 -0.77 14.83
N GLU A 97 17.62 0.22 14.51
CA GLU A 97 18.53 0.79 15.48
C GLU A 97 17.76 1.46 16.60
N ALA A 98 16.65 2.09 16.24
CA ALA A 98 15.80 2.78 17.19
C ALA A 98 14.45 2.10 17.34
N ASN A 99 14.21 1.06 16.55
CA ASN A 99 12.96 0.33 16.58
C ASN A 99 11.83 1.17 15.99
N ARG A 100 12.16 1.97 14.98
CA ARG A 100 11.17 2.81 14.33
C ARG A 100 10.84 2.27 12.94
N TYR A 101 9.76 2.77 12.36
CA TYR A 101 9.34 2.33 11.04
C TYR A 101 8.78 3.48 10.21
N LEU A 102 9.36 3.69 9.04
CA LEU A 102 8.91 4.76 8.16
C LEU A 102 7.81 4.24 7.24
N ILE A 103 6.60 4.74 7.46
CA ILE A 103 5.46 4.33 6.65
C ILE A 103 4.81 5.53 5.99
N PHE A 104 4.04 5.27 4.94
CA PHE A 104 3.35 6.33 4.25
C PHE A 104 1.88 6.31 4.62
N ASP A 105 1.43 7.34 5.33
CA ASP A 105 0.05 7.43 5.78
C ASP A 105 -0.89 7.64 4.59
N LEU A 106 -1.73 6.63 4.33
CA LEU A 106 -2.69 6.68 3.24
C LEU A 106 -3.85 7.60 3.56
N GLU A 107 -3.93 8.08 4.80
CA GLU A 107 -5.00 8.96 5.22
C GLU A 107 -4.62 10.42 5.01
N GLN A 108 -3.37 10.74 5.35
CA GLN A 108 -2.85 12.08 5.22
C GLN A 108 -2.01 12.23 3.95
N ARG A 109 -1.63 11.10 3.36
CA ARG A 109 -0.81 11.11 2.15
C ARG A 109 0.58 11.61 2.45
N ASN A 110 1.05 11.34 3.67
CA ASN A 110 2.37 11.77 4.10
C ASN A 110 3.10 10.64 4.82
N PRO A 111 4.44 10.67 4.79
CA PRO A 111 5.28 9.67 5.45
C PRO A 111 5.27 9.84 6.96
N ARG A 112 5.54 8.76 7.67
CA ARG A 112 5.56 8.80 9.13
C ARG A 112 6.50 7.75 9.69
N VAL A 113 7.05 8.03 10.86
CA VAL A 113 7.97 7.11 11.52
C VAL A 113 7.35 6.57 12.80
N LEU A 114 6.86 5.34 12.73
CA LEU A 114 6.25 4.71 13.89
C LEU A 114 7.26 3.98 14.73
N GLU A 115 6.92 3.75 15.98
CA GLU A 115 7.79 3.04 16.89
C GLU A 115 7.41 1.57 16.87
N GLN A 116 8.35 0.70 17.18
CA GLN A 116 8.08 -0.74 17.17
C GLN A 116 6.78 -1.06 17.88
N SER A 117 6.60 -0.45 19.05
CA SER A 117 5.37 -0.67 19.81
C SER A 117 4.16 -0.28 18.98
N GLU A 118 4.31 0.79 18.22
CA GLU A 118 3.24 1.27 17.36
C GLU A 118 3.11 0.40 16.12
N PHE A 119 4.22 0.17 15.44
CA PHE A 119 4.22 -0.66 14.25
C PHE A 119 3.75 -2.07 14.60
N GLU A 120 4.35 -2.64 15.63
CA GLU A 120 3.97 -3.97 16.08
C GLU A 120 2.49 -4.01 16.36
N ALA A 121 1.99 -2.92 16.92
CA ALA A 121 0.59 -2.78 17.26
C ALA A 121 -0.28 -2.67 16.01
N LEU A 122 0.36 -2.50 14.85
CA LEU A 122 -0.37 -2.37 13.60
C LEU A 122 -0.05 -3.52 12.64
N TYR A 123 1.17 -4.03 12.73
CA TYR A 123 1.60 -5.12 11.85
C TYR A 123 0.92 -6.42 12.23
N GLN A 124 0.33 -7.08 11.23
CA GLN A 124 -0.36 -8.35 11.46
C GLN A 124 0.46 -9.53 10.92
N GLY A 125 1.75 -9.30 10.66
CA GLY A 125 2.60 -10.36 10.15
C GLY A 125 2.47 -10.55 8.66
N HIS A 126 1.49 -9.90 8.04
CA HIS A 126 1.29 -10.02 6.60
C HIS A 126 1.59 -8.70 5.90
N ILE A 127 2.28 -8.78 4.78
CA ILE A 127 2.65 -7.60 4.02
C ILE A 127 2.63 -7.86 2.51
N ILE A 128 2.32 -6.83 1.74
CA ILE A 128 2.26 -6.95 0.29
C ILE A 128 3.49 -6.33 -0.36
N LEU A 129 4.29 -7.17 -0.98
CA LEU A 129 5.49 -6.72 -1.66
C LEU A 129 5.18 -6.36 -3.11
N ILE A 130 5.59 -5.17 -3.53
CA ILE A 130 5.33 -4.73 -4.89
C ILE A 130 6.63 -4.58 -5.68
N ALA A 131 6.55 -4.90 -6.96
CA ALA A 131 7.69 -4.81 -7.86
C ALA A 131 7.23 -4.43 -9.26
N SER A 132 8.13 -3.84 -10.04
CA SER A 132 7.80 -3.43 -11.39
C SER A 132 8.79 -4.01 -12.39
N ARG A 133 8.30 -4.29 -13.58
CA ARG A 133 9.13 -4.85 -14.65
C ARG A 133 10.43 -4.07 -14.81
N SER A 134 10.36 -2.77 -14.53
CA SER A 134 11.53 -1.91 -14.63
C SER A 134 12.26 -1.81 -13.30
N SER A 135 11.53 -2.03 -12.21
CA SER A 135 12.11 -1.97 -10.88
C SER A 135 11.93 -3.29 -10.13
N VAL A 136 12.91 -4.16 -10.26
CA VAL A 136 12.87 -5.46 -9.61
C VAL A 136 13.95 -5.57 -8.54
N ALA A 137 14.37 -4.41 -8.02
CA ALA A 137 15.40 -4.37 -6.99
C ALA A 137 14.88 -3.74 -5.71
N GLY A 138 14.05 -2.72 -5.86
CA GLY A 138 13.49 -2.04 -4.71
C GLY A 138 13.83 -0.56 -4.69
N LYS A 139 15.01 -0.22 -5.20
CA LYS A 139 15.45 1.17 -5.24
C LYS A 139 15.15 1.80 -6.60
N LEU A 140 14.57 2.99 -6.58
CA LEU A 140 14.23 3.70 -7.80
C LEU A 140 15.17 4.88 -8.03
N ALA A 141 15.42 5.64 -6.98
CA ALA A 141 16.31 6.79 -7.06
C ALA A 141 17.49 6.64 -6.12
N LYS A 142 17.95 5.40 -5.95
CA LYS A 142 19.08 5.12 -5.07
C LYS A 142 18.87 5.74 -3.69
N GLY A 1 -12.92 23.88 -11.73
CA GLY A 1 -12.30 24.54 -10.55
C GLY A 1 -13.02 25.83 -10.17
N ALA A 2 -14.26 25.69 -9.70
CA ALA A 2 -15.05 26.85 -9.30
C ALA A 2 -16.06 26.47 -8.21
N MET A 3 -15.66 25.53 -7.35
CA MET A 3 -16.54 25.08 -6.28
C MET A 3 -15.89 23.96 -5.46
N ALA A 4 -14.75 24.28 -4.84
CA ALA A 4 -14.03 23.31 -4.02
C ALA A 4 -14.74 23.08 -2.70
N ASN A 5 -15.75 22.20 -2.72
CA ASN A 5 -16.50 21.89 -1.51
C ASN A 5 -16.44 20.40 -1.20
N SER A 6 -16.56 19.58 -2.25
CA SER A 6 -16.52 18.14 -2.09
C SER A 6 -15.66 17.49 -3.16
N ASP A 7 -14.35 17.74 -3.10
CA ASP A 7 -13.42 17.19 -4.07
C ASP A 7 -13.60 15.68 -4.22
N SER A 8 -13.31 14.96 -3.14
CA SER A 8 -13.44 13.51 -3.15
C SER A 8 -14.91 13.09 -3.09
N CYS A 9 -15.52 12.95 -4.26
CA CYS A 9 -16.92 12.56 -4.35
C CYS A 9 -17.14 11.15 -3.81
N HIS A 10 -16.08 10.35 -3.79
CA HIS A 10 -16.15 8.98 -3.30
C HIS A 10 -15.31 8.81 -2.03
N LYS A 11 -15.76 7.92 -1.15
CA LYS A 11 -15.06 7.65 0.10
C LYS A 11 -13.66 7.13 -0.19
N ILE A 12 -12.66 7.85 0.32
CA ILE A 12 -11.27 7.49 0.13
C ILE A 12 -11.02 6.04 0.54
N ASP A 13 -10.25 5.34 -0.30
CA ASP A 13 -9.90 3.96 -0.03
C ASP A 13 -8.39 3.81 0.07
N TYR A 14 -7.90 3.70 1.29
CA TYR A 14 -6.47 3.57 1.54
C TYR A 14 -5.86 2.47 0.69
N GLY A 15 -6.57 1.35 0.56
CA GLY A 15 -6.07 0.27 -0.23
C GLY A 15 -5.78 0.71 -1.65
N LEU A 16 -6.80 1.23 -2.32
CA LEU A 16 -6.66 1.70 -3.68
C LEU A 16 -5.57 2.76 -3.75
N TYR A 17 -5.61 3.66 -2.77
CA TYR A 17 -4.62 4.72 -2.70
C TYR A 17 -3.23 4.14 -2.65
N ALA A 18 -3.05 3.15 -1.78
CA ALA A 18 -1.77 2.48 -1.65
C ALA A 18 -1.34 1.93 -3.00
N LEU A 19 -2.32 1.43 -3.75
CA LEU A 19 -2.06 0.90 -5.07
C LEU A 19 -1.53 2.01 -5.97
N GLU A 20 -2.22 3.14 -5.94
CA GLU A 20 -1.82 4.31 -6.73
C GLU A 20 -0.40 4.71 -6.37
N ILE A 21 -0.15 4.84 -5.07
CA ILE A 21 1.16 5.22 -4.58
C ILE A 21 2.23 4.25 -5.04
N LEU A 22 1.94 2.97 -4.86
CA LEU A 22 2.86 1.93 -5.27
C LEU A 22 2.98 1.90 -6.78
N ALA A 23 1.85 2.13 -7.44
CA ALA A 23 1.82 2.14 -8.89
C ALA A 23 2.61 3.33 -9.40
N GLN A 24 2.41 4.47 -8.76
CA GLN A 24 3.10 5.69 -9.12
C GLN A 24 4.55 5.62 -8.64
N TYR A 25 4.77 4.84 -7.59
CA TYR A 25 6.10 4.67 -7.05
C TYR A 25 6.96 3.95 -8.08
N HIS A 26 6.31 3.06 -8.82
CA HIS A 26 6.97 2.31 -9.87
C HIS A 26 6.80 2.99 -11.24
N ASN A 27 6.02 4.07 -11.26
CA ASN A 27 5.79 4.81 -12.49
C ASN A 27 4.86 4.03 -13.41
N VAL A 28 3.99 3.23 -12.81
CA VAL A 28 3.05 2.42 -13.56
C VAL A 28 1.65 3.02 -13.46
N SER A 29 0.96 3.04 -14.60
CA SER A 29 -0.39 3.58 -14.67
C SER A 29 -1.29 2.97 -13.62
N VAL A 30 -2.38 3.67 -13.32
CA VAL A 30 -3.35 3.23 -12.34
C VAL A 30 -4.59 4.12 -12.38
N ASN A 31 -5.72 3.53 -12.72
CA ASN A 31 -6.97 4.26 -12.77
C ASN A 31 -7.89 3.83 -11.65
N PRO A 32 -7.75 4.45 -10.48
CA PRO A 32 -8.56 4.15 -9.30
C PRO A 32 -10.02 3.94 -9.66
N GLU A 33 -10.46 4.65 -10.69
CA GLU A 33 -11.83 4.55 -11.15
C GLU A 33 -12.07 3.18 -11.76
N GLU A 34 -11.13 2.75 -12.59
CA GLU A 34 -11.22 1.46 -13.25
C GLU A 34 -10.93 0.35 -12.27
N ILE A 35 -9.93 0.57 -11.42
CA ILE A 35 -9.56 -0.43 -10.42
C ILE A 35 -10.78 -0.77 -9.57
N LYS A 36 -11.41 0.25 -9.04
CA LYS A 36 -12.58 0.06 -8.20
C LYS A 36 -13.71 -0.55 -9.02
N HIS A 37 -13.72 -0.21 -10.30
CA HIS A 37 -14.74 -0.71 -11.21
C HIS A 37 -14.56 -2.20 -11.46
N ARG A 38 -13.33 -2.66 -11.35
CA ARG A 38 -13.00 -4.06 -11.58
C ARG A 38 -12.85 -4.84 -10.29
N PHE A 39 -12.35 -4.18 -9.26
CA PHE A 39 -12.09 -4.85 -7.98
C PHE A 39 -12.94 -4.32 -6.83
N ASP A 40 -13.21 -3.02 -6.83
CA ASP A 40 -14.01 -2.42 -5.76
C ASP A 40 -15.45 -2.27 -6.20
N THR A 41 -15.91 -3.19 -7.03
CA THR A 41 -17.26 -3.17 -7.53
C THR A 41 -18.27 -3.02 -6.39
N ASP A 42 -17.86 -3.43 -5.20
CA ASP A 42 -18.72 -3.34 -4.03
C ASP A 42 -18.70 -1.92 -3.44
N GLY A 43 -17.65 -1.18 -3.76
CA GLY A 43 -17.53 0.19 -3.27
C GLY A 43 -17.22 0.23 -1.79
N THR A 44 -16.65 -0.86 -1.28
CA THR A 44 -16.31 -0.95 0.13
C THR A 44 -14.81 -1.10 0.34
N GLY A 45 -14.03 -0.88 -0.72
CA GLY A 45 -12.59 -1.00 -0.63
C GLY A 45 -12.06 -2.18 -1.40
N LEU A 46 -10.78 -2.16 -1.71
CA LEU A 46 -10.15 -3.24 -2.45
C LEU A 46 -9.82 -4.42 -1.54
N GLY A 47 -10.20 -5.62 -1.98
CA GLY A 47 -9.92 -6.79 -1.20
C GLY A 47 -8.46 -7.17 -1.29
N LEU A 48 -8.03 -8.11 -0.46
CA LEU A 48 -6.64 -8.53 -0.49
C LEU A 48 -6.29 -9.10 -1.85
N THR A 49 -7.04 -10.11 -2.27
CA THR A 49 -6.81 -10.75 -3.56
C THR A 49 -7.22 -9.84 -4.70
N SER A 50 -8.22 -9.00 -4.44
CA SER A 50 -8.71 -8.08 -5.46
C SER A 50 -7.74 -6.93 -5.64
N TRP A 51 -7.12 -6.53 -4.53
CA TRP A 51 -6.14 -5.44 -4.55
C TRP A 51 -4.86 -5.90 -5.25
N LEU A 52 -4.43 -7.10 -4.91
CA LEU A 52 -3.23 -7.67 -5.51
C LEU A 52 -3.41 -7.79 -7.01
N LEU A 53 -4.62 -8.17 -7.41
CA LEU A 53 -4.96 -8.31 -8.83
C LEU A 53 -5.04 -6.94 -9.48
N ALA A 54 -5.41 -5.95 -8.69
CA ALA A 54 -5.53 -4.58 -9.17
C ALA A 54 -4.18 -4.07 -9.64
N ALA A 55 -3.13 -4.48 -8.94
CA ALA A 55 -1.77 -4.08 -9.28
C ALA A 55 -1.32 -4.78 -10.55
N LYS A 56 -1.60 -6.07 -10.62
CA LYS A 56 -1.23 -6.86 -11.78
C LYS A 56 -1.89 -6.30 -13.03
N SER A 57 -3.13 -5.83 -12.86
CA SER A 57 -3.87 -5.24 -13.97
C SER A 57 -3.08 -4.08 -14.56
N LEU A 58 -2.27 -3.45 -13.72
CA LEU A 58 -1.44 -2.32 -14.14
C LEU A 58 -0.09 -2.80 -14.64
N GLU A 59 0.03 -4.10 -14.90
CA GLU A 59 1.30 -4.66 -15.34
C GLU A 59 2.34 -4.52 -14.24
N LEU A 60 1.86 -4.29 -13.01
CA LEU A 60 2.73 -4.13 -11.85
C LEU A 60 2.82 -5.44 -11.08
N LYS A 61 3.98 -5.69 -10.50
CA LYS A 61 4.21 -6.92 -9.74
C LYS A 61 3.83 -6.72 -8.28
N VAL A 62 3.05 -7.66 -7.74
CA VAL A 62 2.62 -7.61 -6.36
C VAL A 62 2.37 -9.01 -5.81
N LYS A 63 2.43 -9.14 -4.49
CA LYS A 63 2.20 -10.42 -3.85
C LYS A 63 2.14 -10.29 -2.34
N GLN A 64 1.08 -10.79 -1.75
CA GLN A 64 0.91 -10.75 -0.30
C GLN A 64 1.62 -11.93 0.35
N VAL A 65 2.43 -11.65 1.35
CA VAL A 65 3.17 -12.70 2.04
C VAL A 65 3.30 -12.40 3.54
N LYS A 66 3.60 -13.44 4.30
CA LYS A 66 3.75 -13.29 5.74
C LYS A 66 5.23 -13.12 6.09
N LYS A 67 5.59 -11.91 6.48
CA LYS A 67 6.96 -11.61 6.83
C LYS A 67 7.03 -10.97 8.21
N THR A 68 7.88 -11.52 9.06
CA THR A 68 8.05 -10.99 10.40
C THR A 68 8.64 -9.60 10.36
N ILE A 69 8.28 -8.76 11.31
CA ILE A 69 8.77 -7.39 11.35
C ILE A 69 10.27 -7.31 11.08
N ASP A 70 11.03 -8.16 11.77
CA ASP A 70 12.48 -8.18 11.61
C ASP A 70 12.89 -8.51 10.18
N ARG A 71 11.96 -9.07 9.41
CA ARG A 71 12.24 -9.42 8.03
C ARG A 71 11.91 -8.27 7.08
N LEU A 72 11.03 -7.39 7.51
CA LEU A 72 10.62 -6.24 6.72
C LEU A 72 11.84 -5.41 6.31
N ASN A 73 12.94 -5.56 7.04
CA ASN A 73 14.15 -4.83 6.73
C ASN A 73 14.85 -5.42 5.51
N PHE A 74 14.41 -6.60 5.07
CA PHE A 74 15.01 -7.27 3.93
C PHE A 74 14.00 -7.49 2.80
N ILE A 75 12.72 -7.25 3.07
CA ILE A 75 11.69 -7.44 2.05
C ILE A 75 11.73 -6.32 1.02
N SER A 76 10.93 -6.47 -0.03
CA SER A 76 10.88 -5.49 -1.10
C SER A 76 10.14 -4.22 -0.66
N LEU A 77 10.91 -3.23 -0.21
CA LEU A 77 10.35 -1.96 0.22
C LEU A 77 10.35 -0.96 -0.93
N PRO A 78 9.38 -0.03 -0.98
CA PRO A 78 8.32 0.08 0.02
C PRO A 78 7.28 -1.02 -0.12
N ALA A 79 6.92 -1.62 1.01
CA ALA A 79 5.92 -2.69 1.02
C ALA A 79 4.61 -2.22 1.63
N LEU A 80 3.52 -2.89 1.27
CA LEU A 80 2.20 -2.54 1.77
C LEU A 80 1.73 -3.50 2.85
N VAL A 81 1.67 -3.01 4.09
CA VAL A 81 1.23 -3.82 5.20
C VAL A 81 -0.30 -3.93 5.20
N TRP A 82 -0.80 -5.02 4.62
CA TRP A 82 -2.23 -5.23 4.54
C TRP A 82 -2.88 -5.23 5.91
N ARG A 83 -3.91 -4.41 6.07
CA ARG A 83 -4.63 -4.32 7.33
C ARG A 83 -6.07 -4.76 7.16
N GLU A 84 -6.44 -5.84 7.83
CA GLU A 84 -7.78 -6.39 7.76
C GLU A 84 -8.82 -5.33 8.08
N ASP A 85 -8.40 -4.30 8.81
CA ASP A 85 -9.30 -3.22 9.18
C ASP A 85 -9.38 -2.17 8.07
N GLY A 86 -8.60 -2.34 7.01
CA GLY A 86 -8.62 -1.41 5.91
C GLY A 86 -7.66 -0.25 6.10
N ARG A 87 -7.18 -0.07 7.34
CA ARG A 87 -6.26 1.01 7.64
C ARG A 87 -4.83 0.59 7.33
N HIS A 88 -4.57 0.32 6.06
CA HIS A 88 -3.24 -0.13 5.65
C HIS A 88 -2.29 1.06 5.53
N PHE A 89 -1.02 0.75 5.36
CA PHE A 89 0.01 1.77 5.21
C PHE A 89 1.22 1.17 4.50
N ILE A 90 1.95 2.02 3.79
CA ILE A 90 3.11 1.55 3.03
C ILE A 90 4.40 1.71 3.81
N LEU A 91 5.04 0.58 4.13
CA LEU A 91 6.31 0.61 4.84
C LEU A 91 7.42 0.97 3.87
N THR A 92 8.20 1.98 4.21
CA THR A 92 9.27 2.44 3.34
C THR A 92 10.65 2.25 3.97
N LYS A 93 10.69 2.16 5.28
CA LYS A 93 11.96 1.99 5.98
C LYS A 93 11.76 1.57 7.43
N VAL A 94 12.79 0.99 8.01
CA VAL A 94 12.73 0.54 9.39
C VAL A 94 14.06 0.81 10.09
N SER A 95 14.02 1.66 11.12
CA SER A 95 15.22 2.00 11.87
C SER A 95 15.40 1.06 13.04
N LYS A 96 15.91 -0.14 12.78
CA LYS A 96 16.12 -1.13 13.82
C LYS A 96 16.92 -0.54 14.97
N GLU A 97 17.76 0.44 14.66
CA GLU A 97 18.58 1.10 15.66
C GLU A 97 17.72 1.69 16.76
N ALA A 98 16.57 2.24 16.36
CA ALA A 98 15.64 2.84 17.30
C ALA A 98 14.32 2.07 17.34
N ASN A 99 14.20 1.04 16.50
CA ASN A 99 12.99 0.24 16.44
C ASN A 99 11.86 1.03 15.79
N ARG A 100 12.21 2.03 15.00
CA ARG A 100 11.22 2.86 14.32
C ARG A 100 10.91 2.31 12.93
N TYR A 101 9.80 2.78 12.36
CA TYR A 101 9.38 2.34 11.04
C TYR A 101 8.80 3.48 10.22
N LEU A 102 9.32 3.66 9.03
CA LEU A 102 8.85 4.71 8.13
C LEU A 102 7.72 4.19 7.26
N ILE A 103 6.52 4.69 7.50
CA ILE A 103 5.37 4.27 6.73
C ILE A 103 4.71 5.46 6.04
N PHE A 104 4.05 5.20 4.93
CA PHE A 104 3.37 6.26 4.21
C PHE A 104 1.89 6.24 4.56
N ASP A 105 1.44 7.25 5.27
CA ASP A 105 0.05 7.34 5.67
C ASP A 105 -0.87 7.58 4.48
N LEU A 106 -1.73 6.60 4.21
CA LEU A 106 -2.66 6.67 3.09
C LEU A 106 -3.81 7.64 3.39
N GLU A 107 -3.89 8.13 4.63
CA GLU A 107 -4.94 9.05 5.03
C GLU A 107 -4.48 10.49 4.82
N GLN A 108 -3.25 10.77 5.23
CA GLN A 108 -2.69 12.10 5.09
C GLN A 108 -1.87 12.23 3.83
N ARG A 109 -1.51 11.09 3.24
CA ARG A 109 -0.71 11.09 2.01
C ARG A 109 0.70 11.55 2.29
N ASN A 110 1.15 11.33 3.53
CA ASN A 110 2.48 11.73 3.94
C ASN A 110 3.19 10.61 4.68
N PRO A 111 4.54 10.60 4.66
CA PRO A 111 5.33 9.59 5.34
C PRO A 111 5.32 9.81 6.85
N ARG A 112 5.54 8.73 7.60
CA ARG A 112 5.55 8.81 9.05
C ARG A 112 6.48 7.76 9.65
N VAL A 113 7.03 8.08 10.81
CA VAL A 113 7.93 7.17 11.50
C VAL A 113 7.30 6.64 12.78
N LEU A 114 6.93 5.37 12.77
CA LEU A 114 6.31 4.74 13.92
C LEU A 114 7.34 4.00 14.75
N GLU A 115 7.00 3.76 16.01
CA GLU A 115 7.88 3.03 16.89
C GLU A 115 7.51 1.56 16.88
N GLN A 116 8.46 0.68 17.16
CA GLN A 116 8.18 -0.75 17.16
C GLN A 116 6.89 -1.05 17.93
N SER A 117 6.76 -0.44 19.09
CA SER A 117 5.56 -0.63 19.90
C SER A 117 4.33 -0.24 19.10
N GLU A 118 4.47 0.83 18.32
CA GLU A 118 3.38 1.31 17.49
C GLU A 118 3.20 0.42 16.27
N PHE A 119 4.27 0.22 15.52
CA PHE A 119 4.23 -0.61 14.33
C PHE A 119 3.75 -2.00 14.68
N GLU A 120 4.31 -2.56 15.75
CA GLU A 120 3.92 -3.88 16.20
C GLU A 120 2.44 -3.90 16.52
N ALA A 121 1.96 -2.77 17.01
CA ALA A 121 0.57 -2.60 17.36
C ALA A 121 -0.31 -2.43 16.13
N LEU A 122 0.31 -2.34 14.95
CA LEU A 122 -0.42 -2.17 13.71
C LEU A 122 -0.15 -3.30 12.73
N TYR A 123 1.07 -3.82 12.75
CA TYR A 123 1.46 -4.90 11.86
C TYR A 123 0.61 -6.14 12.12
N GLN A 124 0.11 -6.74 11.03
CA GLN A 124 -0.73 -7.93 11.13
C GLN A 124 0.06 -9.19 10.78
N GLY A 125 1.37 -9.07 10.61
CA GLY A 125 2.19 -10.23 10.26
C GLY A 125 2.21 -10.50 8.76
N HIS A 126 1.34 -9.82 8.02
CA HIS A 126 1.27 -10.00 6.58
C HIS A 126 1.57 -8.70 5.86
N ILE A 127 2.29 -8.79 4.76
CA ILE A 127 2.64 -7.60 3.99
C ILE A 127 2.65 -7.91 2.50
N ILE A 128 2.33 -6.90 1.70
CA ILE A 128 2.28 -7.06 0.26
C ILE A 128 3.50 -6.42 -0.40
N LEU A 129 4.31 -7.25 -1.03
CA LEU A 129 5.51 -6.78 -1.70
C LEU A 129 5.21 -6.44 -3.16
N ILE A 130 5.60 -5.25 -3.57
CA ILE A 130 5.35 -4.79 -4.93
C ILE A 130 6.64 -4.62 -5.71
N ALA A 131 6.53 -4.82 -7.03
CA ALA A 131 7.65 -4.68 -7.93
C ALA A 131 7.15 -4.28 -9.32
N SER A 132 8.06 -3.83 -10.17
CA SER A 132 7.68 -3.42 -11.51
C SER A 132 8.57 -4.08 -12.55
N ARG A 133 7.94 -4.48 -13.66
CA ARG A 133 8.66 -5.12 -14.76
C ARG A 133 9.92 -4.34 -15.13
N SER A 134 9.91 -3.04 -14.86
CA SER A 134 11.04 -2.19 -15.16
C SER A 134 11.94 -2.01 -13.94
N SER A 135 11.37 -2.22 -12.76
CA SER A 135 12.12 -2.08 -11.51
C SER A 135 11.92 -3.31 -10.63
N VAL A 136 12.76 -4.33 -10.84
CA VAL A 136 12.69 -5.55 -10.06
C VAL A 136 13.77 -5.57 -8.97
N ALA A 137 14.20 -4.38 -8.57
CA ALA A 137 15.23 -4.26 -7.54
C ALA A 137 14.63 -3.90 -6.19
N GLY A 138 13.57 -3.09 -6.22
CA GLY A 138 12.92 -2.69 -4.99
C GLY A 138 12.99 -1.19 -4.77
N LYS A 139 14.19 -0.64 -4.84
CA LYS A 139 14.39 0.79 -4.64
C LYS A 139 14.51 1.51 -5.98
N LEU A 140 14.07 2.76 -6.00
CA LEU A 140 14.13 3.57 -7.21
C LEU A 140 15.13 4.70 -7.06
N ALA A 141 15.35 5.13 -5.83
CA ALA A 141 16.29 6.21 -5.54
C ALA A 141 17.71 5.67 -5.38
N LYS A 142 18.34 5.35 -6.49
CA LYS A 142 19.70 4.83 -6.47
C LYS A 142 20.71 5.96 -6.72
#